data_1THX
# 
_entry.id   1THX 
# 
_audit_conform.dict_name       mmcif_pdbx.dic 
_audit_conform.dict_version    5.397 
_audit_conform.dict_location   http://mmcif.pdb.org/dictionaries/ascii/mmcif_pdbx.dic 
# 
loop_
_database_2.database_id 
_database_2.database_code 
_database_2.pdbx_database_accession 
_database_2.pdbx_DOI 
PDB   1THX         pdb_00001thx 10.2210/pdb1thx/pdb 
WWPDB D_1000176692 ?            ?                   
# 
loop_
_pdbx_audit_revision_history.ordinal 
_pdbx_audit_revision_history.data_content_type 
_pdbx_audit_revision_history.major_revision 
_pdbx_audit_revision_history.minor_revision 
_pdbx_audit_revision_history.revision_date 
1 'Structure model' 1 0 1995-10-15 
2 'Structure model' 1 1 2008-03-03 
3 'Structure model' 1 2 2011-07-13 
4 'Structure model' 1 3 2024-06-05 
5 'Structure model' 1 4 2024-10-23 
# 
_pdbx_audit_revision_details.ordinal             1 
_pdbx_audit_revision_details.revision_ordinal    1 
_pdbx_audit_revision_details.data_content_type   'Structure model' 
_pdbx_audit_revision_details.provider            repository 
_pdbx_audit_revision_details.type                'Initial release' 
_pdbx_audit_revision_details.description         ? 
_pdbx_audit_revision_details.details             ? 
# 
loop_
_pdbx_audit_revision_group.ordinal 
_pdbx_audit_revision_group.revision_ordinal 
_pdbx_audit_revision_group.data_content_type 
_pdbx_audit_revision_group.group 
1 2 'Structure model' 'Version format compliance' 
2 3 'Structure model' 'Source and taxonomy'       
3 3 'Structure model' 'Version format compliance' 
4 4 'Structure model' 'Data collection'           
5 4 'Structure model' 'Database references'       
6 4 'Structure model' Other                       
7 5 'Structure model' 'Structure summary'         
# 
loop_
_pdbx_audit_revision_category.ordinal 
_pdbx_audit_revision_category.revision_ordinal 
_pdbx_audit_revision_category.data_content_type 
_pdbx_audit_revision_category.category 
1 4 'Structure model' chem_comp_atom            
2 4 'Structure model' chem_comp_bond            
3 4 'Structure model' database_2                
4 4 'Structure model' pdbx_database_status      
5 5 'Structure model' pdbx_entry_details        
6 5 'Structure model' pdbx_modification_feature 
# 
loop_
_pdbx_audit_revision_item.ordinal 
_pdbx_audit_revision_item.revision_ordinal 
_pdbx_audit_revision_item.data_content_type 
_pdbx_audit_revision_item.item 
1 4 'Structure model' '_database_2.pdbx_DOI'                
2 4 'Structure model' '_database_2.pdbx_database_accession' 
3 4 'Structure model' '_pdbx_database_status.process_site'  
# 
_pdbx_database_status.status_code                     REL 
_pdbx_database_status.entry_id                        1THX 
_pdbx_database_status.recvd_initial_deposition_date   1995-07-07 
_pdbx_database_status.deposit_site                    ? 
_pdbx_database_status.process_site                    BNL 
_pdbx_database_status.status_code_sf                  REL 
_pdbx_database_status.status_code_mr                  ? 
_pdbx_database_status.SG_entry                        ? 
_pdbx_database_status.pdb_format_compatible           Y 
_pdbx_database_status.status_code_cs                  ? 
_pdbx_database_status.status_code_nmr_data            ? 
_pdbx_database_status.methods_development_category    ? 
# 
loop_
_audit_author.name 
_audit_author.pdbx_ordinal 
'Saarinen, M.'  1 
'Gleason, F.K.' 2 
'Eklund, H.'    3 
# 
loop_
_citation.id 
_citation.title 
_citation.journal_abbrev 
_citation.journal_volume 
_citation.page_first 
_citation.page_last 
_citation.year 
_citation.journal_id_ASTM 
_citation.country 
_citation.journal_id_ISSN 
_citation.journal_id_CSD 
_citation.book_publisher 
_citation.pdbx_database_id_PubMed 
_citation.pdbx_database_id_DOI 
primary 'Crystal structure of thioredoxin-2 from Anabaena.' Structure    3   1097 1108 1995 STRUE6 UK 0969-2126 2005 ? 8590004 
'10.1016/S0969-2126(01)00245-3' 
1       'Activities of Two Dissimilar Thioredoxins from the Cyanobacterium Anabaena Sp. Pcc 7120' J.Bacteriol. 174 2592 ?    1992 
JOBAAY US 0021-9193 0767 ? ?       ?                               
2       
;Isolation, Sequence, and Expression in Escherichia Coli of an Unusual Thioredoxin Gene from the Cyanobacterium Anabaena Sp. Strain Pcc 7120
;
J.Bacteriol. 171 162  ?    1989 JOBAAY US 0021-9193 0767 ? ?       ?                               
# 
loop_
_citation_author.citation_id 
_citation_author.name 
_citation_author.ordinal 
_citation_author.identifier_ORCID 
primary 'Saarinen, M.'     1 ? 
primary 'Gleason, F.K.'    2 ? 
primary 'Eklund, H.'       3 ? 
1       'Gleason, F.K.'    4 ? 
2       'Alam, J.'         5 ? 
2       'Curtis, S.E.'     6 ? 
2       'Gleason, F.K.'    7 ? 
2       'Gerami-Nejad, M.' 8 ? 
2       'Fuchs, J.A.'      9 ? 
# 
loop_
_entity.id 
_entity.type 
_entity.src_method 
_entity.pdbx_description 
_entity.formula_weight 
_entity.pdbx_number_of_molecules 
_entity.pdbx_ec 
_entity.pdbx_mutation 
_entity.pdbx_fragment 
_entity.details 
1 polymer man THIOREDOXIN 12811.778 1  ? ? ? ? 
2 water   nat water       18.015    74 ? ? ? ? 
# 
_entity_name_com.entity_id   1 
_entity_name_com.name        'THIOREDOXIN 2' 
# 
_entity_poly.entity_id                      1 
_entity_poly.type                           'polypeptide(L)' 
_entity_poly.nstd_linkage                   no 
_entity_poly.nstd_monomer                   no 
_entity_poly.pdbx_seq_one_letter_code       
;METAMSKGVITITDAEFESEVLKAEQPVLVYFWASWCGPCQLMSPLINLAANTYSDRLKVVKLEIDPNPTTVKKYKVEGV
PALRLVKGEQILDSTEGVISKDKLLSFLDTHLNNN
;
_entity_poly.pdbx_seq_one_letter_code_can   
;METAMSKGVITITDAEFESEVLKAEQPVLVYFWASWCGPCQLMSPLINLAANTYSDRLKVVKLEIDPNPTTVKKYKVEGV
PALRLVKGEQILDSTEGVISKDKLLSFLDTHLNNN
;
_entity_poly.pdbx_strand_id                 A 
_entity_poly.pdbx_target_identifier         ? 
# 
_pdbx_entity_nonpoly.entity_id   2 
_pdbx_entity_nonpoly.name        water 
_pdbx_entity_nonpoly.comp_id     HOH 
# 
loop_
_entity_poly_seq.entity_id 
_entity_poly_seq.num 
_entity_poly_seq.mon_id 
_entity_poly_seq.hetero 
1 1   MET n 
1 2   GLU n 
1 3   THR n 
1 4   ALA n 
1 5   MET n 
1 6   SER n 
1 7   LYS n 
1 8   GLY n 
1 9   VAL n 
1 10  ILE n 
1 11  THR n 
1 12  ILE n 
1 13  THR n 
1 14  ASP n 
1 15  ALA n 
1 16  GLU n 
1 17  PHE n 
1 18  GLU n 
1 19  SER n 
1 20  GLU n 
1 21  VAL n 
1 22  LEU n 
1 23  LYS n 
1 24  ALA n 
1 25  GLU n 
1 26  GLN n 
1 27  PRO n 
1 28  VAL n 
1 29  LEU n 
1 30  VAL n 
1 31  TYR n 
1 32  PHE n 
1 33  TRP n 
1 34  ALA n 
1 35  SER n 
1 36  TRP n 
1 37  CYS n 
1 38  GLY n 
1 39  PRO n 
1 40  CYS n 
1 41  GLN n 
1 42  LEU n 
1 43  MET n 
1 44  SER n 
1 45  PRO n 
1 46  LEU n 
1 47  ILE n 
1 48  ASN n 
1 49  LEU n 
1 50  ALA n 
1 51  ALA n 
1 52  ASN n 
1 53  THR n 
1 54  TYR n 
1 55  SER n 
1 56  ASP n 
1 57  ARG n 
1 58  LEU n 
1 59  LYS n 
1 60  VAL n 
1 61  VAL n 
1 62  LYS n 
1 63  LEU n 
1 64  GLU n 
1 65  ILE n 
1 66  ASP n 
1 67  PRO n 
1 68  ASN n 
1 69  PRO n 
1 70  THR n 
1 71  THR n 
1 72  VAL n 
1 73  LYS n 
1 74  LYS n 
1 75  TYR n 
1 76  LYS n 
1 77  VAL n 
1 78  GLU n 
1 79  GLY n 
1 80  VAL n 
1 81  PRO n 
1 82  ALA n 
1 83  LEU n 
1 84  ARG n 
1 85  LEU n 
1 86  VAL n 
1 87  LYS n 
1 88  GLY n 
1 89  GLU n 
1 90  GLN n 
1 91  ILE n 
1 92  LEU n 
1 93  ASP n 
1 94  SER n 
1 95  THR n 
1 96  GLU n 
1 97  GLY n 
1 98  VAL n 
1 99  ILE n 
1 100 SER n 
1 101 LYS n 
1 102 ASP n 
1 103 LYS n 
1 104 LEU n 
1 105 LEU n 
1 106 SER n 
1 107 PHE n 
1 108 LEU n 
1 109 ASP n 
1 110 THR n 
1 111 HIS n 
1 112 LEU n 
1 113 ASN n 
1 114 ASN n 
1 115 ASN n 
# 
_entity_src_gen.entity_id                          1 
_entity_src_gen.pdbx_src_id                        1 
_entity_src_gen.pdbx_alt_source_flag               sample 
_entity_src_gen.pdbx_seq_type                      ? 
_entity_src_gen.pdbx_beg_seq_num                   ? 
_entity_src_gen.pdbx_end_seq_num                   ? 
_entity_src_gen.gene_src_common_name               ? 
_entity_src_gen.gene_src_genus                     Nostoc 
_entity_src_gen.pdbx_gene_src_gene                 TRXA 
_entity_src_gen.gene_src_species                   ? 
_entity_src_gen.gene_src_strain                    'PCC 7120' 
_entity_src_gen.gene_src_tissue                    ? 
_entity_src_gen.gene_src_tissue_fraction           ? 
_entity_src_gen.gene_src_details                   ? 
_entity_src_gen.pdbx_gene_src_fragment             ? 
_entity_src_gen.pdbx_gene_src_scientific_name      'Nostoc sp.' 
_entity_src_gen.pdbx_gene_src_ncbi_taxonomy_id     103690 
_entity_src_gen.pdbx_gene_src_variant              ? 
_entity_src_gen.pdbx_gene_src_cell_line            ? 
_entity_src_gen.pdbx_gene_src_atcc                 'ATCC 27893' 
_entity_src_gen.pdbx_gene_src_organ                ? 
_entity_src_gen.pdbx_gene_src_organelle            ? 
_entity_src_gen.pdbx_gene_src_cell                 ? 
_entity_src_gen.pdbx_gene_src_cellular_location    ? 
_entity_src_gen.host_org_common_name               ? 
_entity_src_gen.pdbx_host_org_scientific_name      'Escherichia coli' 
_entity_src_gen.pdbx_host_org_ncbi_taxonomy_id     562 
_entity_src_gen.host_org_genus                     Escherichia 
_entity_src_gen.pdbx_host_org_gene                 TRXA 
_entity_src_gen.pdbx_host_org_organ                ? 
_entity_src_gen.host_org_species                   ? 
_entity_src_gen.pdbx_host_org_tissue               ? 
_entity_src_gen.pdbx_host_org_tissue_fraction      ? 
_entity_src_gen.pdbx_host_org_strain               ? 
_entity_src_gen.pdbx_host_org_variant              ? 
_entity_src_gen.pdbx_host_org_cell_line            ? 
_entity_src_gen.pdbx_host_org_atcc                 ? 
_entity_src_gen.pdbx_host_org_culture_collection   ? 
_entity_src_gen.pdbx_host_org_cell                 ? 
_entity_src_gen.pdbx_host_org_organelle            ? 
_entity_src_gen.pdbx_host_org_cellular_location    ? 
_entity_src_gen.pdbx_host_org_vector_type          ? 
_entity_src_gen.pdbx_host_org_vector               ? 
_entity_src_gen.host_org_details                   ? 
_entity_src_gen.expression_system_id               ? 
_entity_src_gen.plasmid_name                       PAN673.2 
_entity_src_gen.plasmid_details                    ? 
_entity_src_gen.pdbx_description                   ? 
# 
loop_
_chem_comp.id 
_chem_comp.type 
_chem_comp.mon_nstd_flag 
_chem_comp.name 
_chem_comp.pdbx_synonyms 
_chem_comp.formula 
_chem_comp.formula_weight 
ALA 'L-peptide linking' y ALANINE         ? 'C3 H7 N O2'     89.093  
ARG 'L-peptide linking' y ARGININE        ? 'C6 H15 N4 O2 1' 175.209 
ASN 'L-peptide linking' y ASPARAGINE      ? 'C4 H8 N2 O3'    132.118 
ASP 'L-peptide linking' y 'ASPARTIC ACID' ? 'C4 H7 N O4'     133.103 
CYS 'L-peptide linking' y CYSTEINE        ? 'C3 H7 N O2 S'   121.158 
GLN 'L-peptide linking' y GLUTAMINE       ? 'C5 H10 N2 O3'   146.144 
GLU 'L-peptide linking' y 'GLUTAMIC ACID' ? 'C5 H9 N O4'     147.129 
GLY 'peptide linking'   y GLYCINE         ? 'C2 H5 N O2'     75.067  
HIS 'L-peptide linking' y HISTIDINE       ? 'C6 H10 N3 O2 1' 156.162 
HOH non-polymer         . WATER           ? 'H2 O'           18.015  
ILE 'L-peptide linking' y ISOLEUCINE      ? 'C6 H13 N O2'    131.173 
LEU 'L-peptide linking' y LEUCINE         ? 'C6 H13 N O2'    131.173 
LYS 'L-peptide linking' y LYSINE          ? 'C6 H15 N2 O2 1' 147.195 
MET 'L-peptide linking' y METHIONINE      ? 'C5 H11 N O2 S'  149.211 
PHE 'L-peptide linking' y PHENYLALANINE   ? 'C9 H11 N O2'    165.189 
PRO 'L-peptide linking' y PROLINE         ? 'C5 H9 N O2'     115.130 
SER 'L-peptide linking' y SERINE          ? 'C3 H7 N O3'     105.093 
THR 'L-peptide linking' y THREONINE       ? 'C4 H9 N O3'     119.119 
TRP 'L-peptide linking' y TRYPTOPHAN      ? 'C11 H12 N2 O2'  204.225 
TYR 'L-peptide linking' y TYROSINE        ? 'C9 H11 N O3'    181.189 
VAL 'L-peptide linking' y VALINE          ? 'C5 H11 N O2'    117.146 
# 
loop_
_pdbx_poly_seq_scheme.asym_id 
_pdbx_poly_seq_scheme.entity_id 
_pdbx_poly_seq_scheme.seq_id 
_pdbx_poly_seq_scheme.mon_id 
_pdbx_poly_seq_scheme.ndb_seq_num 
_pdbx_poly_seq_scheme.pdb_seq_num 
_pdbx_poly_seq_scheme.auth_seq_num 
_pdbx_poly_seq_scheme.pdb_mon_id 
_pdbx_poly_seq_scheme.auth_mon_id 
_pdbx_poly_seq_scheme.pdb_strand_id 
_pdbx_poly_seq_scheme.pdb_ins_code 
_pdbx_poly_seq_scheme.hetero 
A 1 1   MET 1   -4  ?   ?   ?   A . n 
A 1 2   GLU 2   -3  ?   ?   ?   A . n 
A 1 3   THR 3   -2  ?   ?   ?   A . n 
A 1 4   ALA 4   -1  ?   ?   ?   A . n 
A 1 5   MET 5   0   ?   ?   ?   A . n 
A 1 6   SER 6   1   1   SER SER A . n 
A 1 7   LYS 7   2   2   LYS LYS A . n 
A 1 8   GLY 8   3   3   GLY GLY A . n 
A 1 9   VAL 9   4   4   VAL VAL A . n 
A 1 10  ILE 10  5   5   ILE ILE A . n 
A 1 11  THR 11  6   6   THR THR A . n 
A 1 12  ILE 12  7   7   ILE ILE A . n 
A 1 13  THR 13  8   8   THR THR A . n 
A 1 14  ASP 14  9   9   ASP ASP A . n 
A 1 15  ALA 15  10  10  ALA ALA A . n 
A 1 16  GLU 16  11  11  GLU GLU A . n 
A 1 17  PHE 17  12  12  PHE PHE A . n 
A 1 18  GLU 18  13  13  GLU GLU A . n 
A 1 19  SER 19  14  14  SER SER A . n 
A 1 20  GLU 20  15  15  GLU GLU A . n 
A 1 21  VAL 21  16  16  VAL VAL A . n 
A 1 22  LEU 22  17  17  LEU LEU A . n 
A 1 23  LYS 23  18  18  LYS LYS A . n 
A 1 24  ALA 24  19  19  ALA ALA A . n 
A 1 25  GLU 25  20  20  GLU GLU A . n 
A 1 26  GLN 26  21  21  GLN GLN A . n 
A 1 27  PRO 27  22  22  PRO PRO A . n 
A 1 28  VAL 28  23  23  VAL VAL A . n 
A 1 29  LEU 29  24  24  LEU LEU A . n 
A 1 30  VAL 30  25  25  VAL VAL A . n 
A 1 31  TYR 31  26  26  TYR TYR A . n 
A 1 32  PHE 32  27  27  PHE PHE A . n 
A 1 33  TRP 33  28  28  TRP TRP A . n 
A 1 34  ALA 34  29  29  ALA ALA A . n 
A 1 35  SER 35  30  30  SER SER A . n 
A 1 36  TRP 36  31  31  TRP TRP A . n 
A 1 37  CYS 37  32  32  CYS CYS A . n 
A 1 38  GLY 38  33  33  GLY GLY A . n 
A 1 39  PRO 39  34  34  PRO PRO A . n 
A 1 40  CYS 40  35  35  CYS CYS A . n 
A 1 41  GLN 41  36  36  GLN GLN A . n 
A 1 42  LEU 42  37  37  LEU LEU A . n 
A 1 43  MET 43  38  38  MET MET A . n 
A 1 44  SER 44  39  39  SER SER A . n 
A 1 45  PRO 45  40  40  PRO PRO A . n 
A 1 46  LEU 46  41  41  LEU LEU A . n 
A 1 47  ILE 47  42  42  ILE ILE A . n 
A 1 48  ASN 48  43  43  ASN ASN A . n 
A 1 49  LEU 49  44  44  LEU LEU A . n 
A 1 50  ALA 50  45  45  ALA ALA A . n 
A 1 51  ALA 51  46  46  ALA ALA A . n 
A 1 52  ASN 52  47  47  ASN ASN A . n 
A 1 53  THR 53  48  48  THR THR A . n 
A 1 54  TYR 54  49  49  TYR TYR A . n 
A 1 55  SER 55  50  50  SER SER A . n 
A 1 56  ASP 56  51  51  ASP ASP A . n 
A 1 57  ARG 57  52  52  ARG ARG A . n 
A 1 58  LEU 58  53  53  LEU LEU A . n 
A 1 59  LYS 59  54  54  LYS LYS A . n 
A 1 60  VAL 60  55  55  VAL VAL A . n 
A 1 61  VAL 61  56  56  VAL VAL A . n 
A 1 62  LYS 62  57  57  LYS LYS A . n 
A 1 63  LEU 63  58  58  LEU LEU A . n 
A 1 64  GLU 64  59  59  GLU GLU A . n 
A 1 65  ILE 65  60  60  ILE ILE A . n 
A 1 66  ASP 66  61  61  ASP ASP A . n 
A 1 67  PRO 67  62  62  PRO PRO A . n 
A 1 68  ASN 68  63  63  ASN ASN A . n 
A 1 69  PRO 69  64  64  PRO PRO A . n 
A 1 70  THR 70  65  65  THR THR A . n 
A 1 71  THR 71  66  66  THR THR A . n 
A 1 72  VAL 72  67  67  VAL VAL A . n 
A 1 73  LYS 73  68  68  LYS LYS A . n 
A 1 74  LYS 74  69  69  LYS LYS A . n 
A 1 75  TYR 75  70  70  TYR TYR A . n 
A 1 76  LYS 76  71  71  LYS LYS A . n 
A 1 77  VAL 77  72  72  VAL VAL A . n 
A 1 78  GLU 78  73  73  GLU GLU A . n 
A 1 79  GLY 79  74  74  GLY GLY A . n 
A 1 80  VAL 80  75  75  VAL VAL A . n 
A 1 81  PRO 81  76  76  PRO PRO A . n 
A 1 82  ALA 82  77  77  ALA ALA A . n 
A 1 83  LEU 83  78  78  LEU LEU A . n 
A 1 84  ARG 84  79  79  ARG ARG A . n 
A 1 85  LEU 85  80  80  LEU LEU A . n 
A 1 86  VAL 86  81  81  VAL VAL A . n 
A 1 87  LYS 87  82  82  LYS LYS A . n 
A 1 88  GLY 88  83  83  GLY GLY A . n 
A 1 89  GLU 89  84  84  GLU GLU A . n 
A 1 90  GLN 90  85  85  GLN GLN A . n 
A 1 91  ILE 91  86  86  ILE ILE A . n 
A 1 92  LEU 92  87  87  LEU LEU A . n 
A 1 93  ASP 93  88  88  ASP ASP A . n 
A 1 94  SER 94  89  89  SER SER A . n 
A 1 95  THR 95  90  90  THR THR A . n 
A 1 96  GLU 96  91  91  GLU GLU A . n 
A 1 97  GLY 97  92  92  GLY GLY A . n 
A 1 98  VAL 98  93  93  VAL VAL A . n 
A 1 99  ILE 99  94  94  ILE ILE A . n 
A 1 100 SER 100 95  95  SER SER A . n 
A 1 101 LYS 101 96  96  LYS LYS A . n 
A 1 102 ASP 102 97  97  ASP ASP A . n 
A 1 103 LYS 103 98  98  LYS LYS A . n 
A 1 104 LEU 104 99  99  LEU LEU A . n 
A 1 105 LEU 105 100 100 LEU LEU A . n 
A 1 106 SER 106 101 101 SER SER A . n 
A 1 107 PHE 107 102 102 PHE PHE A . n 
A 1 108 LEU 108 103 103 LEU LEU A . n 
A 1 109 ASP 109 104 104 ASP ASP A . n 
A 1 110 THR 110 105 105 THR THR A . n 
A 1 111 HIS 111 106 106 HIS HIS A . n 
A 1 112 LEU 112 107 107 LEU LEU A . n 
A 1 113 ASN 113 108 108 ASN ASN A . n 
A 1 114 ASN 114 109 ?   ?   ?   A . n 
A 1 115 ASN 115 110 ?   ?   ?   A . n 
# 
loop_
_pdbx_nonpoly_scheme.asym_id 
_pdbx_nonpoly_scheme.entity_id 
_pdbx_nonpoly_scheme.mon_id 
_pdbx_nonpoly_scheme.ndb_seq_num 
_pdbx_nonpoly_scheme.pdb_seq_num 
_pdbx_nonpoly_scheme.auth_seq_num 
_pdbx_nonpoly_scheme.pdb_mon_id 
_pdbx_nonpoly_scheme.auth_mon_id 
_pdbx_nonpoly_scheme.pdb_strand_id 
_pdbx_nonpoly_scheme.pdb_ins_code 
B 2 HOH 1  1001 1001 HOH HOH A . 
B 2 HOH 2  1003 1003 HOH HOH A . 
B 2 HOH 3  1005 1005 HOH HOH A . 
B 2 HOH 4  1006 1006 HOH HOH A . 
B 2 HOH 5  1007 1007 HOH HOH A . 
B 2 HOH 6  1009 1009 HOH HOH A . 
B 2 HOH 7  1012 1012 HOH HOH A . 
B 2 HOH 8  1014 1014 HOH HOH A . 
B 2 HOH 9  1022 1022 HOH HOH A . 
B 2 HOH 10 1023 1023 HOH HOH A . 
B 2 HOH 11 1027 1027 HOH HOH A . 
B 2 HOH 12 1028 1028 HOH HOH A . 
B 2 HOH 13 1031 1031 HOH HOH A . 
B 2 HOH 14 1037 1037 HOH HOH A . 
B 2 HOH 15 1038 1038 HOH HOH A . 
B 2 HOH 16 1039 1039 HOH HOH A . 
B 2 HOH 17 1041 1041 HOH HOH A . 
B 2 HOH 18 1048 1048 HOH HOH A . 
B 2 HOH 19 1049 1049 HOH HOH A . 
B 2 HOH 20 1050 1050 HOH HOH A . 
B 2 HOH 21 1051 1051 HOH HOH A . 
B 2 HOH 22 1054 1054 HOH HOH A . 
B 2 HOH 23 1056 1056 HOH HOH A . 
B 2 HOH 24 1057 1057 HOH HOH A . 
B 2 HOH 25 1059 1059 HOH HOH A . 
B 2 HOH 26 1060 1060 HOH HOH A . 
B 2 HOH 27 1061 1061 HOH HOH A . 
B 2 HOH 28 1062 1062 HOH HOH A . 
B 2 HOH 29 1063 1063 HOH HOH A . 
B 2 HOH 30 1072 1072 HOH HOH A . 
B 2 HOH 31 1074 1074 HOH HOH A . 
B 2 HOH 32 1076 1076 HOH HOH A . 
B 2 HOH 33 1077 1077 HOH HOH A . 
B 2 HOH 34 1078 1078 HOH HOH A . 
B 2 HOH 35 1079 1079 HOH HOH A . 
B 2 HOH 36 1080 1080 HOH HOH A . 
B 2 HOH 37 1081 1081 HOH HOH A . 
B 2 HOH 38 1082 1082 HOH HOH A . 
B 2 HOH 39 1083 1083 HOH HOH A . 
B 2 HOH 40 1085 1085 HOH HOH A . 
B 2 HOH 41 1087 1087 HOH HOH A . 
B 2 HOH 42 1094 1094 HOH HOH A . 
B 2 HOH 43 1095 1095 HOH HOH A . 
B 2 HOH 44 1096 1096 HOH HOH A . 
B 2 HOH 45 1097 1097 HOH HOH A . 
B 2 HOH 46 1098 1098 HOH HOH A . 
B 2 HOH 47 1100 1100 HOH HOH A . 
B 2 HOH 48 1101 1101 HOH HOH A . 
B 2 HOH 49 1102 1102 HOH HOH A . 
B 2 HOH 50 1103 1103 HOH HOH A . 
B 2 HOH 51 1104 1104 HOH HOH A . 
B 2 HOH 52 1105 1105 HOH HOH A . 
B 2 HOH 53 1106 1106 HOH HOH A . 
B 2 HOH 54 1108 1108 HOH HOH A . 
B 2 HOH 55 1109 1109 HOH HOH A . 
B 2 HOH 56 1110 1110 HOH HOH A . 
B 2 HOH 57 1111 1111 HOH HOH A . 
B 2 HOH 58 1112 1112 HOH HOH A . 
B 2 HOH 59 1113 1113 HOH HOH A . 
B 2 HOH 60 1114 1114 HOH HOH A . 
B 2 HOH 61 1115 1115 HOH HOH A . 
B 2 HOH 62 1118 1118 HOH HOH A . 
B 2 HOH 63 1123 1123 HOH HOH A . 
B 2 HOH 64 1124 1124 HOH HOH A . 
B 2 HOH 65 1127 1127 HOH HOH A . 
B 2 HOH 66 1128 1128 HOH HOH A . 
B 2 HOH 67 1131 1131 HOH HOH A . 
B 2 HOH 68 1132 1132 HOH HOH A . 
B 2 HOH 69 2001 2001 HOH HOH A . 
B 2 HOH 70 2004 2004 HOH HOH A . 
B 2 HOH 71 2005 2005 HOH HOH A . 
B 2 HOH 72 2009 2009 HOH HOH A . 
B 2 HOH 73 2014 2014 HOH HOH A . 
B 2 HOH 74 2015 2015 HOH HOH A . 
# 
loop_
_software.name 
_software.classification 
_software.version 
_software.citation_id 
_software.pdbx_ordinal 
DENZO/CCP4 'data collection' . ? 1 
X-PLOR     'model building'  . ? 2 
X-PLOR     refinement        . ? 3 
DENZO      'data reduction'  . ? 4 
CCP4       'data reduction'  . ? 5 
X-PLOR     phasing           . ? 6 
# 
_cell.entry_id           1THX 
_cell.length_a           40.480 
_cell.length_b           39.780 
_cell.length_c           60.080 
_cell.angle_alpha        90.00 
_cell.angle_beta         90.00 
_cell.angle_gamma        90.00 
_cell.Z_PDB              4 
_cell.pdbx_unique_axis   ? 
# 
_symmetry.entry_id                         1THX 
_symmetry.space_group_name_H-M             'P 21 21 21' 
_symmetry.pdbx_full_space_group_name_H-M   ? 
_symmetry.cell_setting                     ? 
_symmetry.Int_Tables_number                19 
# 
_exptl.entry_id          1THX 
_exptl.method            'X-RAY DIFFRACTION' 
_exptl.crystals_number   2 
# 
_exptl_crystal.id                    1 
_exptl_crystal.density_meas          ? 
_exptl_crystal.density_Matthews      1.89 
_exptl_crystal.density_percent_sol   34.81 
_exptl_crystal.description           ? 
# 
_diffrn.id                     1 
_diffrn.ambient_temp           ? 
_diffrn.ambient_temp_details   ? 
_diffrn.crystal_id             1 
# 
_diffrn_detector.diffrn_id              1 
_diffrn_detector.detector               'IMAGE PLATE' 
_diffrn_detector.type                   'RIGAKU RAXIS IIC' 
_diffrn_detector.pdbx_collection_date   1993-11-22 
_diffrn_detector.details                ? 
# 
_diffrn_radiation.diffrn_id                        1 
_diffrn_radiation.wavelength_id                    1 
_diffrn_radiation.pdbx_monochromatic_or_laue_m_l   M 
_diffrn_radiation.monochromator                    ? 
_diffrn_radiation.pdbx_diffrn_protocol             ? 
_diffrn_radiation.pdbx_scattering_type             x-ray 
# 
_diffrn_radiation_wavelength.id           1 
_diffrn_radiation_wavelength.wavelength   1.5418 
_diffrn_radiation_wavelength.wt           1.0 
# 
_diffrn_source.diffrn_id                   1 
_diffrn_source.source                      ? 
_diffrn_source.type                        ? 
_diffrn_source.pdbx_synchrotron_site       ? 
_diffrn_source.pdbx_synchrotron_beamline   ? 
_diffrn_source.pdbx_wavelength             ? 
_diffrn_source.pdbx_wavelength_list        1.5418 
# 
_reflns.entry_id                     1THX 
_reflns.observed_criterion_sigma_I   ? 
_reflns.observed_criterion_sigma_F   ? 
_reflns.d_resolution_low             ? 
_reflns.d_resolution_high            ? 
_reflns.number_obs                   10467 
_reflns.number_all                   ? 
_reflns.percent_possible_obs         78.6 
_reflns.pdbx_Rmerge_I_obs            0.035 
_reflns.pdbx_Rsym_value              ? 
_reflns.pdbx_netI_over_sigmaI        ? 
_reflns.B_iso_Wilson_estimate        ? 
_reflns.pdbx_redundancy              3.3 
_reflns.pdbx_ordinal                 1 
_reflns.pdbx_diffrn_id               1 
# 
_refine.entry_id                                 1THX 
_refine.ls_number_reflns_obs                     10103 
_refine.ls_number_reflns_all                     ? 
_refine.pdbx_ls_sigma_I                          ? 
_refine.pdbx_ls_sigma_F                          2.0 
_refine.pdbx_data_cutoff_high_absF               ? 
_refine.pdbx_data_cutoff_low_absF                ? 
_refine.pdbx_data_cutoff_high_rms_absF           ? 
_refine.ls_d_res_low                             7.0 
_refine.ls_d_res_high                            1.6 
_refine.ls_percent_reflns_obs                    ? 
_refine.ls_R_factor_obs                          0.175 
_refine.ls_R_factor_all                          ? 
_refine.ls_R_factor_R_work                       0.175 
_refine.ls_R_factor_R_free                       0.229 
_refine.ls_R_factor_R_free_error                 ? 
_refine.ls_R_factor_R_free_error_details         ? 
_refine.ls_percent_reflns_R_free                 ? 
_refine.ls_number_reflns_R_free                  ? 
_refine.ls_number_parameters                     ? 
_refine.ls_number_restraints                     ? 
_refine.occupancy_min                            ? 
_refine.occupancy_max                            ? 
_refine.B_iso_mean                               18.41 
_refine.aniso_B[1][1]                            ? 
_refine.aniso_B[2][2]                            ? 
_refine.aniso_B[3][3]                            ? 
_refine.aniso_B[1][2]                            ? 
_refine.aniso_B[1][3]                            ? 
_refine.aniso_B[2][3]                            ? 
_refine.solvent_model_details                    ? 
_refine.solvent_model_param_ksol                 ? 
_refine.solvent_model_param_bsol                 ? 
_refine.pdbx_ls_cross_valid_method               ? 
_refine.details                                  
;RESIDUES SER 1 AND LYS 2 COULD BE BUILT IN TWO ALTERNATE
ORIENTATIONS ROTATED 180 DEGREES AROUND THE C-ALPHA - C
BOND OF LYS 2.  MOST OF THESE ATOMS HAVE GOOD ELECTRON
DENSITY IN BOTH ORIENTATIONS, AND A POSITIVE DIFFERENCE
FOURIER DENSITY SHOWS THE PRESENCE OF THE OTHER
ORIENTATION, IN EITHER OF THE CASES.
;
_refine.pdbx_starting_model                      ? 
_refine.pdbx_method_to_determine_struct          ? 
_refine.pdbx_isotropic_thermal_model             ? 
_refine.pdbx_stereochemistry_target_values       ? 
_refine.pdbx_stereochem_target_val_spec_case     ? 
_refine.pdbx_R_Free_selection_details            ? 
_refine.pdbx_overall_ESU_R                       ? 
_refine.pdbx_overall_ESU_R_Free                  ? 
_refine.overall_SU_ML                            ? 
_refine.overall_SU_B                             ? 
_refine.pdbx_refine_id                           'X-RAY DIFFRACTION' 
_refine.pdbx_diffrn_id                           1 
_refine.pdbx_TLS_residual_ADP_flag               ? 
_refine.correlation_coeff_Fo_to_Fc               ? 
_refine.correlation_coeff_Fo_to_Fc_free          ? 
_refine.pdbx_solvent_vdw_probe_radii             ? 
_refine.pdbx_solvent_ion_probe_radii             ? 
_refine.pdbx_solvent_shrinkage_radii             ? 
_refine.pdbx_overall_phase_error                 ? 
_refine.overall_SU_R_Cruickshank_DPI             ? 
_refine.pdbx_overall_SU_R_free_Cruickshank_DPI   ? 
_refine.pdbx_overall_SU_R_Blow_DPI               ? 
_refine.pdbx_overall_SU_R_free_Blow_DPI          ? 
# 
_refine_hist.pdbx_refine_id                   'X-RAY DIFFRACTION' 
_refine_hist.cycle_id                         LAST 
_refine_hist.pdbx_number_atoms_protein        844 
_refine_hist.pdbx_number_atoms_nucleic_acid   0 
_refine_hist.pdbx_number_atoms_ligand         0 
_refine_hist.number_atoms_solvent             74 
_refine_hist.number_atoms_total               918 
_refine_hist.d_res_high                       1.6 
_refine_hist.d_res_low                        7.0 
# 
_struct.entry_id                  1THX 
_struct.title                     THIOREDOXIN-2 
_struct.pdbx_model_details        ? 
_struct.pdbx_CASP_flag            ? 
_struct.pdbx_model_type_details   ? 
# 
_struct_keywords.entry_id        1THX 
_struct_keywords.pdbx_keywords   'ELECTRON TRANSPORT' 
_struct_keywords.text            'OXIDO-REDUCTASE, ELECTRON TRANSPORT' 
# 
loop_
_struct_asym.id 
_struct_asym.pdbx_blank_PDB_chainid_flag 
_struct_asym.pdbx_modified 
_struct_asym.entity_id 
_struct_asym.details 
A N N 1 ? 
B N N 2 ? 
# 
_struct_ref.id                         1 
_struct_ref.db_name                    UNP 
_struct_ref.db_code                    THIO2_ANASP 
_struct_ref.entity_id                  1 
_struct_ref.pdbx_db_accession          P20857 
_struct_ref.pdbx_align_begin           1 
_struct_ref.pdbx_seq_one_letter_code   
;SKGVITITDAEFESEVLKAEQPVLVYFWASWCGPCQLMSPLINLAANTYSDRLKVVKLEIDPNPTTVKKYKVEGVPALRL
VKGEQILDSTEGVISKDKLLSFLDTHLNNN
;
_struct_ref.pdbx_db_isoform            ? 
# 
_struct_ref_seq.align_id                      1 
_struct_ref_seq.ref_id                        1 
_struct_ref_seq.pdbx_PDB_id_code              1THX 
_struct_ref_seq.pdbx_strand_id                A 
_struct_ref_seq.seq_align_beg                 6 
_struct_ref_seq.pdbx_seq_align_beg_ins_code   ? 
_struct_ref_seq.seq_align_end                 115 
_struct_ref_seq.pdbx_seq_align_end_ins_code   ? 
_struct_ref_seq.pdbx_db_accession             P20857 
_struct_ref_seq.db_align_beg                  1 
_struct_ref_seq.pdbx_db_align_beg_ins_code    ? 
_struct_ref_seq.db_align_end                  110 
_struct_ref_seq.pdbx_db_align_end_ins_code    ? 
_struct_ref_seq.pdbx_auth_seq_align_beg       1 
_struct_ref_seq.pdbx_auth_seq_align_end       110 
# 
_pdbx_struct_assembly.id                   1 
_pdbx_struct_assembly.details              author_defined_assembly 
_pdbx_struct_assembly.method_details       ? 
_pdbx_struct_assembly.oligomeric_details   monomeric 
_pdbx_struct_assembly.oligomeric_count     1 
# 
_pdbx_struct_assembly_gen.assembly_id       1 
_pdbx_struct_assembly_gen.oper_expression   1 
_pdbx_struct_assembly_gen.asym_id_list      A,B 
# 
_pdbx_struct_oper_list.id                   1 
_pdbx_struct_oper_list.type                 'identity operation' 
_pdbx_struct_oper_list.name                 1_555 
_pdbx_struct_oper_list.symmetry_operation   x,y,z 
_pdbx_struct_oper_list.matrix[1][1]         1.0000000000 
_pdbx_struct_oper_list.matrix[1][2]         0.0000000000 
_pdbx_struct_oper_list.matrix[1][3]         0.0000000000 
_pdbx_struct_oper_list.vector[1]            0.0000000000 
_pdbx_struct_oper_list.matrix[2][1]         0.0000000000 
_pdbx_struct_oper_list.matrix[2][2]         1.0000000000 
_pdbx_struct_oper_list.matrix[2][3]         0.0000000000 
_pdbx_struct_oper_list.vector[2]            0.0000000000 
_pdbx_struct_oper_list.matrix[3][1]         0.0000000000 
_pdbx_struct_oper_list.matrix[3][2]         0.0000000000 
_pdbx_struct_oper_list.matrix[3][3]         1.0000000000 
_pdbx_struct_oper_list.vector[3]            0.0000000000 
# 
_struct_biol.id   1 
# 
loop_
_struct_conf.conf_type_id 
_struct_conf.id 
_struct_conf.pdbx_PDB_helix_id 
_struct_conf.beg_label_comp_id 
_struct_conf.beg_label_asym_id 
_struct_conf.beg_label_seq_id 
_struct_conf.pdbx_beg_PDB_ins_code 
_struct_conf.end_label_comp_id 
_struct_conf.end_label_asym_id 
_struct_conf.end_label_seq_id 
_struct_conf.pdbx_end_PDB_ins_code 
_struct_conf.beg_auth_comp_id 
_struct_conf.beg_auth_asym_id 
_struct_conf.beg_auth_seq_id 
_struct_conf.end_auth_comp_id 
_struct_conf.end_auth_asym_id 
_struct_conf.end_auth_seq_id 
_struct_conf.pdbx_PDB_helix_class 
_struct_conf.details 
_struct_conf.pdbx_PDB_helix_length 
HELX_P HELX_P1 1 ASP A 14  ? GLU A 20  ? ASP A 9  GLU A 15  5 ? 7  
HELX_P HELX_P2 2 GLY A 38  ? THR A 53  ? GLY A 33 THR A 48  1 ? 16 
HELX_P HELX_P3 3 PRO A 69  ? LYS A 74  ? PRO A 64 LYS A 69  1 ? 6  
HELX_P HELX_P4 4 LYS A 101 ? HIS A 111 ? LYS A 96 HIS A 106 1 ? 11 
# 
_struct_conf_type.id          HELX_P 
_struct_conf_type.criteria    ? 
_struct_conf_type.reference   ? 
# 
_struct_conn.id                            disulf1 
_struct_conn.conn_type_id                  disulf 
_struct_conn.pdbx_leaving_atom_flag        ? 
_struct_conn.pdbx_PDB_id                   ? 
_struct_conn.ptnr1_label_asym_id           A 
_struct_conn.ptnr1_label_comp_id           CYS 
_struct_conn.ptnr1_label_seq_id            37 
_struct_conn.ptnr1_label_atom_id           SG 
_struct_conn.pdbx_ptnr1_label_alt_id       ? 
_struct_conn.pdbx_ptnr1_PDB_ins_code       ? 
_struct_conn.pdbx_ptnr1_standard_comp_id   ? 
_struct_conn.ptnr1_symmetry                1_555 
_struct_conn.ptnr2_label_asym_id           A 
_struct_conn.ptnr2_label_comp_id           CYS 
_struct_conn.ptnr2_label_seq_id            40 
_struct_conn.ptnr2_label_atom_id           SG 
_struct_conn.pdbx_ptnr2_label_alt_id       ? 
_struct_conn.pdbx_ptnr2_PDB_ins_code       ? 
_struct_conn.ptnr1_auth_asym_id            A 
_struct_conn.ptnr1_auth_comp_id            CYS 
_struct_conn.ptnr1_auth_seq_id             32 
_struct_conn.ptnr2_auth_asym_id            A 
_struct_conn.ptnr2_auth_comp_id            CYS 
_struct_conn.ptnr2_auth_seq_id             35 
_struct_conn.ptnr2_symmetry                1_555 
_struct_conn.pdbx_ptnr3_label_atom_id      ? 
_struct_conn.pdbx_ptnr3_label_seq_id       ? 
_struct_conn.pdbx_ptnr3_label_comp_id      ? 
_struct_conn.pdbx_ptnr3_label_asym_id      ? 
_struct_conn.pdbx_ptnr3_label_alt_id       ? 
_struct_conn.pdbx_ptnr3_PDB_ins_code       ? 
_struct_conn.details                       ? 
_struct_conn.pdbx_dist_value               2.037 
_struct_conn.pdbx_value_order              ? 
_struct_conn.pdbx_role                     ? 
# 
_struct_conn_type.id          disulf 
_struct_conn_type.criteria    ? 
_struct_conn_type.reference   ? 
# 
_pdbx_modification_feature.ordinal                            1 
_pdbx_modification_feature.label_comp_id                      CYS 
_pdbx_modification_feature.label_asym_id                      A 
_pdbx_modification_feature.label_seq_id                       37 
_pdbx_modification_feature.label_alt_id                       ? 
_pdbx_modification_feature.modified_residue_label_comp_id     CYS 
_pdbx_modification_feature.modified_residue_label_asym_id     A 
_pdbx_modification_feature.modified_residue_label_seq_id      40 
_pdbx_modification_feature.modified_residue_label_alt_id      ? 
_pdbx_modification_feature.auth_comp_id                       CYS 
_pdbx_modification_feature.auth_asym_id                       A 
_pdbx_modification_feature.auth_seq_id                        32 
_pdbx_modification_feature.PDB_ins_code                       ? 
_pdbx_modification_feature.symmetry                           1_555 
_pdbx_modification_feature.modified_residue_auth_comp_id      CYS 
_pdbx_modification_feature.modified_residue_auth_asym_id      A 
_pdbx_modification_feature.modified_residue_auth_seq_id       35 
_pdbx_modification_feature.modified_residue_PDB_ins_code      ? 
_pdbx_modification_feature.modified_residue_symmetry          1_555 
_pdbx_modification_feature.comp_id_linking_atom               SG 
_pdbx_modification_feature.modified_residue_id_linking_atom   SG 
_pdbx_modification_feature.modified_residue_id                . 
_pdbx_modification_feature.ref_pcm_id                         . 
_pdbx_modification_feature.ref_comp_id                        . 
_pdbx_modification_feature.type                               None 
_pdbx_modification_feature.category                           'Disulfide bridge' 
# 
_struct_mon_prot_cis.pdbx_id                1 
_struct_mon_prot_cis.label_comp_id          VAL 
_struct_mon_prot_cis.label_seq_id           80 
_struct_mon_prot_cis.label_asym_id          A 
_struct_mon_prot_cis.label_alt_id           . 
_struct_mon_prot_cis.pdbx_PDB_ins_code      ? 
_struct_mon_prot_cis.auth_comp_id           VAL 
_struct_mon_prot_cis.auth_seq_id            75 
_struct_mon_prot_cis.auth_asym_id           A 
_struct_mon_prot_cis.pdbx_label_comp_id_2   PRO 
_struct_mon_prot_cis.pdbx_label_seq_id_2    81 
_struct_mon_prot_cis.pdbx_label_asym_id_2   A 
_struct_mon_prot_cis.pdbx_PDB_ins_code_2    ? 
_struct_mon_prot_cis.pdbx_auth_comp_id_2    PRO 
_struct_mon_prot_cis.pdbx_auth_seq_id_2     76 
_struct_mon_prot_cis.pdbx_auth_asym_id_2    A 
_struct_mon_prot_cis.pdbx_PDB_model_num     1 
_struct_mon_prot_cis.pdbx_omega_angle       -0.18 
# 
_struct_sheet.id               A 
_struct_sheet.type             ? 
_struct_sheet.number_strands   5 
_struct_sheet.details          ? 
# 
loop_
_struct_sheet_order.sheet_id 
_struct_sheet_order.range_id_1 
_struct_sheet_order.range_id_2 
_struct_sheet_order.offset 
_struct_sheet_order.sense 
A 1 2 ? parallel      
A 2 3 ? parallel      
A 3 4 ? anti-parallel 
A 4 5 ? anti-parallel 
# 
loop_
_struct_sheet_range.sheet_id 
_struct_sheet_range.id 
_struct_sheet_range.beg_label_comp_id 
_struct_sheet_range.beg_label_asym_id 
_struct_sheet_range.beg_label_seq_id 
_struct_sheet_range.pdbx_beg_PDB_ins_code 
_struct_sheet_range.end_label_comp_id 
_struct_sheet_range.end_label_asym_id 
_struct_sheet_range.end_label_seq_id 
_struct_sheet_range.pdbx_end_PDB_ins_code 
_struct_sheet_range.beg_auth_comp_id 
_struct_sheet_range.beg_auth_asym_id 
_struct_sheet_range.beg_auth_seq_id 
_struct_sheet_range.end_auth_comp_id 
_struct_sheet_range.end_auth_asym_id 
_struct_sheet_range.end_auth_seq_id 
A 1 VAL A 9  ? THR A 11 ? VAL A 4  THR A 6  
A 2 LEU A 58 ? GLU A 64 ? LEU A 53 GLU A 59 
A 3 PRO A 27 ? TRP A 33 ? PRO A 22 TRP A 28 
A 4 ALA A 82 ? LYS A 87 ? ALA A 77 LYS A 82 
A 5 GLN A 90 ? GLU A 96 ? GLN A 85 GLU A 91 
# 
loop_
_pdbx_struct_sheet_hbond.sheet_id 
_pdbx_struct_sheet_hbond.range_id_1 
_pdbx_struct_sheet_hbond.range_id_2 
_pdbx_struct_sheet_hbond.range_1_label_atom_id 
_pdbx_struct_sheet_hbond.range_1_label_comp_id 
_pdbx_struct_sheet_hbond.range_1_label_asym_id 
_pdbx_struct_sheet_hbond.range_1_label_seq_id 
_pdbx_struct_sheet_hbond.range_1_PDB_ins_code 
_pdbx_struct_sheet_hbond.range_1_auth_atom_id 
_pdbx_struct_sheet_hbond.range_1_auth_comp_id 
_pdbx_struct_sheet_hbond.range_1_auth_asym_id 
_pdbx_struct_sheet_hbond.range_1_auth_seq_id 
_pdbx_struct_sheet_hbond.range_2_label_atom_id 
_pdbx_struct_sheet_hbond.range_2_label_comp_id 
_pdbx_struct_sheet_hbond.range_2_label_asym_id 
_pdbx_struct_sheet_hbond.range_2_label_seq_id 
_pdbx_struct_sheet_hbond.range_2_PDB_ins_code 
_pdbx_struct_sheet_hbond.range_2_auth_atom_id 
_pdbx_struct_sheet_hbond.range_2_auth_comp_id 
_pdbx_struct_sheet_hbond.range_2_auth_asym_id 
_pdbx_struct_sheet_hbond.range_2_auth_seq_id 
A 1 2 O ILE A 10 ? O ILE A 5  N VAL A 60 ? N VAL A 55 
A 2 3 O LYS A 59 ? O LYS A 54 N PRO A 27 ? N PRO A 22 
A 3 4 O VAL A 28 ? O VAL A 23 N VAL A 86 ? N VAL A 81 
A 4 5 O LEU A 83 ? O LEU A 78 N THR A 95 ? N THR A 90 
# 
_struct_site.id                   DIS 
_struct_site.pdbx_evidence_code   Unknown 
_struct_site.pdbx_auth_asym_id    ? 
_struct_site.pdbx_auth_comp_id    ? 
_struct_site.pdbx_auth_seq_id     ? 
_struct_site.pdbx_auth_ins_code   ? 
_struct_site.pdbx_num_residues    2 
_struct_site.details              ? 
# 
loop_
_struct_site_gen.id 
_struct_site_gen.site_id 
_struct_site_gen.pdbx_num_res 
_struct_site_gen.label_comp_id 
_struct_site_gen.label_asym_id 
_struct_site_gen.label_seq_id 
_struct_site_gen.pdbx_auth_ins_code 
_struct_site_gen.auth_comp_id 
_struct_site_gen.auth_asym_id 
_struct_site_gen.auth_seq_id 
_struct_site_gen.label_atom_id 
_struct_site_gen.label_alt_id 
_struct_site_gen.symmetry 
_struct_site_gen.details 
1 DIS 2 CYS A 37 ? CYS A 32 . ? 1_555 ? 
2 DIS 2 CYS A 40 ? CYS A 35 . ? 1_555 ? 
# 
_pdbx_entry_details.entry_id                   1THX 
_pdbx_entry_details.compound_details           ? 
_pdbx_entry_details.source_details             ? 
_pdbx_entry_details.nonpolymer_details         ? 
_pdbx_entry_details.sequence_details           ? 
_pdbx_entry_details.has_ligand_of_interest     ? 
_pdbx_entry_details.has_protein_modification   Y 
# 
loop_
_pdbx_validate_close_contact.id 
_pdbx_validate_close_contact.PDB_model_num 
_pdbx_validate_close_contact.auth_atom_id_1 
_pdbx_validate_close_contact.auth_asym_id_1 
_pdbx_validate_close_contact.auth_comp_id_1 
_pdbx_validate_close_contact.auth_seq_id_1 
_pdbx_validate_close_contact.PDB_ins_code_1 
_pdbx_validate_close_contact.label_alt_id_1 
_pdbx_validate_close_contact.auth_atom_id_2 
_pdbx_validate_close_contact.auth_asym_id_2 
_pdbx_validate_close_contact.auth_comp_id_2 
_pdbx_validate_close_contact.auth_seq_id_2 
_pdbx_validate_close_contact.PDB_ins_code_2 
_pdbx_validate_close_contact.label_alt_id_2 
_pdbx_validate_close_contact.dist 
1 1 H   A GLY 83   ? ? H1 A HOH 1023 ? ? 1.10 
2 1 HG1 A THR 65   ? ? H1 A HOH 2004 ? ? 1.25 
3 1 H   A SER 30   ? ? H2 A HOH 1131 ? ? 1.34 
4 1 HZ3 A LYS 57   ? ? H1 A HOH 1097 ? ? 1.34 
5 1 H2  A HOH 1056 ? ? H2 A HOH 1057 ? ? 1.35 
6 1 HZ3 A LYS 57   ? ? O  A HOH 1097 ? ? 1.46 
7 1 H1  A HOH 1108 ? ? O  A HOH 1109 ? ? 1.56 
8 1 CD1 A ILE 5    ? B O  A HOH 1060 ? ? 1.66 
# 
loop_
_pdbx_validate_symm_contact.id 
_pdbx_validate_symm_contact.PDB_model_num 
_pdbx_validate_symm_contact.auth_atom_id_1 
_pdbx_validate_symm_contact.auth_asym_id_1 
_pdbx_validate_symm_contact.auth_comp_id_1 
_pdbx_validate_symm_contact.auth_seq_id_1 
_pdbx_validate_symm_contact.PDB_ins_code_1 
_pdbx_validate_symm_contact.label_alt_id_1 
_pdbx_validate_symm_contact.site_symmetry_1 
_pdbx_validate_symm_contact.auth_atom_id_2 
_pdbx_validate_symm_contact.auth_asym_id_2 
_pdbx_validate_symm_contact.auth_comp_id_2 
_pdbx_validate_symm_contact.auth_seq_id_2 
_pdbx_validate_symm_contact.PDB_ins_code_2 
_pdbx_validate_symm_contact.label_alt_id_2 
_pdbx_validate_symm_contact.site_symmetry_2 
_pdbx_validate_symm_contact.dist 
1 1 HZ2 A LYS 57 ? ? 1_555 H1 A HOH 1077 ? ? 3_546 1.17 
2 1 OD1 A ASP 61 ? ? 1_555 H2 A HOH 1003 ? ? 3_556 1.54 
# 
loop_
_pdbx_unobs_or_zero_occ_residues.id 
_pdbx_unobs_or_zero_occ_residues.PDB_model_num 
_pdbx_unobs_or_zero_occ_residues.polymer_flag 
_pdbx_unobs_or_zero_occ_residues.occupancy_flag 
_pdbx_unobs_or_zero_occ_residues.auth_asym_id 
_pdbx_unobs_or_zero_occ_residues.auth_comp_id 
_pdbx_unobs_or_zero_occ_residues.auth_seq_id 
_pdbx_unobs_or_zero_occ_residues.PDB_ins_code 
_pdbx_unobs_or_zero_occ_residues.label_asym_id 
_pdbx_unobs_or_zero_occ_residues.label_comp_id 
_pdbx_unobs_or_zero_occ_residues.label_seq_id 
1 1 Y 1 A MET -4  ? A MET 1   
2 1 Y 1 A GLU -3  ? A GLU 2   
3 1 Y 1 A THR -2  ? A THR 3   
4 1 Y 1 A ALA -1  ? A ALA 4   
5 1 Y 1 A MET 0   ? A MET 5   
6 1 Y 1 A ASN 109 ? A ASN 114 
7 1 Y 1 A ASN 110 ? A ASN 115 
# 
loop_
_chem_comp_atom.comp_id 
_chem_comp_atom.atom_id 
_chem_comp_atom.type_symbol 
_chem_comp_atom.pdbx_aromatic_flag 
_chem_comp_atom.pdbx_stereo_config 
_chem_comp_atom.pdbx_ordinal 
ALA N    N N N 1   
ALA CA   C N S 2   
ALA C    C N N 3   
ALA O    O N N 4   
ALA CB   C N N 5   
ALA OXT  O N N 6   
ALA H    H N N 7   
ALA H2   H N N 8   
ALA HA   H N N 9   
ALA HB1  H N N 10  
ALA HB2  H N N 11  
ALA HB3  H N N 12  
ALA HXT  H N N 13  
ARG N    N N N 14  
ARG CA   C N S 15  
ARG C    C N N 16  
ARG O    O N N 17  
ARG CB   C N N 18  
ARG CG   C N N 19  
ARG CD   C N N 20  
ARG NE   N N N 21  
ARG CZ   C N N 22  
ARG NH1  N N N 23  
ARG NH2  N N N 24  
ARG OXT  O N N 25  
ARG H    H N N 26  
ARG H2   H N N 27  
ARG HA   H N N 28  
ARG HB2  H N N 29  
ARG HB3  H N N 30  
ARG HG2  H N N 31  
ARG HG3  H N N 32  
ARG HD2  H N N 33  
ARG HD3  H N N 34  
ARG HE   H N N 35  
ARG HH11 H N N 36  
ARG HH12 H N N 37  
ARG HH21 H N N 38  
ARG HH22 H N N 39  
ARG HXT  H N N 40  
ASN N    N N N 41  
ASN CA   C N S 42  
ASN C    C N N 43  
ASN O    O N N 44  
ASN CB   C N N 45  
ASN CG   C N N 46  
ASN OD1  O N N 47  
ASN ND2  N N N 48  
ASN OXT  O N N 49  
ASN H    H N N 50  
ASN H2   H N N 51  
ASN HA   H N N 52  
ASN HB2  H N N 53  
ASN HB3  H N N 54  
ASN HD21 H N N 55  
ASN HD22 H N N 56  
ASN HXT  H N N 57  
ASP N    N N N 58  
ASP CA   C N S 59  
ASP C    C N N 60  
ASP O    O N N 61  
ASP CB   C N N 62  
ASP CG   C N N 63  
ASP OD1  O N N 64  
ASP OD2  O N N 65  
ASP OXT  O N N 66  
ASP H    H N N 67  
ASP H2   H N N 68  
ASP HA   H N N 69  
ASP HB2  H N N 70  
ASP HB3  H N N 71  
ASP HD2  H N N 72  
ASP HXT  H N N 73  
CYS N    N N N 74  
CYS CA   C N R 75  
CYS C    C N N 76  
CYS O    O N N 77  
CYS CB   C N N 78  
CYS SG   S N N 79  
CYS OXT  O N N 80  
CYS H    H N N 81  
CYS H2   H N N 82  
CYS HA   H N N 83  
CYS HB2  H N N 84  
CYS HB3  H N N 85  
CYS HG   H N N 86  
CYS HXT  H N N 87  
GLN N    N N N 88  
GLN CA   C N S 89  
GLN C    C N N 90  
GLN O    O N N 91  
GLN CB   C N N 92  
GLN CG   C N N 93  
GLN CD   C N N 94  
GLN OE1  O N N 95  
GLN NE2  N N N 96  
GLN OXT  O N N 97  
GLN H    H N N 98  
GLN H2   H N N 99  
GLN HA   H N N 100 
GLN HB2  H N N 101 
GLN HB3  H N N 102 
GLN HG2  H N N 103 
GLN HG3  H N N 104 
GLN HE21 H N N 105 
GLN HE22 H N N 106 
GLN HXT  H N N 107 
GLU N    N N N 108 
GLU CA   C N S 109 
GLU C    C N N 110 
GLU O    O N N 111 
GLU CB   C N N 112 
GLU CG   C N N 113 
GLU CD   C N N 114 
GLU OE1  O N N 115 
GLU OE2  O N N 116 
GLU OXT  O N N 117 
GLU H    H N N 118 
GLU H2   H N N 119 
GLU HA   H N N 120 
GLU HB2  H N N 121 
GLU HB3  H N N 122 
GLU HG2  H N N 123 
GLU HG3  H N N 124 
GLU HE2  H N N 125 
GLU HXT  H N N 126 
GLY N    N N N 127 
GLY CA   C N N 128 
GLY C    C N N 129 
GLY O    O N N 130 
GLY OXT  O N N 131 
GLY H    H N N 132 
GLY H2   H N N 133 
GLY HA2  H N N 134 
GLY HA3  H N N 135 
GLY HXT  H N N 136 
HIS N    N N N 137 
HIS CA   C N S 138 
HIS C    C N N 139 
HIS O    O N N 140 
HIS CB   C N N 141 
HIS CG   C Y N 142 
HIS ND1  N Y N 143 
HIS CD2  C Y N 144 
HIS CE1  C Y N 145 
HIS NE2  N Y N 146 
HIS OXT  O N N 147 
HIS H    H N N 148 
HIS H2   H N N 149 
HIS HA   H N N 150 
HIS HB2  H N N 151 
HIS HB3  H N N 152 
HIS HD1  H N N 153 
HIS HD2  H N N 154 
HIS HE1  H N N 155 
HIS HE2  H N N 156 
HIS HXT  H N N 157 
HOH O    O N N 158 
HOH H1   H N N 159 
HOH H2   H N N 160 
ILE N    N N N 161 
ILE CA   C N S 162 
ILE C    C N N 163 
ILE O    O N N 164 
ILE CB   C N S 165 
ILE CG1  C N N 166 
ILE CG2  C N N 167 
ILE CD1  C N N 168 
ILE OXT  O N N 169 
ILE H    H N N 170 
ILE H2   H N N 171 
ILE HA   H N N 172 
ILE HB   H N N 173 
ILE HG12 H N N 174 
ILE HG13 H N N 175 
ILE HG21 H N N 176 
ILE HG22 H N N 177 
ILE HG23 H N N 178 
ILE HD11 H N N 179 
ILE HD12 H N N 180 
ILE HD13 H N N 181 
ILE HXT  H N N 182 
LEU N    N N N 183 
LEU CA   C N S 184 
LEU C    C N N 185 
LEU O    O N N 186 
LEU CB   C N N 187 
LEU CG   C N N 188 
LEU CD1  C N N 189 
LEU CD2  C N N 190 
LEU OXT  O N N 191 
LEU H    H N N 192 
LEU H2   H N N 193 
LEU HA   H N N 194 
LEU HB2  H N N 195 
LEU HB3  H N N 196 
LEU HG   H N N 197 
LEU HD11 H N N 198 
LEU HD12 H N N 199 
LEU HD13 H N N 200 
LEU HD21 H N N 201 
LEU HD22 H N N 202 
LEU HD23 H N N 203 
LEU HXT  H N N 204 
LYS N    N N N 205 
LYS CA   C N S 206 
LYS C    C N N 207 
LYS O    O N N 208 
LYS CB   C N N 209 
LYS CG   C N N 210 
LYS CD   C N N 211 
LYS CE   C N N 212 
LYS NZ   N N N 213 
LYS OXT  O N N 214 
LYS H    H N N 215 
LYS H2   H N N 216 
LYS HA   H N N 217 
LYS HB2  H N N 218 
LYS HB3  H N N 219 
LYS HG2  H N N 220 
LYS HG3  H N N 221 
LYS HD2  H N N 222 
LYS HD3  H N N 223 
LYS HE2  H N N 224 
LYS HE3  H N N 225 
LYS HZ1  H N N 226 
LYS HZ2  H N N 227 
LYS HZ3  H N N 228 
LYS HXT  H N N 229 
MET N    N N N 230 
MET CA   C N S 231 
MET C    C N N 232 
MET O    O N N 233 
MET CB   C N N 234 
MET CG   C N N 235 
MET SD   S N N 236 
MET CE   C N N 237 
MET OXT  O N N 238 
MET H    H N N 239 
MET H2   H N N 240 
MET HA   H N N 241 
MET HB2  H N N 242 
MET HB3  H N N 243 
MET HG2  H N N 244 
MET HG3  H N N 245 
MET HE1  H N N 246 
MET HE2  H N N 247 
MET HE3  H N N 248 
MET HXT  H N N 249 
PHE N    N N N 250 
PHE CA   C N S 251 
PHE C    C N N 252 
PHE O    O N N 253 
PHE CB   C N N 254 
PHE CG   C Y N 255 
PHE CD1  C Y N 256 
PHE CD2  C Y N 257 
PHE CE1  C Y N 258 
PHE CE2  C Y N 259 
PHE CZ   C Y N 260 
PHE OXT  O N N 261 
PHE H    H N N 262 
PHE H2   H N N 263 
PHE HA   H N N 264 
PHE HB2  H N N 265 
PHE HB3  H N N 266 
PHE HD1  H N N 267 
PHE HD2  H N N 268 
PHE HE1  H N N 269 
PHE HE2  H N N 270 
PHE HZ   H N N 271 
PHE HXT  H N N 272 
PRO N    N N N 273 
PRO CA   C N S 274 
PRO C    C N N 275 
PRO O    O N N 276 
PRO CB   C N N 277 
PRO CG   C N N 278 
PRO CD   C N N 279 
PRO OXT  O N N 280 
PRO H    H N N 281 
PRO HA   H N N 282 
PRO HB2  H N N 283 
PRO HB3  H N N 284 
PRO HG2  H N N 285 
PRO HG3  H N N 286 
PRO HD2  H N N 287 
PRO HD3  H N N 288 
PRO HXT  H N N 289 
SER N    N N N 290 
SER CA   C N S 291 
SER C    C N N 292 
SER O    O N N 293 
SER CB   C N N 294 
SER OG   O N N 295 
SER OXT  O N N 296 
SER H    H N N 297 
SER H2   H N N 298 
SER HA   H N N 299 
SER HB2  H N N 300 
SER HB3  H N N 301 
SER HG   H N N 302 
SER HXT  H N N 303 
THR N    N N N 304 
THR CA   C N S 305 
THR C    C N N 306 
THR O    O N N 307 
THR CB   C N R 308 
THR OG1  O N N 309 
THR CG2  C N N 310 
THR OXT  O N N 311 
THR H    H N N 312 
THR H2   H N N 313 
THR HA   H N N 314 
THR HB   H N N 315 
THR HG1  H N N 316 
THR HG21 H N N 317 
THR HG22 H N N 318 
THR HG23 H N N 319 
THR HXT  H N N 320 
TRP N    N N N 321 
TRP CA   C N S 322 
TRP C    C N N 323 
TRP O    O N N 324 
TRP CB   C N N 325 
TRP CG   C Y N 326 
TRP CD1  C Y N 327 
TRP CD2  C Y N 328 
TRP NE1  N Y N 329 
TRP CE2  C Y N 330 
TRP CE3  C Y N 331 
TRP CZ2  C Y N 332 
TRP CZ3  C Y N 333 
TRP CH2  C Y N 334 
TRP OXT  O N N 335 
TRP H    H N N 336 
TRP H2   H N N 337 
TRP HA   H N N 338 
TRP HB2  H N N 339 
TRP HB3  H N N 340 
TRP HD1  H N N 341 
TRP HE1  H N N 342 
TRP HE3  H N N 343 
TRP HZ2  H N N 344 
TRP HZ3  H N N 345 
TRP HH2  H N N 346 
TRP HXT  H N N 347 
TYR N    N N N 348 
TYR CA   C N S 349 
TYR C    C N N 350 
TYR O    O N N 351 
TYR CB   C N N 352 
TYR CG   C Y N 353 
TYR CD1  C Y N 354 
TYR CD2  C Y N 355 
TYR CE1  C Y N 356 
TYR CE2  C Y N 357 
TYR CZ   C Y N 358 
TYR OH   O N N 359 
TYR OXT  O N N 360 
TYR H    H N N 361 
TYR H2   H N N 362 
TYR HA   H N N 363 
TYR HB2  H N N 364 
TYR HB3  H N N 365 
TYR HD1  H N N 366 
TYR HD2  H N N 367 
TYR HE1  H N N 368 
TYR HE2  H N N 369 
TYR HH   H N N 370 
TYR HXT  H N N 371 
VAL N    N N N 372 
VAL CA   C N S 373 
VAL C    C N N 374 
VAL O    O N N 375 
VAL CB   C N N 376 
VAL CG1  C N N 377 
VAL CG2  C N N 378 
VAL OXT  O N N 379 
VAL H    H N N 380 
VAL H2   H N N 381 
VAL HA   H N N 382 
VAL HB   H N N 383 
VAL HG11 H N N 384 
VAL HG12 H N N 385 
VAL HG13 H N N 386 
VAL HG21 H N N 387 
VAL HG22 H N N 388 
VAL HG23 H N N 389 
VAL HXT  H N N 390 
# 
loop_
_chem_comp_bond.comp_id 
_chem_comp_bond.atom_id_1 
_chem_comp_bond.atom_id_2 
_chem_comp_bond.value_order 
_chem_comp_bond.pdbx_aromatic_flag 
_chem_comp_bond.pdbx_stereo_config 
_chem_comp_bond.pdbx_ordinal 
ALA N   CA   sing N N 1   
ALA N   H    sing N N 2   
ALA N   H2   sing N N 3   
ALA CA  C    sing N N 4   
ALA CA  CB   sing N N 5   
ALA CA  HA   sing N N 6   
ALA C   O    doub N N 7   
ALA C   OXT  sing N N 8   
ALA CB  HB1  sing N N 9   
ALA CB  HB2  sing N N 10  
ALA CB  HB3  sing N N 11  
ALA OXT HXT  sing N N 12  
ARG N   CA   sing N N 13  
ARG N   H    sing N N 14  
ARG N   H2   sing N N 15  
ARG CA  C    sing N N 16  
ARG CA  CB   sing N N 17  
ARG CA  HA   sing N N 18  
ARG C   O    doub N N 19  
ARG C   OXT  sing N N 20  
ARG CB  CG   sing N N 21  
ARG CB  HB2  sing N N 22  
ARG CB  HB3  sing N N 23  
ARG CG  CD   sing N N 24  
ARG CG  HG2  sing N N 25  
ARG CG  HG3  sing N N 26  
ARG CD  NE   sing N N 27  
ARG CD  HD2  sing N N 28  
ARG CD  HD3  sing N N 29  
ARG NE  CZ   sing N N 30  
ARG NE  HE   sing N N 31  
ARG CZ  NH1  sing N N 32  
ARG CZ  NH2  doub N N 33  
ARG NH1 HH11 sing N N 34  
ARG NH1 HH12 sing N N 35  
ARG NH2 HH21 sing N N 36  
ARG NH2 HH22 sing N N 37  
ARG OXT HXT  sing N N 38  
ASN N   CA   sing N N 39  
ASN N   H    sing N N 40  
ASN N   H2   sing N N 41  
ASN CA  C    sing N N 42  
ASN CA  CB   sing N N 43  
ASN CA  HA   sing N N 44  
ASN C   O    doub N N 45  
ASN C   OXT  sing N N 46  
ASN CB  CG   sing N N 47  
ASN CB  HB2  sing N N 48  
ASN CB  HB3  sing N N 49  
ASN CG  OD1  doub N N 50  
ASN CG  ND2  sing N N 51  
ASN ND2 HD21 sing N N 52  
ASN ND2 HD22 sing N N 53  
ASN OXT HXT  sing N N 54  
ASP N   CA   sing N N 55  
ASP N   H    sing N N 56  
ASP N   H2   sing N N 57  
ASP CA  C    sing N N 58  
ASP CA  CB   sing N N 59  
ASP CA  HA   sing N N 60  
ASP C   O    doub N N 61  
ASP C   OXT  sing N N 62  
ASP CB  CG   sing N N 63  
ASP CB  HB2  sing N N 64  
ASP CB  HB3  sing N N 65  
ASP CG  OD1  doub N N 66  
ASP CG  OD2  sing N N 67  
ASP OD2 HD2  sing N N 68  
ASP OXT HXT  sing N N 69  
CYS N   CA   sing N N 70  
CYS N   H    sing N N 71  
CYS N   H2   sing N N 72  
CYS CA  C    sing N N 73  
CYS CA  CB   sing N N 74  
CYS CA  HA   sing N N 75  
CYS C   O    doub N N 76  
CYS C   OXT  sing N N 77  
CYS CB  SG   sing N N 78  
CYS CB  HB2  sing N N 79  
CYS CB  HB3  sing N N 80  
CYS SG  HG   sing N N 81  
CYS OXT HXT  sing N N 82  
GLN N   CA   sing N N 83  
GLN N   H    sing N N 84  
GLN N   H2   sing N N 85  
GLN CA  C    sing N N 86  
GLN CA  CB   sing N N 87  
GLN CA  HA   sing N N 88  
GLN C   O    doub N N 89  
GLN C   OXT  sing N N 90  
GLN CB  CG   sing N N 91  
GLN CB  HB2  sing N N 92  
GLN CB  HB3  sing N N 93  
GLN CG  CD   sing N N 94  
GLN CG  HG2  sing N N 95  
GLN CG  HG3  sing N N 96  
GLN CD  OE1  doub N N 97  
GLN CD  NE2  sing N N 98  
GLN NE2 HE21 sing N N 99  
GLN NE2 HE22 sing N N 100 
GLN OXT HXT  sing N N 101 
GLU N   CA   sing N N 102 
GLU N   H    sing N N 103 
GLU N   H2   sing N N 104 
GLU CA  C    sing N N 105 
GLU CA  CB   sing N N 106 
GLU CA  HA   sing N N 107 
GLU C   O    doub N N 108 
GLU C   OXT  sing N N 109 
GLU CB  CG   sing N N 110 
GLU CB  HB2  sing N N 111 
GLU CB  HB3  sing N N 112 
GLU CG  CD   sing N N 113 
GLU CG  HG2  sing N N 114 
GLU CG  HG3  sing N N 115 
GLU CD  OE1  doub N N 116 
GLU CD  OE2  sing N N 117 
GLU OE2 HE2  sing N N 118 
GLU OXT HXT  sing N N 119 
GLY N   CA   sing N N 120 
GLY N   H    sing N N 121 
GLY N   H2   sing N N 122 
GLY CA  C    sing N N 123 
GLY CA  HA2  sing N N 124 
GLY CA  HA3  sing N N 125 
GLY C   O    doub N N 126 
GLY C   OXT  sing N N 127 
GLY OXT HXT  sing N N 128 
HIS N   CA   sing N N 129 
HIS N   H    sing N N 130 
HIS N   H2   sing N N 131 
HIS CA  C    sing N N 132 
HIS CA  CB   sing N N 133 
HIS CA  HA   sing N N 134 
HIS C   O    doub N N 135 
HIS C   OXT  sing N N 136 
HIS CB  CG   sing N N 137 
HIS CB  HB2  sing N N 138 
HIS CB  HB3  sing N N 139 
HIS CG  ND1  sing Y N 140 
HIS CG  CD2  doub Y N 141 
HIS ND1 CE1  doub Y N 142 
HIS ND1 HD1  sing N N 143 
HIS CD2 NE2  sing Y N 144 
HIS CD2 HD2  sing N N 145 
HIS CE1 NE2  sing Y N 146 
HIS CE1 HE1  sing N N 147 
HIS NE2 HE2  sing N N 148 
HIS OXT HXT  sing N N 149 
HOH O   H1   sing N N 150 
HOH O   H2   sing N N 151 
ILE N   CA   sing N N 152 
ILE N   H    sing N N 153 
ILE N   H2   sing N N 154 
ILE CA  C    sing N N 155 
ILE CA  CB   sing N N 156 
ILE CA  HA   sing N N 157 
ILE C   O    doub N N 158 
ILE C   OXT  sing N N 159 
ILE CB  CG1  sing N N 160 
ILE CB  CG2  sing N N 161 
ILE CB  HB   sing N N 162 
ILE CG1 CD1  sing N N 163 
ILE CG1 HG12 sing N N 164 
ILE CG1 HG13 sing N N 165 
ILE CG2 HG21 sing N N 166 
ILE CG2 HG22 sing N N 167 
ILE CG2 HG23 sing N N 168 
ILE CD1 HD11 sing N N 169 
ILE CD1 HD12 sing N N 170 
ILE CD1 HD13 sing N N 171 
ILE OXT HXT  sing N N 172 
LEU N   CA   sing N N 173 
LEU N   H    sing N N 174 
LEU N   H2   sing N N 175 
LEU CA  C    sing N N 176 
LEU CA  CB   sing N N 177 
LEU CA  HA   sing N N 178 
LEU C   O    doub N N 179 
LEU C   OXT  sing N N 180 
LEU CB  CG   sing N N 181 
LEU CB  HB2  sing N N 182 
LEU CB  HB3  sing N N 183 
LEU CG  CD1  sing N N 184 
LEU CG  CD2  sing N N 185 
LEU CG  HG   sing N N 186 
LEU CD1 HD11 sing N N 187 
LEU CD1 HD12 sing N N 188 
LEU CD1 HD13 sing N N 189 
LEU CD2 HD21 sing N N 190 
LEU CD2 HD22 sing N N 191 
LEU CD2 HD23 sing N N 192 
LEU OXT HXT  sing N N 193 
LYS N   CA   sing N N 194 
LYS N   H    sing N N 195 
LYS N   H2   sing N N 196 
LYS CA  C    sing N N 197 
LYS CA  CB   sing N N 198 
LYS CA  HA   sing N N 199 
LYS C   O    doub N N 200 
LYS C   OXT  sing N N 201 
LYS CB  CG   sing N N 202 
LYS CB  HB2  sing N N 203 
LYS CB  HB3  sing N N 204 
LYS CG  CD   sing N N 205 
LYS CG  HG2  sing N N 206 
LYS CG  HG3  sing N N 207 
LYS CD  CE   sing N N 208 
LYS CD  HD2  sing N N 209 
LYS CD  HD3  sing N N 210 
LYS CE  NZ   sing N N 211 
LYS CE  HE2  sing N N 212 
LYS CE  HE3  sing N N 213 
LYS NZ  HZ1  sing N N 214 
LYS NZ  HZ2  sing N N 215 
LYS NZ  HZ3  sing N N 216 
LYS OXT HXT  sing N N 217 
MET N   CA   sing N N 218 
MET N   H    sing N N 219 
MET N   H2   sing N N 220 
MET CA  C    sing N N 221 
MET CA  CB   sing N N 222 
MET CA  HA   sing N N 223 
MET C   O    doub N N 224 
MET C   OXT  sing N N 225 
MET CB  CG   sing N N 226 
MET CB  HB2  sing N N 227 
MET CB  HB3  sing N N 228 
MET CG  SD   sing N N 229 
MET CG  HG2  sing N N 230 
MET CG  HG3  sing N N 231 
MET SD  CE   sing N N 232 
MET CE  HE1  sing N N 233 
MET CE  HE2  sing N N 234 
MET CE  HE3  sing N N 235 
MET OXT HXT  sing N N 236 
PHE N   CA   sing N N 237 
PHE N   H    sing N N 238 
PHE N   H2   sing N N 239 
PHE CA  C    sing N N 240 
PHE CA  CB   sing N N 241 
PHE CA  HA   sing N N 242 
PHE C   O    doub N N 243 
PHE C   OXT  sing N N 244 
PHE CB  CG   sing N N 245 
PHE CB  HB2  sing N N 246 
PHE CB  HB3  sing N N 247 
PHE CG  CD1  doub Y N 248 
PHE CG  CD2  sing Y N 249 
PHE CD1 CE1  sing Y N 250 
PHE CD1 HD1  sing N N 251 
PHE CD2 CE2  doub Y N 252 
PHE CD2 HD2  sing N N 253 
PHE CE1 CZ   doub Y N 254 
PHE CE1 HE1  sing N N 255 
PHE CE2 CZ   sing Y N 256 
PHE CE2 HE2  sing N N 257 
PHE CZ  HZ   sing N N 258 
PHE OXT HXT  sing N N 259 
PRO N   CA   sing N N 260 
PRO N   CD   sing N N 261 
PRO N   H    sing N N 262 
PRO CA  C    sing N N 263 
PRO CA  CB   sing N N 264 
PRO CA  HA   sing N N 265 
PRO C   O    doub N N 266 
PRO C   OXT  sing N N 267 
PRO CB  CG   sing N N 268 
PRO CB  HB2  sing N N 269 
PRO CB  HB3  sing N N 270 
PRO CG  CD   sing N N 271 
PRO CG  HG2  sing N N 272 
PRO CG  HG3  sing N N 273 
PRO CD  HD2  sing N N 274 
PRO CD  HD3  sing N N 275 
PRO OXT HXT  sing N N 276 
SER N   CA   sing N N 277 
SER N   H    sing N N 278 
SER N   H2   sing N N 279 
SER CA  C    sing N N 280 
SER CA  CB   sing N N 281 
SER CA  HA   sing N N 282 
SER C   O    doub N N 283 
SER C   OXT  sing N N 284 
SER CB  OG   sing N N 285 
SER CB  HB2  sing N N 286 
SER CB  HB3  sing N N 287 
SER OG  HG   sing N N 288 
SER OXT HXT  sing N N 289 
THR N   CA   sing N N 290 
THR N   H    sing N N 291 
THR N   H2   sing N N 292 
THR CA  C    sing N N 293 
THR CA  CB   sing N N 294 
THR CA  HA   sing N N 295 
THR C   O    doub N N 296 
THR C   OXT  sing N N 297 
THR CB  OG1  sing N N 298 
THR CB  CG2  sing N N 299 
THR CB  HB   sing N N 300 
THR OG1 HG1  sing N N 301 
THR CG2 HG21 sing N N 302 
THR CG2 HG22 sing N N 303 
THR CG2 HG23 sing N N 304 
THR OXT HXT  sing N N 305 
TRP N   CA   sing N N 306 
TRP N   H    sing N N 307 
TRP N   H2   sing N N 308 
TRP CA  C    sing N N 309 
TRP CA  CB   sing N N 310 
TRP CA  HA   sing N N 311 
TRP C   O    doub N N 312 
TRP C   OXT  sing N N 313 
TRP CB  CG   sing N N 314 
TRP CB  HB2  sing N N 315 
TRP CB  HB3  sing N N 316 
TRP CG  CD1  doub Y N 317 
TRP CG  CD2  sing Y N 318 
TRP CD1 NE1  sing Y N 319 
TRP CD1 HD1  sing N N 320 
TRP CD2 CE2  doub Y N 321 
TRP CD2 CE3  sing Y N 322 
TRP NE1 CE2  sing Y N 323 
TRP NE1 HE1  sing N N 324 
TRP CE2 CZ2  sing Y N 325 
TRP CE3 CZ3  doub Y N 326 
TRP CE3 HE3  sing N N 327 
TRP CZ2 CH2  doub Y N 328 
TRP CZ2 HZ2  sing N N 329 
TRP CZ3 CH2  sing Y N 330 
TRP CZ3 HZ3  sing N N 331 
TRP CH2 HH2  sing N N 332 
TRP OXT HXT  sing N N 333 
TYR N   CA   sing N N 334 
TYR N   H    sing N N 335 
TYR N   H2   sing N N 336 
TYR CA  C    sing N N 337 
TYR CA  CB   sing N N 338 
TYR CA  HA   sing N N 339 
TYR C   O    doub N N 340 
TYR C   OXT  sing N N 341 
TYR CB  CG   sing N N 342 
TYR CB  HB2  sing N N 343 
TYR CB  HB3  sing N N 344 
TYR CG  CD1  doub Y N 345 
TYR CG  CD2  sing Y N 346 
TYR CD1 CE1  sing Y N 347 
TYR CD1 HD1  sing N N 348 
TYR CD2 CE2  doub Y N 349 
TYR CD2 HD2  sing N N 350 
TYR CE1 CZ   doub Y N 351 
TYR CE1 HE1  sing N N 352 
TYR CE2 CZ   sing Y N 353 
TYR CE2 HE2  sing N N 354 
TYR CZ  OH   sing N N 355 
TYR OH  HH   sing N N 356 
TYR OXT HXT  sing N N 357 
VAL N   CA   sing N N 358 
VAL N   H    sing N N 359 
VAL N   H2   sing N N 360 
VAL CA  C    sing N N 361 
VAL CA  CB   sing N N 362 
VAL CA  HA   sing N N 363 
VAL C   O    doub N N 364 
VAL C   OXT  sing N N 365 
VAL CB  CG1  sing N N 366 
VAL CB  CG2  sing N N 367 
VAL CB  HB   sing N N 368 
VAL CG1 HG11 sing N N 369 
VAL CG1 HG12 sing N N 370 
VAL CG1 HG13 sing N N 371 
VAL CG2 HG21 sing N N 372 
VAL CG2 HG22 sing N N 373 
VAL CG2 HG23 sing N N 374 
VAL OXT HXT  sing N N 375 
# 
_atom_sites.entry_id                    1THX 
_atom_sites.fract_transf_matrix[1][1]   0.02318175 
_atom_sites.fract_transf_matrix[1][2]   0.00683645 
_atom_sites.fract_transf_matrix[1][3]   0.00511438 
_atom_sites.fract_transf_matrix[2][1]   -0.00790172 
_atom_sites.fract_transf_matrix[2][2]   0.02343851 
_atom_sites.fract_transf_matrix[2][3]   0.00448531 
_atom_sites.fract_transf_matrix[3][1]   -0.00239096 
_atom_sites.fract_transf_matrix[3][2]   -0.00386987 
_atom_sites.fract_transf_matrix[3][3]   0.01601031 
_atom_sites.fract_transf_vector[1]      0.181130 
_atom_sites.fract_transf_vector[2]      0.755996 
_atom_sites.fract_transf_vector[3]      0.768669 
# 
_atom_sites_footnote.id     1 
_atom_sites_footnote.text   'CIS PROLINE - PRO      76' 
# 
loop_
_atom_type.symbol 
C 
H 
N 
O 
S 
# 
loop_
_atom_site.group_PDB 
_atom_site.id 
_atom_site.type_symbol 
_atom_site.label_atom_id 
_atom_site.label_alt_id 
_atom_site.label_comp_id 
_atom_site.label_asym_id 
_atom_site.label_entity_id 
_atom_site.label_seq_id 
_atom_site.pdbx_PDB_ins_code 
_atom_site.Cartn_x 
_atom_site.Cartn_y 
_atom_site.Cartn_z 
_atom_site.occupancy 
_atom_site.B_iso_or_equiv 
_atom_site.pdbx_formal_charge 
_atom_site.auth_seq_id 
_atom_site.auth_comp_id 
_atom_site.auth_asym_id 
_atom_site.auth_atom_id 
_atom_site.pdbx_PDB_model_num 
ATOM   1    N N    . SER A 1 6   ? 9.703   -10.198 -2.774  1.00 49.39 ? 1    SER A N    1 
ATOM   2    C CA   . SER A 1 6   ? 8.884   -9.005  -3.145  1.00 47.96 ? 1    SER A CA   1 
ATOM   3    C C    . SER A 1 6   ? 8.896   -8.665  -4.629  1.00 44.92 ? 1    SER A C    1 
ATOM   4    O O    . SER A 1 6   ? 9.065   -7.504  -5.003  1.00 46.65 ? 1    SER A O    1 
ATOM   5    C CB   . SER A 1 6   ? 9.304   -7.773  -2.302  1.00 50.54 ? 1    SER A CB   1 
ATOM   6    O OG   . SER A 1 6   ? 10.658  -7.831  -1.876  1.00 55.67 ? 1    SER A OG   1 
ATOM   7    H HG   . SER A 1 6   ? 11.049  -6.936  -1.873  1.00 0.00  ? 1    SER A HG   1 
ATOM   8    N N    . LYS A 1 7   ? 8.740   -9.655  -5.494  1.00 40.26 ? 2    LYS A N    1 
ATOM   9    C CA   . LYS A 1 7   ? 8.725   -9.335  -6.902  1.00 35.15 ? 2    LYS A CA   1 
ATOM   10   C C    . LYS A 1 7   ? 7.350   -8.714  -7.159  1.00 31.75 ? 2    LYS A C    1 
ATOM   11   O O    . LYS A 1 7   ? 7.263   -7.735  -7.888  1.00 34.67 ? 2    LYS A O    1 
ATOM   12   C CB   . LYS A 1 7   ? 8.976   -10.586 -7.748  0.50 35.25 ? 2    LYS A CB   1 
ATOM   13   C CG   . LYS A 1 7   ? 9.418   -10.308 -9.162  0.50 37.79 ? 2    LYS A CG   1 
ATOM   14   C CD   . LYS A 1 7   ? 10.706  -9.509  -9.196  0.50 39.20 ? 2    LYS A CD   1 
ATOM   15   C CE   . LYS A 1 7   ? 11.043  -9.047  -10.615 0.50 40.87 ? 2    LYS A CE   1 
ATOM   16   N NZ   . LYS A 1 7   ? 11.764  -10.051 -11.479 0.50 42.96 ? 2    LYS A NZ   1 
ATOM   17   H H    . LYS A 1 7   ? 8.615   -10.605 -5.273  1.00 0.00  ? 2    LYS A H    1 
ATOM   18   H HZ1  . LYS A 1 7   ? 11.307  -10.980 -11.545 1.00 0.00  ? 2    LYS A HZ1  1 
ATOM   19   H HZ2  . LYS A 1 7   ? 11.813  -9.681  -12.461 1.00 0.00  ? 2    LYS A HZ2  1 
ATOM   20   H HZ3  . LYS A 1 7   ? 12.765  -10.171 -11.210 1.00 0.00  ? 2    LYS A HZ3  1 
ATOM   21   N N    . GLY A 1 8   ? 6.321   -9.147  -6.422  1.00 25.75 ? 3    GLY A N    1 
ATOM   22   C CA   . GLY A 1 8   ? 4.979   -8.618  -6.660  1.00 19.15 ? 3    GLY A CA   1 
ATOM   23   C C    . GLY A 1 8   ? 4.204   -8.171  -5.433  1.00 17.04 ? 3    GLY A C    1 
ATOM   24   O O    . GLY A 1 8   ? 4.781   -7.909  -4.379  1.00 16.49 ? 3    GLY A O    1 
ATOM   25   H H    . GLY A 1 8   ? 6.423   -9.735  -5.646  1.00 0.00  ? 3    GLY A H    1 
ATOM   26   N N    . VAL A 1 9   ? 2.887   -8.108  -5.569  1.00 13.53 ? 4    VAL A N    1 
ATOM   27   C CA   . VAL A 1 9   ? 1.993   -7.640  -4.499  1.00 12.68 ? 4    VAL A CA   1 
ATOM   28   C C    . VAL A 1 9   ? 1.349   -8.799  -3.750  1.00 11.92 ? 4    VAL A C    1 
ATOM   29   O O    . VAL A 1 9   ? 0.912   -9.784  -4.366  1.00 11.77 ? 4    VAL A O    1 
ATOM   30   C CB   . VAL A 1 9   ? 0.819   -6.769  -5.084  1.00 12.59 ? 4    VAL A CB   1 
ATOM   31   C CG1  . VAL A 1 9   ? -0.090  -6.282  -3.980  1.00 11.12 ? 4    VAL A CG1  1 
ATOM   32   C CG2  . VAL A 1 9   ? 1.360   -5.609  -5.882  1.00 11.58 ? 4    VAL A CG2  1 
ATOM   33   H H    . VAL A 1 9   ? 2.478   -8.339  -6.423  1.00 0.00  ? 4    VAL A H    1 
ATOM   34   N N    . ILE A 1 10  ? 1.364   -8.729  -2.426  1.00 9.94  ? 5    ILE A N    1 
ATOM   35   C CA   . ILE A 1 10  ? 0.701   -9.763  -1.630  1.00 10.73 ? 5    ILE A CA   1 
ATOM   36   C C    . ILE A 1 10  ? -0.591  -9.170  -1.025  1.00 10.61 ? 5    ILE A C    1 
ATOM   37   O O    . ILE A 1 10  ? -0.614  -8.018  -0.534  1.00 10.92 ? 5    ILE A O    1 
ATOM   38   C CB   A ILE A 1 10  ? 1.586   -10.382 -0.504  0.50 12.92 ? 5    ILE A CB   1 
ATOM   39   C CB   B ILE A 1 10  ? 1.615   -10.230 -0.459  0.50 12.06 ? 5    ILE A CB   1 
ATOM   40   C CG1  A ILE A 1 10  ? 1.931   -9.339  0.565   0.50 13.70 ? 5    ILE A CG1  1 
ATOM   41   C CG1  B ILE A 1 10  ? 2.936   -10.805 -0.980  0.50 13.13 ? 5    ILE A CG1  1 
ATOM   42   C CG2  A ILE A 1 10  ? 2.827   -11.050 -1.106  0.50 14.15 ? 5    ILE A CG2  1 
ATOM   43   C CG2  B ILE A 1 10  ? 0.904   -11.233 0.418   0.50 9.90  ? 5    ILE A CG2  1 
ATOM   44   C CD1  A ILE A 1 10  ? 2.289   -9.937  1.929   0.50 13.12 ? 5    ILE A CD1  1 
ATOM   45   C CD1  B ILE A 1 10  ? 4.000   -9.764  -1.213  0.50 13.46 ? 5    ILE A CD1  1 
ATOM   46   H H    A ILE A 1 10  ? 1.814   -7.982  -1.980  0.50 0.00  ? 5    ILE A H    1 
ATOM   47   H H    B ILE A 1 10  ? 1.811   -7.982  -1.980  0.50 0.00  ? 5    ILE A H    1 
ATOM   48   N N    . THR A 1 11  ? -1.674  -9.916  -1.134  1.00 9.21  ? 6    THR A N    1 
ATOM   49   C CA   . THR A 1 11  ? -2.937  -9.499  -0.564  1.00 9.69  ? 6    THR A CA   1 
ATOM   50   C C    . THR A 1 11  ? -2.986  -10.048 0.844   1.00 10.43 ? 6    THR A C    1 
ATOM   51   O O    . THR A 1 11  ? -2.808  -11.244 1.046   1.00 11.22 ? 6    THR A O    1 
ATOM   52   C CB   . THR A 1 11  ? -4.103  -10.034 -1.375  1.00 9.28  ? 6    THR A CB   1 
ATOM   53   O OG1  . THR A 1 11  ? -4.074  -9.415  -2.657  1.00 12.07 ? 6    THR A OG1  1 
ATOM   54   C CG2  . THR A 1 11  ? -5.416  -9.724  -0.700  1.00 10.65 ? 6    THR A CG2  1 
ATOM   55   H H    . THR A 1 11  ? -1.658  -10.778 -1.592  1.00 0.00  ? 6    THR A H    1 
ATOM   56   H HG1  . THR A 1 11  ? -4.804  -9.758  -3.182  1.00 0.00  ? 6    THR A HG1  1 
ATOM   57   N N    . ILE A 1 12  ? -3.181  -9.161  1.821   1.00 11.26 ? 7    ILE A N    1 
ATOM   58   C CA   . ILE A 1 12  ? -3.243  -9.559  3.231   1.00 10.72 ? 7    ILE A CA   1 
ATOM   59   C C    . ILE A 1 12  ? -4.586  -9.227  3.876   1.00 10.03 ? 7    ILE A C    1 
ATOM   60   O O    . ILE A 1 12  ? -5.423  -8.547  3.283   1.00 10.71 ? 7    ILE A O    1 
ATOM   61   C CB   . ILE A 1 12  ? -2.103  -8.897  4.074   1.00 11.64 ? 7    ILE A CB   1 
ATOM   62   C CG1  . ILE A 1 12  ? -2.190  -7.371  4.011   1.00 13.23 ? 7    ILE A CG1  1 
ATOM   63   C CG2  . ILE A 1 12  ? -0.748  -9.381  3.576   1.00 14.41 ? 7    ILE A CG2  1 
ATOM   64   C CD1  . ILE A 1 12  ? -1.471  -6.659  5.142   1.00 16.14 ? 7    ILE A CD1  1 
ATOM   65   H H    . ILE A 1 12  ? -3.322  -8.217  1.596   1.00 0.00  ? 7    ILE A H    1 
ATOM   66   N N    . THR A 1 13  ? -4.770  -9.713  5.097   1.00 9.96  ? 8    THR A N    1 
ATOM   67   C CA   . THR A 1 13  ? -5.978  -9.474  5.854   1.00 11.13 ? 8    THR A CA   1 
ATOM   68   C C    . THR A 1 13  ? -5.565  -8.941  7.233   1.00 10.61 ? 8    THR A C    1 
ATOM   69   O O    . THR A 1 13  ? -4.372  -8.919  7.574   1.00 10.09 ? 8    THR A O    1 
ATOM   70   C CB   . THR A 1 13  ? -6.788  -10.797 6.074   1.00 12.67 ? 8    THR A CB   1 
ATOM   71   O OG1  . THR A 1 13  ? -5.986  -11.705 6.842   1.00 13.75 ? 8    THR A OG1  1 
ATOM   72   C CG2  . THR A 1 13  ? -7.191  -11.465 4.717   1.00 13.15 ? 8    THR A CG2  1 
ATOM   73   H H    . THR A 1 13  ? -4.071  -10.239 5.531   1.00 0.00  ? 8    THR A H    1 
ATOM   74   H HG1  . THR A 1 13  ? -6.422  -12.554 6.944   1.00 0.00  ? 8    THR A HG1  1 
ATOM   75   N N    . ASP A 1 14  ? -6.555  -8.549  8.038   1.00 10.41 ? 9    ASP A N    1 
ATOM   76   C CA   . ASP A 1 14  ? -6.315  -8.038  9.396   1.00 10.85 ? 9    ASP A CA   1 
ATOM   77   C C    . ASP A 1 14  ? -5.466  -9.016  10.191  1.00 10.55 ? 9    ASP A C    1 
ATOM   78   O O    . ASP A 1 14  ? -4.546  -8.617  10.880  1.00 11.73 ? 9    ASP A O    1 
ATOM   79   C CB   . ASP A 1 14  ? -7.640  -7.862  10.161  1.00 11.07 ? 9    ASP A CB   1 
ATOM   80   C CG   . ASP A 1 14  ? -8.313  -6.539  9.887   1.00 12.28 ? 9    ASP A CG   1 
ATOM   81   O OD1  . ASP A 1 14  ? -7.634  -5.622  9.387   1.00 11.68 ? 9    ASP A OD1  1 
ATOM   82   O OD2  . ASP A 1 14  ? -9.523  -6.410  10.176  1.00 9.87  ? 9    ASP A OD2  1 
ATOM   83   H H    . ASP A 1 14  ? -7.476  -8.605  7.694   1.00 0.00  ? 9    ASP A H    1 
ATOM   84   N N    . ALA A 1 15  ? -5.789  -10.299 10.063  1.00 11.11 ? 10   ALA A N    1 
ATOM   85   C CA   . ALA A 1 15  ? -5.097  -11.370 10.775  1.00 14.60 ? 10   ALA A CA   1 
ATOM   86   C C    . ALA A 1 15  ? -3.607  -11.484 10.457  1.00 14.39 ? 10   ALA A C    1 
ATOM   87   O O    . ALA A 1 15  ? -2.836  -11.985 11.270  1.00 14.76 ? 10   ALA A O    1 
ATOM   88   C CB   . ALA A 1 15  ? -5.776  -12.726 10.483  1.00 13.57 ? 10   ALA A CB   1 
ATOM   89   H H    . ALA A 1 15  ? -6.533  -10.534 9.470   1.00 0.00  ? 10   ALA A H    1 
ATOM   90   N N    . GLU A 1 16  ? -3.204  -11.024 9.279   1.00 13.46 ? 11   GLU A N    1 
ATOM   91   C CA   . GLU A 1 16  ? -1.814  -11.129 8.881   1.00 13.70 ? 11   GLU A CA   1 
ATOM   92   C C    . GLU A 1 16  ? -1.052  -9.839  8.919   1.00 13.03 ? 11   GLU A C    1 
ATOM   93   O O    . GLU A 1 16  ? 0.163   -9.822  8.687   1.00 12.81 ? 11   GLU A O    1 
ATOM   94   C CB   . GLU A 1 16  ? -1.749  -11.680 7.471   1.00 16.00 ? 11   GLU A CB   1 
ATOM   95   C CG   . GLU A 1 16  ? -2.280  -13.062 7.379   1.00 20.52 ? 11   GLU A CG   1 
ATOM   96   C CD   . GLU A 1 16  ? -3.174  -13.220 6.205   1.00 27.22 ? 11   GLU A CD   1 
ATOM   97   O OE1  . GLU A 1 16  ? -2.938  -12.541 5.180   1.00 26.78 ? 11   GLU A OE1  1 
ATOM   98   O OE2  . GLU A 1 16  ? -4.131  -14.016 6.316   1.00 33.70 ? 11   GLU A OE2  1 
ATOM   99   H H    . GLU A 1 16  ? -3.843  -10.619 8.669   1.00 0.00  ? 11   GLU A H    1 
ATOM   100  N N    . PHE A 1 17  ? -1.746  -8.772  9.270   1.00 12.16 ? 12   PHE A N    1 
ATOM   101  C CA   . PHE A 1 17  ? -1.143  -7.455  9.252   1.00 13.40 ? 12   PHE A CA   1 
ATOM   102  C C    . PHE A 1 17  ? 0.109   -7.293  10.102  1.00 11.97 ? 12   PHE A C    1 
ATOM   103  O O    . PHE A 1 17  ? 1.135   -6.766  9.646   1.00 11.23 ? 12   PHE A O    1 
ATOM   104  C CB   . PHE A 1 17  ? -2.189  -6.374  9.591   1.00 14.94 ? 12   PHE A CB   1 
ATOM   105  C CG   . PHE A 1 17  ? -1.674  -4.975  9.396   1.00 17.96 ? 12   PHE A CG   1 
ATOM   106  C CD1  . PHE A 1 17  ? -1.564  -4.445  8.110   1.00 18.86 ? 12   PHE A CD1  1 
ATOM   107  C CD2  . PHE A 1 17  ? -1.204  -4.232  10.482  1.00 19.18 ? 12   PHE A CD2  1 
ATOM   108  C CE1  . PHE A 1 17  ? -0.981  -3.195  7.905   1.00 20.49 ? 12   PHE A CE1  1 
ATOM   109  C CE2  . PHE A 1 17  ? -0.621  -2.991  10.289  1.00 18.12 ? 12   PHE A CE2  1 
ATOM   110  C CZ   . PHE A 1 17  ? -0.504  -2.478  9.019   1.00 17.91 ? 12   PHE A CZ   1 
ATOM   111  H H    . PHE A 1 17  ? -2.678  -8.863  9.548   1.00 0.00  ? 12   PHE A H    1 
ATOM   112  N N    . GLU A 1 18  ? 0.046   -7.783  11.327  1.00 12.46 ? 13   GLU A N    1 
ATOM   113  C CA   . GLU A 1 18  ? 1.186   -7.633  12.192  1.00 14.73 ? 13   GLU A CA   1 
ATOM   114  C C    . GLU A 1 18  ? 2.445   -8.322  11.696  1.00 11.68 ? 13   GLU A C    1 
ATOM   115  O O    . GLU A 1 18  ? 3.497   -7.708  11.643  1.00 14.34 ? 13   GLU A O    1 
ATOM   116  C CB   . GLU A 1 18  ? 0.844   -8.092  13.604  1.00 18.72 ? 13   GLU A CB   1 
ATOM   117  C CG   . GLU A 1 18  ? 1.900   -7.721  14.612  1.00 24.81 ? 13   GLU A CG   1 
ATOM   118  C CD   . GLU A 1 18  ? 1.604   -8.260  15.987  1.00 28.53 ? 13   GLU A CD   1 
ATOM   119  O OE1  . GLU A 1 18  ? 0.766   -9.174  16.104  1.00 28.29 ? 13   GLU A OE1  1 
ATOM   120  O OE2  . GLU A 1 18  ? 2.240   -7.776  16.948  1.00 34.31 ? 13   GLU A OE2  1 
ATOM   121  H H    . GLU A 1 18  ? -0.763  -8.236  11.642  1.00 0.00  ? 13   GLU A H    1 
ATOM   122  N N    . SER A 1 19  ? 2.348   -9.576  11.286  1.00 12.54 ? 14   SER A N    1 
ATOM   123  C CA   . SER A 1 19  ? 3.551   -10.285 10.815  1.00 12.39 ? 14   SER A CA   1 
ATOM   124  C C    . SER A 1 19  ? 4.014   -9.859  9.430   1.00 12.81 ? 14   SER A C    1 
ATOM   125  O O    . SER A 1 19  ? 5.224   -9.745  9.200   1.00 13.89 ? 14   SER A O    1 
ATOM   126  C CB   . SER A 1 19  ? 3.374   -11.804 10.865  1.00 17.11 ? 14   SER A CB   1 
ATOM   127  O OG   . SER A 1 19  ? 2.213   -12.214 10.156  1.00 22.91 ? 14   SER A OG   1 
ATOM   128  H H    . SER A 1 19  ? 1.491   -10.053 11.265  1.00 0.00  ? 14   SER A H    1 
ATOM   129  H HG   . SER A 1 19  ? 2.122   -13.172 10.206  1.00 0.00  ? 14   SER A HG   1 
ATOM   130  N N    . GLU A 1 20  ? 3.079   -9.585  8.516   1.00 9.64  ? 15   GLU A N    1 
ATOM   131  C CA   . GLU A 1 20  ? 3.467   -9.171  7.171   1.00 9.22  ? 15   GLU A CA   1 
ATOM   132  C C    . GLU A 1 20  ? 3.896   -7.699  7.043   1.00 9.74  ? 15   GLU A C    1 
ATOM   133  O O    . GLU A 1 20  ? 4.716   -7.352  6.188   1.00 10.17 ? 15   GLU A O    1 
ATOM   134  C CB   . GLU A 1 20  ? 2.326   -9.442  6.187   1.00 9.93  ? 15   GLU A CB   1 
ATOM   135  C CG   . GLU A 1 20  ? 2.033   -10.924 5.984   1.00 11.60 ? 15   GLU A CG   1 
ATOM   136  C CD   . GLU A 1 20  ? 3.172   -11.692 5.302   1.00 12.03 ? 15   GLU A CD   1 
ATOM   137  O OE1  . GLU A 1 20  ? 3.976   -11.104 4.556   1.00 13.19 ? 15   GLU A OE1  1 
ATOM   138  O OE2  . GLU A 1 20  ? 3.258   -12.915 5.497   1.00 14.92 ? 15   GLU A OE2  1 
ATOM   139  H H    . GLU A 1 20  ? 2.128   -9.689  8.740   1.00 0.00  ? 15   GLU A H    1 
ATOM   140  N N    . VAL A 1 21  ? 3.336   -6.823  7.874   1.00 9.10  ? 16   VAL A N    1 
ATOM   141  C CA   . VAL A 1 21  ? 3.672   -5.406  7.764   1.00 9.01  ? 16   VAL A CA   1 
ATOM   142  C C    . VAL A 1 21  ? 4.471   -4.801  8.937   1.00 9.87  ? 16   VAL A C    1 
ATOM   143  O O    . VAL A 1 21  ? 5.625   -4.352  8.758   1.00 11.07 ? 16   VAL A O    1 
ATOM   144  C CB   . VAL A 1 21  ? 2.383   -4.575  7.510   1.00 9.40  ? 16   VAL A CB   1 
ATOM   145  C CG1  . VAL A 1 21  ? 2.729   -3.091  7.309   1.00 10.44 ? 16   VAL A CG1  1 
ATOM   146  C CG2  . VAL A 1 21  ? 1.627   -5.142  6.275   1.00 9.21  ? 16   VAL A CG2  1 
ATOM   147  H H    . VAL A 1 21  ? 2.697   -7.135  8.547   1.00 0.00  ? 16   VAL A H    1 
ATOM   148  N N    . LEU A 1 22  ? 3.886   -4.819  10.128  1.00 9.39  ? 17   LEU A N    1 
ATOM   149  C CA   . LEU A 1 22  ? 4.546   -4.210  11.275  1.00 12.47 ? 17   LEU A CA   1 
ATOM   150  C C    . LEU A 1 22  ? 5.877   -4.819  11.585  1.00 14.06 ? 17   LEU A C    1 
ATOM   151  O O    . LEU A 1 22  ? 6.777   -4.121  11.997  1.00 15.51 ? 17   LEU A O    1 
ATOM   152  C CB   . LEU A 1 22  ? 3.662   -4.273  12.510  1.00 14.25 ? 17   LEU A CB   1 
ATOM   153  C CG   . LEU A 1 22  ? 2.393   -3.433  12.391  1.00 18.03 ? 17   LEU A CG   1 
ATOM   154  C CD1  . LEU A 1 22  ? 1.697   -3.439  13.732  1.00 19.58 ? 17   LEU A CD1  1 
ATOM   155  C CD2  . LEU A 1 22  ? 2.734   -2.003  11.981  1.00 18.32 ? 17   LEU A CD2  1 
ATOM   156  H H    . LEU A 1 22  ? 3.009   -5.246  10.231  1.00 0.00  ? 17   LEU A H    1 
ATOM   157  N N    . LYS A 1 23  ? 6.011   -6.127  11.406  1.00 14.57 ? 18   LYS A N    1 
ATOM   158  C CA   . LYS A 1 23  ? 7.278   -6.775  11.688  1.00 16.74 ? 18   LYS A CA   1 
ATOM   159  C C    . LYS A 1 23  ? 8.160   -7.015  10.464  1.00 17.18 ? 18   LYS A C    1 
ATOM   160  O O    . LYS A 1 23  ? 9.146   -7.739  10.548  1.00 18.74 ? 18   LYS A O    1 
ATOM   161  C CB   . LYS A 1 23  ? 7.015   -8.071  12.433  1.00 16.70 ? 18   LYS A CB   1 
ATOM   162  C CG   . LYS A 1 23  ? 6.558   -7.796  13.841  1.00 18.90 ? 18   LYS A CG   1 
ATOM   163  C CD   . LYS A 1 23  ? 5.939   -8.993  14.447  1.00 22.95 ? 18   LYS A CD   1 
ATOM   164  C CE   . LYS A 1 23  ? 5.718   -8.742  15.918  1.00 25.33 ? 18   LYS A CE   1 
ATOM   165  N NZ   . LYS A 1 23  ? 4.874   -9.831  16.470  1.00 30.34 ? 18   LYS A NZ   1 
ATOM   166  H H    . LYS A 1 23  ? 5.252   -6.663  11.083  1.00 0.00  ? 18   LYS A H    1 
ATOM   167  H HZ1  . LYS A 1 23  ? 5.287   -10.745 16.197  1.00 0.00  ? 18   LYS A HZ1  1 
ATOM   168  H HZ2  . LYS A 1 23  ? 4.871   -9.765  17.508  1.00 0.00  ? 18   LYS A HZ2  1 
ATOM   169  H HZ3  . LYS A 1 23  ? 3.902   -9.777  16.109  1.00 0.00  ? 18   LYS A HZ3  1 
ATOM   170  N N    . ALA A 1 24  ? 7.831   -6.410  9.329   1.00 16.63 ? 19   ALA A N    1 
ATOM   171  C CA   . ALA A 1 24  ? 8.641   -6.619  8.130   1.00 16.56 ? 19   ALA A CA   1 
ATOM   172  C C    . ALA A 1 24  ? 9.975   -5.932  8.325   1.00 19.07 ? 19   ALA A C    1 
ATOM   173  O O    . ALA A 1 24  ? 10.084  -4.958  9.069   1.00 19.17 ? 19   ALA A O    1 
ATOM   174  C CB   . ALA A 1 24  ? 7.946   -6.051  6.907   1.00 14.46 ? 19   ALA A CB   1 
ATOM   175  H H    . ALA A 1 24  ? 7.092   -5.776  9.292   1.00 0.00  ? 19   ALA A H    1 
ATOM   176  N N    . GLU A 1 25  ? 10.985  -6.407  7.616   1.00 21.49 ? 20   GLU A N    1 
ATOM   177  C CA   . GLU A 1 25  ? 12.296  -5.809  7.715   1.00 24.50 ? 20   GLU A CA   1 
ATOM   178  C C    . GLU A 1 25  ? 12.426  -4.568  6.845   1.00 24.03 ? 20   GLU A C    1 
ATOM   179  O O    . GLU A 1 25  ? 13.227  -3.711  7.145   1.00 29.32 ? 20   GLU A O    1 
ATOM   180  C CB   . GLU A 1 25  ? 13.370  -6.816  7.320   1.00 30.45 ? 20   GLU A CB   1 
ATOM   181  C CG   . GLU A 1 25  ? 14.597  -6.803  8.229   1.00 37.96 ? 20   GLU A CG   1 
ATOM   182  C CD   . GLU A 1 25  ? 14.302  -7.339  9.632   1.00 41.23 ? 20   GLU A CD   1 
ATOM   183  O OE1  . GLU A 1 25  ? 14.168  -8.575  9.792   1.00 44.80 ? 20   GLU A OE1  1 
ATOM   184  O OE2  . GLU A 1 25  ? 14.215  -6.521  10.577  1.00 44.80 ? 20   GLU A OE2  1 
ATOM   185  H H    . GLU A 1 25  ? 10.840  -7.169  7.031   1.00 0.00  ? 20   GLU A H    1 
ATOM   186  N N    . GLN A 1 26  ? 11.659  -4.466  5.769   1.00 21.95 ? 21   GLN A N    1 
ATOM   187  C CA   . GLN A 1 26  ? 11.742  -3.309  4.875   1.00 18.23 ? 21   GLN A CA   1 
ATOM   188  C C    . GLN A 1 26  ? 10.518  -2.396  4.966   1.00 17.63 ? 21   GLN A C    1 
ATOM   189  O O    . GLN A 1 26  ? 9.510   -2.751  5.569   1.00 15.03 ? 21   GLN A O    1 
ATOM   190  C CB   . GLN A 1 26  ? 11.768  -3.802  3.423   1.00 21.34 ? 21   GLN A CB   1 
ATOM   191  C CG   . GLN A 1 26  ? 12.986  -4.569  2.972   1.00 24.13 ? 21   GLN A CG   1 
ATOM   192  C CD   . GLN A 1 26  ? 12.649  -5.455  1.790   1.00 27.18 ? 21   GLN A CD   1 
ATOM   193  O OE1  . GLN A 1 26  ? 11.587  -6.091  1.765   1.00 28.70 ? 21   GLN A OE1  1 
ATOM   194  N NE2  . GLN A 1 26  ? 13.546  -5.519  0.812   1.00 28.54 ? 21   GLN A NE2  1 
ATOM   195  H H    . GLN A 1 26  ? 11.029  -5.171  5.541   1.00 0.00  ? 21   GLN A H    1 
ATOM   196  H HE21 . GLN A 1 26  ? 13.316  -6.078  0.039   1.00 0.00  ? 21   GLN A HE21 1 
ATOM   197  H HE22 . GLN A 1 26  ? 14.373  -5.004  0.887   1.00 0.00  ? 21   GLN A HE22 1 
ATOM   198  N N    . PRO A 1 27  ? 10.610  -1.183  4.379   1.00 16.11 ? 22   PRO A N    1 
ATOM   199  C CA   . PRO A 1 27  ? 9.457   -0.277  4.391   1.00 14.84 ? 22   PRO A CA   1 
ATOM   200  C C    . PRO A 1 27  ? 8.357   -1.030  3.580   1.00 12.47 ? 22   PRO A C    1 
ATOM   201  O O    . PRO A 1 27  ? 8.657   -1.824  2.662   1.00 11.29 ? 22   PRO A O    1 
ATOM   202  C CB   . PRO A 1 27  ? 9.950   0.923   3.557   1.00 16.28 ? 22   PRO A CB   1 
ATOM   203  C CG   . PRO A 1 27  ? 11.437  0.897   3.715   1.00 18.11 ? 22   PRO A CG   1 
ATOM   204  C CD   . PRO A 1 27  ? 11.765  -0.571  3.691   1.00 17.26 ? 22   PRO A CD   1 
ATOM   205  N N    . VAL A 1 28  ? 7.098   -0.760  3.895   1.00 9.75  ? 23   VAL A N    1 
ATOM   206  C CA   . VAL A 1 28  ? 5.985   -1.404  3.205   1.00 9.76  ? 23   VAL A CA   1 
ATOM   207  C C    . VAL A 1 28  ? 5.017   -0.373  2.626   1.00 8.51  ? 23   VAL A C    1 
ATOM   208  O O    . VAL A 1 28  ? 4.625   0.570   3.318   1.00 9.37  ? 23   VAL A O    1 
ATOM   209  C CB   . VAL A 1 28  ? 5.163   -2.321  4.182   1.00 7.67  ? 23   VAL A CB   1 
ATOM   210  C CG1  . VAL A 1 28  ? 3.993   -2.998  3.462   1.00 8.15  ? 23   VAL A CG1  1 
ATOM   211  C CG2  . VAL A 1 28  ? 6.048   -3.383  4.833   1.00 10.25 ? 23   VAL A CG2  1 
ATOM   212  H H    . VAL A 1 28  ? 6.903   -0.117  4.597   1.00 0.00  ? 23   VAL A H    1 
ATOM   213  N N    . LEU A 1 29  ? 4.658   -0.556  1.365   1.00 8.01  ? 24   LEU A N    1 
ATOM   214  C CA   . LEU A 1 29  ? 3.643   0.277   0.721   1.00 9.21  ? 24   LEU A CA   1 
ATOM   215  C C    . LEU A 1 29  ? 2.312   -0.494  0.877   1.00 9.26  ? 24   LEU A C    1 
ATOM   216  O O    . LEU A 1 29  ? 2.182   -1.624  0.423   1.00 10.41 ? 24   LEU A O    1 
ATOM   217  C CB   . LEU A 1 29  ? 3.938   0.503   -0.766  1.00 8.37  ? 24   LEU A CB   1 
ATOM   218  C CG   . LEU A 1 29  ? 2.862   1.292   -1.526  1.00 9.51  ? 24   LEU A CG   1 
ATOM   219  C CD1  . LEU A 1 29  ? 2.747   2.700   -0.953  1.00 10.54 ? 24   LEU A CD1  1 
ATOM   220  C CD2  . LEU A 1 29  ? 3.206   1.325   -3.023  1.00 10.27 ? 24   LEU A CD2  1 
ATOM   221  H H    . LEU A 1 29  ? 5.064   -1.286  0.864   1.00 0.00  ? 24   LEU A H    1 
ATOM   222  N N    . VAL A 1 30  ? 1.363   0.082   1.591   1.00 8.22  ? 25   VAL A N    1 
ATOM   223  C CA   . VAL A 1 30  ? 0.075   -0.563  1.822   1.00 9.09  ? 25   VAL A CA   1 
ATOM   224  C C    . VAL A 1 30  ? -0.968  0.132   0.920   1.00 9.03  ? 25   VAL A C    1 
ATOM   225  O O    . VAL A 1 30  ? -1.155  1.341   0.998   1.00 10.27 ? 25   VAL A O    1 
ATOM   226  C CB   . VAL A 1 30  ? -0.325  -0.444  3.314   1.00 10.66 ? 25   VAL A CB   1 
ATOM   227  C CG1  . VAL A 1 30  ? -1.616  -1.235  3.609   1.00 10.62 ? 25   VAL A CG1  1 
ATOM   228  C CG2  . VAL A 1 30  ? 0.829   -0.927  4.211   1.00 9.61  ? 25   VAL A CG2  1 
ATOM   229  H H    . VAL A 1 30  ? 1.523   0.959   1.968   1.00 0.00  ? 25   VAL A H    1 
ATOM   230  N N    . TYR A 1 31  ? -1.628  -0.638  0.068   1.00 7.07  ? 26   TYR A N    1 
ATOM   231  C CA   . TYR A 1 31  ? -2.618  -0.120  -0.854  1.00 7.52  ? 26   TYR A CA   1 
ATOM   232  C C    . TYR A 1 31  ? -3.998  -0.585  -0.428  1.00 7.09  ? 26   TYR A C    1 
ATOM   233  O O    . TYR A 1 31  ? -4.217  -1.784  -0.269  1.00 8.87  ? 26   TYR A O    1 
ATOM   234  C CB   . TYR A 1 31  ? -2.302  -0.657  -2.268  1.00 6.91  ? 26   TYR A CB   1 
ATOM   235  C CG   . TYR A 1 31  ? -3.417  -0.489  -3.284  1.00 8.35  ? 26   TYR A CG   1 
ATOM   236  C CD1  . TYR A 1 31  ? -4.044  0.757   -3.475  1.00 9.75  ? 26   TYR A CD1  1 
ATOM   237  C CD2  . TYR A 1 31  ? -3.802  -1.553  -4.097  1.00 9.31  ? 26   TYR A CD2  1 
ATOM   238  C CE1  . TYR A 1 31  ? -5.027  0.932   -4.461  1.00 9.91  ? 26   TYR A CE1  1 
ATOM   239  C CE2  . TYR A 1 31  ? -4.784  -1.388  -5.100  1.00 11.17 ? 26   TYR A CE2  1 
ATOM   240  C CZ   . TYR A 1 31  ? -5.387  -0.149  -5.267  1.00 10.48 ? 26   TYR A CZ   1 
ATOM   241  O OH   . TYR A 1 31  ? -6.332  0.016   -6.256  1.00 13.72 ? 26   TYR A OH   1 
ATOM   242  H H    . TYR A 1 31  ? -1.443  -1.600  0.063   1.00 0.00  ? 26   TYR A H    1 
ATOM   243  H HH   . TYR A 1 31  ? -6.628  0.928   -6.240  1.00 0.00  ? 26   TYR A HH   1 
ATOM   244  N N    . PHE A 1 32  ? -4.922  0.346   -0.245  1.00 6.87  ? 27   PHE A N    1 
ATOM   245  C CA   . PHE A 1 32  ? -6.307  0.003   0.137   1.00 8.42  ? 27   PHE A CA   1 
ATOM   246  C C    . PHE A 1 32  ? -7.225  0.163   -1.056  1.00 8.99  ? 27   PHE A C    1 
ATOM   247  O O    . PHE A 1 32  ? -7.191  1.182   -1.740  1.00 10.58 ? 27   PHE A O    1 
ATOM   248  C CB   . PHE A 1 32  ? -6.804  0.890   1.272   1.00 9.12  ? 27   PHE A CB   1 
ATOM   249  C CG   . PHE A 1 32  ? -6.014  0.738   2.551   1.00 9.39  ? 27   PHE A CG   1 
ATOM   250  C CD1  . PHE A 1 32  ? -4.857  1.489   2.752   1.00 9.38  ? 27   PHE A CD1  1 
ATOM   251  C CD2  . PHE A 1 32  ? -6.439  -0.135  3.549   1.00 10.27 ? 27   PHE A CD2  1 
ATOM   252  C CE1  . PHE A 1 32  ? -4.132  1.385   3.938   1.00 9.72  ? 27   PHE A CE1  1 
ATOM   253  C CE2  . PHE A 1 32  ? -5.707  -0.252  4.766   1.00 12.50 ? 27   PHE A CE2  1 
ATOM   254  C CZ   . PHE A 1 32  ? -4.553  0.514   4.952   1.00 10.68 ? 27   PHE A CZ   1 
ATOM   255  H H    . PHE A 1 32  ? -4.691  1.276   -0.389  1.00 0.00  ? 27   PHE A H    1 
ATOM   256  N N    . TRP A 1 33  ? -8.087  -0.813  -1.278  1.00 9.81  ? 28   TRP A N    1 
ATOM   257  C CA   . TRP A 1 33  ? -8.990  -0.779  -2.421  1.00 10.50 ? 28   TRP A CA   1 
ATOM   258  C C    . TRP A 1 33  ? -10.311 -1.467  -2.053  1.00 9.90  ? 28   TRP A C    1 
ATOM   259  O O    . TRP A 1 33  ? -10.445 -2.009  -0.955  1.00 11.03 ? 28   TRP A O    1 
ATOM   260  C CB   . TRP A 1 33  ? -8.308  -1.501  -3.603  1.00 9.84  ? 28   TRP A CB   1 
ATOM   261  C CG   . TRP A 1 33  ? -8.106  -2.961  -3.351  1.00 13.15 ? 28   TRP A CG   1 
ATOM   262  C CD1  . TRP A 1 33  ? -7.188  -3.541  -2.510  1.00 13.43 ? 28   TRP A CD1  1 
ATOM   263  C CD2  . TRP A 1 33  ? -8.911  -4.035  -3.850  1.00 16.45 ? 28   TRP A CD2  1 
ATOM   264  N NE1  . TRP A 1 33  ? -7.381  -4.903  -2.442  1.00 16.11 ? 28   TRP A NE1  1 
ATOM   265  C CE2  . TRP A 1 33  ? -8.437  -5.236  -3.255  1.00 18.12 ? 28   TRP A CE2  1 
ATOM   266  C CE3  . TRP A 1 33  ? -10.000 -4.097  -4.734  1.00 16.94 ? 28   TRP A CE3  1 
ATOM   267  C CZ2  . TRP A 1 33  ? -9.012  -6.484  -3.510  1.00 19.56 ? 28   TRP A CZ2  1 
ATOM   268  C CZ3  . TRP A 1 33  ? -10.570 -5.342  -4.995  1.00 21.07 ? 28   TRP A CZ3  1 
ATOM   269  C CH2  . TRP A 1 33  ? -10.073 -6.522  -4.380  1.00 19.15 ? 28   TRP A CH2  1 
ATOM   270  H H    . TRP A 1 33  ? -8.138  -1.570  -0.661  1.00 0.00  ? 28   TRP A H    1 
ATOM   271  H HE1  . TRP A 1 33  ? -6.820  -5.493  -1.906  1.00 0.00  ? 28   TRP A HE1  1 
ATOM   272  N N    . ALA A 1 34  ? -11.290 -1.436  -2.953  1.00 10.34 ? 29   ALA A N    1 
ATOM   273  C CA   . ALA A 1 34  ? -12.581 -2.100  -2.738  1.00 12.64 ? 29   ALA A CA   1 
ATOM   274  C C    . ALA A 1 34  ? -13.121 -2.518  -4.101  1.00 13.51 ? 29   ALA A C    1 
ATOM   275  O O    . ALA A 1 34  ? -12.770 -1.929  -5.119  1.00 12.70 ? 29   ALA A O    1 
ATOM   276  C CB   . ALA A 1 34  ? -13.586 -1.199  -2.006  1.00 11.72 ? 29   ALA A CB   1 
ATOM   277  H H    . ALA A 1 34  ? -11.144 -0.958  -3.801  1.00 0.00  ? 29   ALA A H    1 
ATOM   278  N N    . SER A 1 35  ? -13.953 -3.548  -4.119  1.00 15.02 ? 30   SER A N    1 
ATOM   279  C CA   . SER A 1 35  ? -14.494 -4.040  -5.375  1.00 17.22 ? 30   SER A CA   1 
ATOM   280  C C    . SER A 1 35  ? -15.454 -3.037  -5.990  1.00 16.41 ? 30   SER A C    1 
ATOM   281  O O    . SER A 1 35  ? -15.616 -3.008  -7.206  1.00 19.03 ? 30   SER A O    1 
ATOM   282  C CB   . SER A 1 35  ? -15.209 -5.370  -5.163  1.00 19.38 ? 30   SER A CB   1 
ATOM   283  O OG   . SER A 1 35  ? -16.235 -5.222  -4.191  1.00 25.89 ? 30   SER A OG   1 
ATOM   284  H H    . SER A 1 35  ? -14.229 -3.999  -3.291  1.00 0.00  ? 30   SER A H    1 
ATOM   285  H HG   . SER A 1 35  ? -16.734 -6.048  -4.115  1.00 0.00  ? 30   SER A HG   1 
ATOM   286  N N    . TRP A 1 36  ? -16.058 -2.199  -5.155  1.00 16.51 ? 31   TRP A N    1 
ATOM   287  C CA   . TRP A 1 36  ? -16.997 -1.200  -5.626  1.00 15.40 ? 31   TRP A CA   1 
ATOM   288  C C    . TRP A 1 36  ? -16.298 0.108   -5.986  1.00 16.18 ? 31   TRP A C    1 
ATOM   289  O O    . TRP A 1 36  ? -16.945 1.133   -6.234  1.00 18.38 ? 31   TRP A O    1 
ATOM   290  C CB   . TRP A 1 36  ? -18.085 -0.951  -4.570  1.00 15.46 ? 31   TRP A CB   1 
ATOM   291  C CG   . TRP A 1 36  ? -17.590 -0.923  -3.171  1.00 15.54 ? 31   TRP A CG   1 
ATOM   292  C CD1  . TRP A 1 36  ? -17.633 -1.944  -2.264  1.00 15.31 ? 31   TRP A CD1  1 
ATOM   293  C CD2  . TRP A 1 36  ? -16.931 0.161   -2.516  1.00 16.69 ? 31   TRP A CD2  1 
ATOM   294  N NE1  . TRP A 1 36  ? -17.034 -1.570  -1.099  1.00 13.90 ? 31   TRP A NE1  1 
ATOM   295  C CE2  . TRP A 1 36  ? -16.587 -0.278  -1.225  1.00 15.61 ? 31   TRP A CE2  1 
ATOM   296  C CE3  . TRP A 1 36  ? -16.578 1.467   -2.913  1.00 15.20 ? 31   TRP A CE3  1 
ATOM   297  C CZ2  . TRP A 1 36  ? -15.910 0.533   -0.312  1.00 16.21 ? 31   TRP A CZ2  1 
ATOM   298  C CZ3  . TRP A 1 36  ? -15.908 2.269   -2.015  1.00 16.26 ? 31   TRP A CZ3  1 
ATOM   299  C CH2  . TRP A 1 36  ? -15.571 1.804   -0.726  1.00 17.69 ? 31   TRP A CH2  1 
ATOM   300  H H    . TRP A 1 36  ? -15.875 -2.281  -4.205  1.00 0.00  ? 31   TRP A H    1 
ATOM   301  H HE1  . TRP A 1 36  ? -16.936 -2.119  -0.287  1.00 0.00  ? 31   TRP A HE1  1 
ATOM   302  N N    . CYS A 1 37  ? -14.979 0.075   -6.016  1.00 13.65 ? 32   CYS A N    1 
ATOM   303  C CA   . CYS A 1 37  ? -14.208 1.267   -6.313  1.00 13.66 ? 32   CYS A CA   1 
ATOM   304  C C    . CYS A 1 37  ? -13.678 1.313   -7.760  1.00 13.89 ? 32   CYS A C    1 
ATOM   305  O O    . CYS A 1 37  ? -12.683 0.678   -8.103  1.00 13.53 ? 32   CYS A O    1 
ATOM   306  C CB   . CYS A 1 37  ? -13.091 1.393   -5.281  1.00 12.38 ? 32   CYS A CB   1 
ATOM   307  S SG   . CYS A 1 37  ? -11.788 2.593   -5.655  1.00 11.18 ? 32   CYS A SG   1 
ATOM   308  H H    . CYS A 1 37  ? -14.491 -0.752  -5.866  1.00 0.00  ? 32   CYS A H    1 
ATOM   309  N N    . GLY A 1 38  ? -14.345 2.103   -8.601  1.00 13.70 ? 33   GLY A N    1 
ATOM   310  C CA   . GLY A 1 38  ? -13.941 2.215   -9.995  1.00 12.42 ? 33   GLY A CA   1 
ATOM   311  C C    . GLY A 1 38  ? -12.520 2.693   -10.234 1.00 12.70 ? 33   GLY A C    1 
ATOM   312  O O    . GLY A 1 38  ? -11.722 2.011   -10.908 1.00 14.13 ? 33   GLY A O    1 
ATOM   313  H H    . GLY A 1 38  ? -15.117 2.599   -8.265  1.00 0.00  ? 33   GLY A H    1 
ATOM   314  N N    . PRO A 1 39  ? -12.145 3.843   -9.659  1.00 12.85 ? 34   PRO A N    1 
ATOM   315  C CA   . PRO A 1 39  ? -10.787 4.359   -9.856  1.00 12.05 ? 34   PRO A CA   1 
ATOM   316  C C    . PRO A 1 39  ? -9.696  3.384   -9.358  1.00 14.12 ? 34   PRO A C    1 
ATOM   317  O O    . PRO A 1 39  ? -8.513  3.500   -9.731  1.00 14.48 ? 34   PRO A O    1 
ATOM   318  C CB   . PRO A 1 39  ? -10.801 5.663   -9.049  1.00 12.72 ? 34   PRO A CB   1 
ATOM   319  C CG   . PRO A 1 39  ? -12.244 6.102   -9.086  1.00 13.56 ? 34   PRO A CG   1 
ATOM   320  C CD   . PRO A 1 39  ? -12.970 4.783   -8.877  1.00 12.61 ? 34   PRO A CD   1 
ATOM   321  N N    . CYS A 1 40  ? -10.079 2.471   -8.463  1.00 11.27 ? 35   CYS A N    1 
ATOM   322  C CA   . CYS A 1 40  ? -9.141  1.488   -7.939  1.00 12.21 ? 35   CYS A CA   1 
ATOM   323  C C    . CYS A 1 40  ? -8.627  0.608   -9.048  1.00 14.05 ? 35   CYS A C    1 
ATOM   324  O O    . CYS A 1 40  ? -7.491  0.142   -8.994  1.00 13.55 ? 35   CYS A O    1 
ATOM   325  C CB   . CYS A 1 40  ? -9.801  0.623   -6.869  1.00 11.49 ? 35   CYS A CB   1 
ATOM   326  S SG   . CYS A 1 40  ? -10.075 1.542   -5.323  1.00 11.71 ? 35   CYS A SG   1 
ATOM   327  H H    . CYS A 1 40  ? -11.001 2.433   -8.132  1.00 0.00  ? 35   CYS A H    1 
ATOM   328  N N    . GLN A 1 41  ? -9.446  0.437   -10.086 1.00 15.49 ? 36   GLN A N    1 
ATOM   329  C CA   . GLN A 1 41  ? -9.062  -0.381  -11.239 1.00 18.52 ? 36   GLN A CA   1 
ATOM   330  C C    . GLN A 1 41  ? -7.864  0.206   -11.992 1.00 18.26 ? 36   GLN A C    1 
ATOM   331  O O    . GLN A 1 41  ? -7.058  -0.533  -12.572 1.00 19.14 ? 36   GLN A O    1 
ATOM   332  C CB   . GLN A 1 41  ? -10.242 -0.552  -12.176 1.00 21.72 ? 36   GLN A CB   1 
ATOM   333  C CG   . GLN A 1 41  ? -11.343 -1.376  -11.596 1.00 30.66 ? 36   GLN A CG   1 
ATOM   334  C CD   . GLN A 1 41  ? -12.289 -1.846  -12.686 1.00 39.29 ? 36   GLN A CD   1 
ATOM   335  O OE1  . GLN A 1 41  ? -11.858 -2.380  -13.728 1.00 45.28 ? 36   GLN A OE1  1 
ATOM   336  N NE2  . GLN A 1 41  ? -13.581 -1.627  -12.480 1.00 41.56 ? 36   GLN A NE2  1 
ATOM   337  H H    . GLN A 1 41  ? -10.332 0.855   -10.077 1.00 0.00  ? 36   GLN A H    1 
ATOM   338  H HE21 . GLN A 1 41  ? -14.112 -1.961  -13.240 1.00 0.00  ? 36   GLN A HE21 1 
ATOM   339  H HE22 . GLN A 1 41  ? -13.911 -1.182  -11.684 1.00 0.00  ? 36   GLN A HE22 1 
ATOM   340  N N    . LEU A 1 42  ? -7.747  1.533   -11.977 1.00 17.57 ? 37   LEU A N    1 
ATOM   341  C CA   . LEU A 1 42  ? -6.632  2.212   -12.616 1.00 17.78 ? 37   LEU A CA   1 
ATOM   342  C C    . LEU A 1 42  ? -5.357  2.061   -11.776 1.00 17.21 ? 37   LEU A C    1 
ATOM   343  O O    . LEU A 1 42  ? -4.264  1.950   -12.310 1.00 17.04 ? 37   LEU A O    1 
ATOM   344  C CB   . LEU A 1 42  ? -6.961  3.696   -12.778 1.00 19.21 ? 37   LEU A CB   1 
ATOM   345  C CG   . LEU A 1 42  ? -8.267  3.969   -13.520 1.00 23.43 ? 37   LEU A CG   1 
ATOM   346  C CD1  . LEU A 1 42  ? -8.548  5.472   -13.588 1.00 22.85 ? 37   LEU A CD1  1 
ATOM   347  C CD2  . LEU A 1 42  ? -8.161  3.397   -14.920 1.00 24.08 ? 37   LEU A CD2  1 
ATOM   348  H H    . LEU A 1 42  ? -8.434  2.064   -11.533 1.00 0.00  ? 37   LEU A H    1 
ATOM   349  N N    . MET A 1 43  ? -5.506  2.044   -10.458 1.00 15.23 ? 38   MET A N    1 
ATOM   350  C CA   . MET A 1 43  ? -4.352  1.919   -9.573  1.00 16.52 ? 38   MET A CA   1 
ATOM   351  C C    . MET A 1 43  ? -3.768  0.530   -9.433  1.00 16.45 ? 38   MET A C    1 
ATOM   352  O O    . MET A 1 43  ? -2.563  0.394   -9.329  1.00 18.31 ? 38   MET A O    1 
ATOM   353  C CB   . MET A 1 43  ? -4.679  2.429   -8.171  1.00 18.33 ? 38   MET A CB   1 
ATOM   354  C CG   . MET A 1 43  ? -4.733  3.918   -8.052  1.00 23.34 ? 38   MET A CG   1 
ATOM   355  S SD   . MET A 1 43  ? -3.125  4.666   -8.340  1.00 28.89 ? 38   MET A SD   1 
ATOM   356  C CE   . MET A 1 43  ? -2.379  4.480   -6.717  1.00 28.63 ? 38   MET A CE   1 
ATOM   357  H H    . MET A 1 43  ? -6.404  2.135   -10.083 1.00 0.00  ? 38   MET A H    1 
ATOM   358  N N    . SER A 1 44  ? -4.595  -0.501  -9.379  1.00 15.64 ? 39   SER A N    1 
ATOM   359  C CA   . SER A 1 44  ? -4.070  -1.847  -9.204  1.00 16.14 ? 39   SER A CA   1 
ATOM   360  C C    . SER A 1 44  ? -2.857  -2.197  -10.104 1.00 17.43 ? 39   SER A C    1 
ATOM   361  O O    . SER A 1 44  ? -1.847  -2.717  -9.619  1.00 16.87 ? 39   SER A O    1 
ATOM   362  C CB   . SER A 1 44  ? -5.179  -2.862  -9.355  1.00 16.18 ? 39   SER A CB   1 
ATOM   363  O OG   . SER A 1 44  ? -4.705  -4.143  -9.005  1.00 22.82 ? 39   SER A OG   1 
ATOM   364  H H    . SER A 1 44  ? -5.562  -0.357  -9.430  1.00 0.00  ? 39   SER A H    1 
ATOM   365  H HG   . SER A 1 44  ? -5.379  -4.797  -9.184  1.00 0.00  ? 39   SER A HG   1 
ATOM   366  N N    . PRO A 1 45  ? -2.936  -1.928  -11.420 1.00 17.63 ? 40   PRO A N    1 
ATOM   367  C CA   . PRO A 1 45  ? -1.819  -2.221  -12.336 1.00 18.31 ? 40   PRO A CA   1 
ATOM   368  C C    . PRO A 1 45  ? -0.551  -1.458  -11.951 1.00 18.39 ? 40   PRO A C    1 
ATOM   369  O O    . PRO A 1 45  ? 0.558   -1.974  -12.017 1.00 18.33 ? 40   PRO A O    1 
ATOM   370  C CB   . PRO A 1 45  ? -2.339  -1.692  -13.667 1.00 17.82 ? 40   PRO A CB   1 
ATOM   371  C CG   . PRO A 1 45  ? -3.784  -1.916  -13.561 1.00 18.59 ? 40   PRO A CG   1 
ATOM   372  C CD   . PRO A 1 45  ? -4.114  -1.488  -12.180 1.00 18.02 ? 40   PRO A CD   1 
ATOM   373  N N    . LEU A 1 46  ? -0.729  -0.203  -11.578 1.00 18.10 ? 41   LEU A N    1 
ATOM   374  C CA   . LEU A 1 46  ? 0.374   0.667   -11.190 1.00 17.63 ? 41   LEU A CA   1 
ATOM   375  C C    . LEU A 1 46  ? 1.064   0.207   -9.911  1.00 16.06 ? 41   LEU A C    1 
ATOM   376  O O    . LEU A 1 46  ? 2.260   0.367   -9.765  1.00 14.76 ? 41   LEU A O    1 
ATOM   377  C CB   . LEU A 1 46  ? -0.189  2.061   -10.981 1.00 21.54 ? 41   LEU A CB   1 
ATOM   378  C CG   . LEU A 1 46  ? 0.713   3.244   -11.159 1.00 26.96 ? 41   LEU A CG   1 
ATOM   379  C CD1  . LEU A 1 46  ? 1.536   3.034   -12.451 1.00 28.54 ? 41   LEU A CD1  1 
ATOM   380  C CD2  . LEU A 1 46  ? -0.204  4.512   -11.240 1.00 27.50 ? 41   LEU A CD2  1 
ATOM   381  H H    . LEU A 1 46  ? -1.637  0.169   -11.550 1.00 0.00  ? 41   LEU A H    1 
ATOM   382  N N    . ILE A 1 47  ? 0.285   -0.264  -8.945  1.00 12.73 ? 42   ILE A N    1 
ATOM   383  C CA   . ILE A 1 47  ? 0.847   -0.739  -7.696  1.00 14.32 ? 42   ILE A CA   1 
ATOM   384  C C    . ILE A 1 47  ? 1.710   -1.967  -7.993  1.00 15.10 ? 42   ILE A C    1 
ATOM   385  O O    . ILE A 1 47  ? 2.796   -2.152  -7.428  1.00 15.07 ? 42   ILE A O    1 
ATOM   386  C CB   . ILE A 1 47  ? -0.257  -1.130  -6.720  1.00 12.33 ? 42   ILE A CB   1 
ATOM   387  C CG1  . ILE A 1 47  ? -1.036  0.121   -6.334  1.00 14.79 ? 42   ILE A CG1  1 
ATOM   388  C CG2  . ILE A 1 47  ? 0.317   -1.808  -5.506  1.00 13.08 ? 42   ILE A CG2  1 
ATOM   389  C CD1  . ILE A 1 47  ? -0.185  1.284   -5.911  1.00 15.62 ? 42   ILE A CD1  1 
ATOM   390  H H    . ILE A 1 47  ? -0.690  -0.286  -9.077  1.00 0.00  ? 42   ILE A H    1 
ATOM   391  N N    . ASN A 1 48  ? 1.235   -2.795  -8.913  1.00 16.27 ? 43   ASN A N    1 
ATOM   392  C CA   . ASN A 1 48  ? 1.960   -4.006  -9.294  1.00 16.86 ? 43   ASN A CA   1 
ATOM   393  C C    . ASN A 1 48  ? 3.313   -3.587  -9.914  1.00 15.91 ? 43   ASN A C    1 
ATOM   394  O O    . ASN A 1 48  ? 4.356   -4.151  -9.585  1.00 14.94 ? 43   ASN A O    1 
ATOM   395  C CB   . ASN A 1 48  ? 1.086   -4.800  -10.264 1.00 18.44 ? 43   ASN A CB   1 
ATOM   396  C CG   . ASN A 1 48  ? 1.436   -6.254  -10.306 1.00 23.83 ? 43   ASN A CG   1 
ATOM   397  O OD1  . ASN A 1 48  ? 1.977   -6.835  -9.351  1.00 25.90 ? 43   ASN A OD1  1 
ATOM   398  N ND2  . ASN A 1 48  ? 1.107   -6.878  -11.420 1.00 27.26 ? 43   ASN A ND2  1 
ATOM   399  H H    . ASN A 1 48  ? 0.353   -2.606  -9.319  1.00 0.00  ? 43   ASN A H    1 
ATOM   400  H HD21 . ASN A 1 48  ? 1.328   -7.835  -11.450 1.00 0.00  ? 43   ASN A HD21 1 
ATOM   401  H HD22 . ASN A 1 48  ? 0.676   -6.373  -12.127 1.00 0.00  ? 43   ASN A HD22 1 
ATOM   402  N N    . LEU A 1 49  ? 3.292   -2.546  -10.749 1.00 14.85 ? 44   LEU A N    1 
ATOM   403  C CA   . LEU A 1 49  ? 4.515   -2.002  -11.379 1.00 17.84 ? 44   LEU A CA   1 
ATOM   404  C C    . LEU A 1 49  ? 5.539   -1.526  -10.344 1.00 17.09 ? 44   LEU A C    1 
ATOM   405  O O    . LEU A 1 49  ? 6.746   -1.739  -10.504 1.00 18.13 ? 44   LEU A O    1 
ATOM   406  C CB   . LEU A 1 49  ? 4.183   -0.816  -12.302 1.00 21.07 ? 44   LEU A CB   1 
ATOM   407  C CG   . LEU A 1 49  ? 5.318   0.089   -12.828 1.00 23.52 ? 44   LEU A CG   1 
ATOM   408  C CD1  . LEU A 1 49  ? 4.959   0.496   -14.214 1.00 26.93 ? 44   LEU A CD1  1 
ATOM   409  C CD2  . LEU A 1 49  ? 5.517   1.350   -11.982 1.00 24.58 ? 44   LEU A CD2  1 
ATOM   410  H H    . LEU A 1 49  ? 2.423   -2.154  -10.962 1.00 0.00  ? 44   LEU A H    1 
ATOM   411  N N    . ALA A 1 50  ? 5.069   -0.765  -9.364  1.00 14.95 ? 45   ALA A N    1 
ATOM   412  C CA   . ALA A 1 50  ? 5.935   -0.275  -8.304  1.00 16.41 ? 45   ALA A CA   1 
ATOM   413  C C    . ALA A 1 50  ? 6.606   -1.468  -7.576  1.00 17.92 ? 45   ALA A C    1 
ATOM   414  O O    . ALA A 1 50  ? 7.810   -1.425  -7.243  1.00 17.47 ? 45   ALA A O    1 
ATOM   415  C CB   . ALA A 1 50  ? 5.118   0.532   -7.301  1.00 16.28 ? 45   ALA A CB   1 
ATOM   416  H H    . ALA A 1 50  ? 4.112   -0.538  -9.358  1.00 0.00  ? 45   ALA A H    1 
ATOM   417  N N    . ALA A 1 51  ? 5.821   -2.519  -7.305  1.00 17.20 ? 46   ALA A N    1 
ATOM   418  C CA   . ALA A 1 51  ? 6.344   -3.692  -6.605  1.00 16.96 ? 46   ALA A CA   1 
ATOM   419  C C    . ALA A 1 51  ? 7.499   -4.309  -7.384  1.00 18.05 ? 46   ALA A C    1 
ATOM   420  O O    . ALA A 1 51  ? 8.560   -4.595  -6.821  1.00 17.28 ? 46   ALA A O    1 
ATOM   421  C CB   . ALA A 1 51  ? 5.238   -4.719  -6.409  1.00 18.14 ? 46   ALA A CB   1 
ATOM   422  H H    . ALA A 1 51  ? 4.874   -2.514  -7.578  1.00 0.00  ? 46   ALA A H    1 
ATOM   423  N N    . ASN A 1 52  ? 7.304   -4.488  -8.685  1.00 18.62 ? 47   ASN A N    1 
ATOM   424  C CA   . ASN A 1 52  ? 8.357   -5.080  -9.512  1.00 20.74 ? 47   ASN A CA   1 
ATOM   425  C C    . ASN A 1 52  ? 9.567   -4.142  -9.561  1.00 20.03 ? 47   ASN A C    1 
ATOM   426  O O    . ASN A 1 52  ? 10.689  -4.560  -9.368  1.00 22.50 ? 47   ASN A O    1 
ATOM   427  C CB   . ASN A 1 52  ? 7.864   -5.373  -10.938 1.00 23.02 ? 47   ASN A CB   1 
ATOM   428  C CG   . ASN A 1 52  ? 6.740   -6.407  -10.982 1.00 26.35 ? 47   ASN A CG   1 
ATOM   429  O OD1  . ASN A 1 52  ? 5.715   -6.183  -11.627 1.00 32.86 ? 47   ASN A OD1  1 
ATOM   430  N ND2  . ASN A 1 52  ? 6.920   -7.528  -10.314 1.00 28.05 ? 47   ASN A ND2  1 
ATOM   431  H H    . ASN A 1 52  ? 6.438   -4.253  -9.091  1.00 0.00  ? 47   ASN A H    1 
ATOM   432  H HD21 . ASN A 1 52  ? 6.172   -8.139  -10.328 1.00 0.00  ? 47   ASN A HD21 1 
ATOM   433  H HD22 . ASN A 1 52  ? 7.757   -7.674  -9.833  1.00 0.00  ? 47   ASN A HD22 1 
ATOM   434  N N    . THR A 1 53  ? 9.318   -2.862  -9.750  1.00 19.07 ? 48   THR A N    1 
ATOM   435  C CA   . THR A 1 53  ? 10.381  -1.879  -9.829  1.00 19.24 ? 48   THR A CA   1 
ATOM   436  C C    . THR A 1 53  ? 11.254  -1.733  -8.577  1.00 20.15 ? 48   THR A C    1 
ATOM   437  O O    . THR A 1 53  ? 12.473  -1.527  -8.677  1.00 20.69 ? 48   THR A O    1 
ATOM   438  C CB   . THR A 1 53  ? 9.782   -0.533  -10.215 1.00 21.11 ? 48   THR A CB   1 
ATOM   439  O OG1  . THR A 1 53  ? 9.242   -0.637  -11.541 1.00 25.18 ? 48   THR A OG1  1 
ATOM   440  C CG2  . THR A 1 53  ? 10.794  0.589   -10.143 1.00 22.35 ? 48   THR A CG2  1 
ATOM   441  H H    . THR A 1 53  ? 8.386   -2.552  -9.858  1.00 0.00  ? 48   THR A H    1 
ATOM   442  H HG1  . THR A 1 53  ? 8.899   0.231   -11.752 1.00 0.00  ? 48   THR A HG1  1 
ATOM   443  N N    . TYR A 1 54  ? 10.650  -1.776  -7.399  1.00 17.52 ? 49   TYR A N    1 
ATOM   444  C CA   . TYR A 1 54  ? 11.435  -1.641  -6.179  1.00 18.42 ? 49   TYR A CA   1 
ATOM   445  C C    . TYR A 1 54  ? 11.525  -2.967  -5.456  1.00 18.97 ? 49   TYR A C    1 
ATOM   446  O O    . TYR A 1 54  ? 11.692  -2.986  -4.239  1.00 16.80 ? 49   TYR A O    1 
ATOM   447  C CB   . TYR A 1 54  ? 10.789  -0.605  -5.256  1.00 19.06 ? 49   TYR A CB   1 
ATOM   448  C CG   . TYR A 1 54  ? 10.770  0.776   -5.842  1.00 21.27 ? 49   TYR A CG   1 
ATOM   449  C CD1  . TYR A 1 54  ? 11.850  1.641   -5.670  1.00 25.40 ? 49   TYR A CD1  1 
ATOM   450  C CD2  . TYR A 1 54  ? 9.683   1.219   -6.585  1.00 23.54 ? 49   TYR A CD2  1 
ATOM   451  C CE1  . TYR A 1 54  ? 11.846  2.925   -6.224  1.00 25.72 ? 49   TYR A CE1  1 
ATOM   452  C CE2  . TYR A 1 54  ? 9.661   2.487   -7.134  1.00 25.09 ? 49   TYR A CE2  1 
ATOM   453  C CZ   . TYR A 1 54  ? 10.746  3.341   -6.948  1.00 26.47 ? 49   TYR A CZ   1 
ATOM   454  O OH   . TYR A 1 54  ? 10.689  4.632   -7.431  1.00 28.22 ? 49   TYR A OH   1 
ATOM   455  H H    . TYR A 1 54  ? 9.678   -1.908  -7.340  1.00 0.00  ? 49   TYR A H    1 
ATOM   456  H HH   . TYR A 1 54  ? 11.520  5.051   -7.322  1.00 0.00  ? 49   TYR A HH   1 
ATOM   457  N N    . SER A 1 55  ? 11.474  -4.071  -6.204  1.00 19.76 ? 50   SER A N    1 
ATOM   458  C CA   . SER A 1 55  ? 11.476  -5.398  -5.587  1.00 21.74 ? 50   SER A CA   1 
ATOM   459  C C    . SER A 1 55  ? 12.516  -5.649  -4.510  1.00 21.17 ? 50   SER A C    1 
ATOM   460  O O    . SER A 1 55  ? 12.229  -6.326  -3.534  1.00 22.84 ? 50   SER A O    1 
ATOM   461  C CB   . SER A 1 55  ? 11.492  -6.520  -6.635  1.00 22.00 ? 50   SER A CB   1 
ATOM   462  O OG   . SER A 1 55  ? 12.676  -6.473  -7.417  1.00 28.84 ? 50   SER A OG   1 
ATOM   463  H H    . SER A 1 55  ? 11.426  -4.023  -7.187  1.00 0.00  ? 50   SER A H    1 
ATOM   464  H HG   . SER A 1 55  ? 12.589  -7.149  -8.095  1.00 0.00  ? 50   SER A HG   1 
ATOM   465  N N    . ASP A 1 56  ? 13.706  -5.089  -4.645  1.00 20.74 ? 51   ASP A N    1 
ATOM   466  C CA   . ASP A 1 56  ? 14.715  -5.331  -3.629  1.00 24.07 ? 51   ASP A CA   1 
ATOM   467  C C    . ASP A 1 56  ? 14.734  -4.368  -2.432  1.00 24.07 ? 51   ASP A C    1 
ATOM   468  O O    . ASP A 1 56  ? 15.490  -4.599  -1.478  1.00 24.73 ? 51   ASP A O    1 
ATOM   469  C CB   . ASP A 1 56  ? 16.111  -5.356  -4.256  1.00 26.61 ? 51   ASP A CB   1 
ATOM   470  C CG   . ASP A 1 56  ? 16.288  -6.481  -5.265  1.00 32.51 ? 51   ASP A CG   1 
ATOM   471  O OD1  . ASP A 1 56  ? 15.580  -7.509  -5.185  1.00 33.26 ? 51   ASP A OD1  1 
ATOM   472  O OD2  . ASP A 1 56  ? 17.155  -6.325  -6.159  1.00 37.84 ? 51   ASP A OD2  1 
ATOM   473  H H    . ASP A 1 56  ? 13.896  -4.529  -5.422  1.00 0.00  ? 51   ASP A H    1 
ATOM   474  N N    . ARG A 1 57  ? 13.918  -3.317  -2.448  1.00 21.31 ? 52   ARG A N    1 
ATOM   475  C CA   . ARG A 1 57  ? 13.959  -2.341  -1.360  1.00 21.92 ? 52   ARG A CA   1 
ATOM   476  C C    . ARG A 1 57  ? 12.633  -2.041  -0.705  1.00 19.88 ? 52   ARG A C    1 
ATOM   477  O O    . ARG A 1 57  ? 12.585  -1.286  0.259   1.00 19.30 ? 52   ARG A O    1 
ATOM   478  C CB   . ARG A 1 57  ? 14.482  -0.985  -1.864  1.00 26.68 ? 52   ARG A CB   1 
ATOM   479  C CG   . ARG A 1 57  ? 15.379  -1.050  -3.092  1.00 35.01 ? 52   ARG A CG   1 
ATOM   480  C CD   . ARG A 1 57  ? 16.376  0.121   -3.142  1.00 40.81 ? 52   ARG A CD   1 
ATOM   481  N NE   . ARG A 1 57  ? 15.852  1.390   -3.657  1.00 45.70 ? 52   ARG A NE   1 
ATOM   482  C CZ   . ARG A 1 57  ? 15.370  1.561   -4.887  1.00 48.89 ? 52   ARG A CZ   1 
ATOM   483  N NH1  . ARG A 1 57  ? 15.314  0.533   -5.746  1.00 49.89 ? 52   ARG A NH1  1 
ATOM   484  N NH2  . ARG A 1 57  ? 15.064  2.789   -5.308  1.00 50.35 ? 52   ARG A NH2  1 
ATOM   485  H H    . ARG A 1 57  ? 13.298  -3.195  -3.184  1.00 0.00  ? 52   ARG A H    1 
ATOM   486  H HE   . ARG A 1 57  ? 15.906  2.194   -3.101  1.00 0.00  ? 52   ARG A HE   1 
ATOM   487  H HH11 . ARG A 1 57  ? 15.649  -0.370  -5.475  1.00 0.00  ? 52   ARG A HH11 1 
ATOM   488  H HH12 . ARG A 1 57  ? 14.979  0.658   -6.679  1.00 0.00  ? 52   ARG A HH12 1 
ATOM   489  H HH21 . ARG A 1 57  ? 15.210  3.592   -4.736  1.00 0.00  ? 52   ARG A HH21 1 
ATOM   490  H HH22 . ARG A 1 57  ? 14.738  2.895   -6.251  1.00 0.00  ? 52   ARG A HH22 1 
ATOM   491  N N    . LEU A 1 58  ? 11.574  -2.677  -1.178  1.00 17.22 ? 53   LEU A N    1 
ATOM   492  C CA   . LEU A 1 58  ? 10.238  -2.373  -0.697  1.00 13.72 ? 53   LEU A CA   1 
ATOM   493  C C    . LEU A 1 58  ? 9.348   -3.587  -0.745  1.00 11.99 ? 53   LEU A C    1 
ATOM   494  O O    . LEU A 1 58  ? 9.471   -4.409  -1.653  1.00 13.53 ? 53   LEU A O    1 
ATOM   495  C CB   . LEU A 1 58  ? 9.640   -1.323  -1.672  1.00 13.71 ? 53   LEU A CB   1 
ATOM   496  C CG   . LEU A 1 58  ? 8.219   -0.788  -1.460  1.00 13.74 ? 53   LEU A CG   1 
ATOM   497  C CD1  . LEU A 1 58  ? 8.214   0.121   -0.221  1.00 12.59 ? 53   LEU A CD1  1 
ATOM   498  C CD2  . LEU A 1 58  ? 7.749   -0.042  -2.698  1.00 12.54 ? 53   LEU A CD2  1 
ATOM   499  H H    . LEU A 1 58  ? 11.646  -3.372  -1.865  1.00 0.00  ? 53   LEU A H    1 
ATOM   500  N N    . LYS A 1 59  ? 8.427   -3.682  0.204   1.00 9.18  ? 54   LYS A N    1 
ATOM   501  C CA   . LYS A 1 59  ? 7.443   -4.764  0.206   1.00 8.61  ? 54   LYS A CA   1 
ATOM   502  C C    . LYS A 1 59  ? 6.108   -4.080  -0.095  1.00 8.68  ? 54   LYS A C    1 
ATOM   503  O O    . LYS A 1 59  ? 5.809   -3.014  0.465   1.00 10.38 ? 54   LYS A O    1 
ATOM   504  C CB   . LYS A 1 59  ? 7.396   -5.473  1.562   1.00 9.82  ? 54   LYS A CB   1 
ATOM   505  C CG   . LYS A 1 59  ? 6.362   -6.577  1.681   1.00 8.60  ? 54   LYS A CG   1 
ATOM   506  C CD   . LYS A 1 59  ? 6.460   -7.241  3.039   1.00 10.66 ? 54   LYS A CD   1 
ATOM   507  C CE   . LYS A 1 59  ? 5.535   -8.433  3.163   1.00 11.80 ? 54   LYS A CE   1 
ATOM   508  N NZ   . LYS A 1 59  ? 5.814   -9.204  4.420   1.00 11.54 ? 54   LYS A NZ   1 
ATOM   509  H H    . LYS A 1 59  ? 8.380   -3.001  0.918   1.00 0.00  ? 54   LYS A H    1 
ATOM   510  H HZ1  . LYS A 1 59  ? 5.904   -8.530  5.195   1.00 0.00  ? 54   LYS A HZ1  1 
ATOM   511  H HZ2  . LYS A 1 59  ? 5.072   -9.843  4.659   1.00 0.00  ? 54   LYS A HZ2  1 
ATOM   512  H HZ3  . LYS A 1 59  ? 6.709   -9.710  4.324   1.00 0.00  ? 54   LYS A HZ3  1 
ATOM   513  N N    . VAL A 1 60  ? 5.326   -4.657  -1.000  1.00 8.61  ? 55   VAL A N    1 
ATOM   514  C CA   . VAL A 1 60  ? 4.039   -4.082  -1.353  1.00 9.31  ? 55   VAL A CA   1 
ATOM   515  C C    . VAL A 1 60  ? 2.875   -5.038  -1.011  1.00 10.76 ? 55   VAL A C    1 
ATOM   516  O O    . VAL A 1 60  ? 2.851   -6.205  -1.422  1.00 10.06 ? 55   VAL A O    1 
ATOM   517  C CB   . VAL A 1 60  ? 3.966   -3.659  -2.869  1.00 10.29 ? 55   VAL A CB   1 
ATOM   518  C CG1  . VAL A 1 60  ? 2.650   -2.967  -3.122  1.00 9.14  ? 55   VAL A CG1  1 
ATOM   519  C CG2  . VAL A 1 60  ? 5.103   -2.689  -3.240  1.00 7.74  ? 55   VAL A CG2  1 
ATOM   520  H H    . VAL A 1 60  ? 5.612   -5.493  -1.430  1.00 0.00  ? 55   VAL A H    1 
ATOM   521  N N    . VAL A 1 61  ? 1.909   -4.536  -0.247  1.00 9.98  ? 56   VAL A N    1 
ATOM   522  C CA   . VAL A 1 61  ? 0.772   -5.360  0.136   1.00 10.04 ? 56   VAL A CA   1 
ATOM   523  C C    . VAL A 1 61  ? -0.511  -4.593  -0.151  1.00 9.58  ? 56   VAL A C    1 
ATOM   524  O O    . VAL A 1 61  ? -0.495  -3.374  -0.303  1.00 8.43  ? 56   VAL A O    1 
ATOM   525  C CB   . VAL A 1 61  ? 0.769   -5.710  1.653   1.00 10.83 ? 56   VAL A CB   1 
ATOM   526  C CG1  . VAL A 1 61  ? 2.110   -6.298  2.072   1.00 10.45 ? 56   VAL A CG1  1 
ATOM   527  C CG2  . VAL A 1 61  ? 0.430   -4.464  2.502   1.00 10.01 ? 56   VAL A CG2  1 
ATOM   528  H H    . VAL A 1 61  ? 1.930   -3.586  0.039   1.00 0.00  ? 56   VAL A H    1 
ATOM   529  N N    . LYS A 1 62  ? -1.609  -5.330  -0.262  1.00 8.92  ? 57   LYS A N    1 
ATOM   530  C CA   . LYS A 1 62  ? -2.888  -4.702  -0.497  1.00 8.63  ? 57   LYS A CA   1 
ATOM   531  C C    . LYS A 1 62  ? -3.988  -5.342  0.334   1.00 9.64  ? 57   LYS A C    1 
ATOM   532  O O    . LYS A 1 62  ? -3.904  -6.517  0.693   1.00 9.59  ? 57   LYS A O    1 
ATOM   533  C CB   . LYS A 1 62  ? -3.239  -4.648  -1.987  1.00 10.43 ? 57   LYS A CB   1 
ATOM   534  C CG   . LYS A 1 62  ? -3.550  -5.936  -2.674  1.00 13.03 ? 57   LYS A CG   1 
ATOM   535  C CD   . LYS A 1 62  ? -3.826  -5.559  -4.116  1.00 16.63 ? 57   LYS A CD   1 
ATOM   536  C CE   . LYS A 1 62  ? -4.300  -6.666  -4.981  1.00 19.83 ? 57   LYS A CE   1 
ATOM   537  N NZ   . LYS A 1 62  ? -4.666  -6.013  -6.292  1.00 19.93 ? 57   LYS A NZ   1 
ATOM   538  H H    . LYS A 1 62  ? -1.579  -6.308  -0.161  1.00 0.00  ? 57   LYS A H    1 
ATOM   539  H HZ1  . LYS A 1 62  ? -3.881  -5.412  -6.608  1.00 0.00  ? 57   LYS A HZ1  1 
ATOM   540  H HZ2  . LYS A 1 62  ? -4.824  -6.782  -6.969  1.00 0.00  ? 57   LYS A HZ2  1 
ATOM   541  H HZ3  . LYS A 1 62  ? -5.539  -5.457  -6.196  1.00 0.00  ? 57   LYS A HZ3  1 
ATOM   542  N N    . LEU A 1 63  ? -4.932  -4.506  0.765   1.00 12.25 ? 58   LEU A N    1 
ATOM   543  C CA   . LEU A 1 63  ? -6.065  -4.929  1.580   1.00 11.64 ? 58   LEU A CA   1 
ATOM   544  C C    . LEU A 1 63  ? -7.347  -4.349  1.027   1.00 12.06 ? 58   LEU A C    1 
ATOM   545  O O    . LEU A 1 63  ? -7.421  -3.152  0.720   1.00 11.51 ? 58   LEU A O    1 
ATOM   546  C CB   . LEU A 1 63  ? -5.962  -4.381  2.997   1.00 16.74 ? 58   LEU A CB   1 
ATOM   547  C CG   . LEU A 1 63  ? -5.045  -5.047  3.996   1.00 21.50 ? 58   LEU A CG   1 
ATOM   548  C CD1  . LEU A 1 63  ? -3.766  -4.190  4.108   1.00 23.50 ? 58   LEU A CD1  1 
ATOM   549  C CD2  . LEU A 1 63  ? -5.747  -5.132  5.315   1.00 18.45 ? 58   LEU A CD2  1 
ATOM   550  H H    . LEU A 1 63  ? -4.870  -3.556  0.538   1.00 0.00  ? 58   LEU A H    1 
ATOM   551  N N    . GLU A 1 64  ? -8.366  -5.197  0.988   1.00 11.33 ? 59   GLU A N    1 
ATOM   552  C CA   . GLU A 1 64  ? -9.702  -4.823  0.575   1.00 12.07 ? 59   GLU A CA   1 
ATOM   553  C C    . GLU A 1 64  ? -10.286 -4.209  1.849   1.00 12.22 ? 59   GLU A C    1 
ATOM   554  O O    . GLU A 1 64  ? -10.108 -4.749  2.951   1.00 11.70 ? 59   GLU A O    1 
ATOM   555  C CB   . GLU A 1 64  ? -10.452 -6.091  0.235   1.00 13.97 ? 59   GLU A CB   1 
ATOM   556  C CG   . GLU A 1 64  ? -11.734 -5.885  -0.471  1.00 20.41 ? 59   GLU A CG   1 
ATOM   557  C CD   . GLU A 1 64  ? -12.307 -7.200  -0.965  1.00 25.67 ? 59   GLU A CD   1 
ATOM   558  O OE1  . GLU A 1 64  ? -11.702 -8.288  -0.711  1.00 26.73 ? 59   GLU A OE1  1 
ATOM   559  O OE2  . GLU A 1 64  ? -13.368 -7.145  -1.616  1.00 29.86 ? 59   GLU A OE2  1 
ATOM   560  H H    . GLU A 1 64  ? -8.203  -6.110  1.280   1.00 0.00  ? 59   GLU A H    1 
ATOM   561  N N    . ILE A 1 65  ? -10.998 -3.101  1.738   1.00 12.36 ? 60   ILE A N    1 
ATOM   562  C CA   . ILE A 1 65  ? -11.502 -2.498  2.971   1.00 13.41 ? 60   ILE A CA   1 
ATOM   563  C C    . ILE A 1 65  ? -12.647 -3.214  3.666   1.00 12.38 ? 60   ILE A C    1 
ATOM   564  O O    . ILE A 1 65  ? -12.650 -3.338  4.882   1.00 12.59 ? 60   ILE A O    1 
ATOM   565  C CB   . ILE A 1 65  ? -11.847 -0.944  2.872   1.00 16.83 ? 60   ILE A CB   1 
ATOM   566  C CG1  . ILE A 1 65  ? -13.011 -0.688  1.926   1.00 17.63 ? 60   ILE A CG1  1 
ATOM   567  C CG2  . ILE A 1 65  ? -10.606 -0.111  2.507   1.00 14.56 ? 60   ILE A CG2  1 
ATOM   568  C CD1  . ILE A 1 65  ? -13.537 0.724   2.035   1.00 22.38 ? 60   ILE A CD1  1 
ATOM   569  H H    . ILE A 1 65  ? -11.130 -2.679  0.857   1.00 0.00  ? 60   ILE A H    1 
ATOM   570  N N    . ASP A 1 66  ? -13.564 -3.774  2.900   1.00 12.72 ? 61   ASP A N    1 
ATOM   571  C CA   . ASP A 1 66  ? -14.722 -4.399  3.515   1.00 13.55 ? 61   ASP A CA   1 
ATOM   572  C C    . ASP A 1 66  ? -14.484 -5.472  4.594   1.00 12.33 ? 61   ASP A C    1 
ATOM   573  O O    . ASP A 1 66  ? -15.007 -5.359  5.695   1.00 13.18 ? 61   ASP A O    1 
ATOM   574  C CB   . ASP A 1 66  ? -15.710 -4.883  2.443   0.50 13.03 ? 61   ASP A CB   1 
ATOM   575  C CG   . ASP A 1 66  ? -16.320 -3.730  1.631   0.50 14.49 ? 61   ASP A CG   1 
ATOM   576  O OD1  . ASP A 1 66  ? -16.071 -2.545  1.927   0.50 17.24 ? 61   ASP A OD1  1 
ATOM   577  O OD2  . ASP A 1 66  ? -17.073 -4.019  0.691   0.50 16.44 ? 61   ASP A OD2  1 
ATOM   578  H H    . ASP A 1 66  ? -13.455 -3.746  1.925   1.00 0.00  ? 61   ASP A H    1 
ATOM   579  N N    . PRO A 1 67  ? -13.631 -6.469  4.317   1.00 12.14 ? 62   PRO A N    1 
ATOM   580  C CA   . PRO A 1 67  ? -13.362 -7.542  5.283   1.00 12.28 ? 62   PRO A CA   1 
ATOM   581  C C    . PRO A 1 67  ? -12.290 -7.244  6.320   1.00 12.31 ? 62   PRO A C    1 
ATOM   582  O O    . PRO A 1 67  ? -11.991 -8.096  7.173   1.00 13.29 ? 62   PRO A O    1 
ATOM   583  C CB   . PRO A 1 67  ? -12.859 -8.682  4.384   1.00 13.85 ? 62   PRO A CB   1 
ATOM   584  C CG   . PRO A 1 67  ? -12.843 -8.141  2.985   1.00 13.19 ? 62   PRO A CG   1 
ATOM   585  C CD   . PRO A 1 67  ? -12.847 -6.678  3.094   1.00 12.42 ? 62   PRO A CD   1 
ATOM   586  N N    . ASN A 1 68  ? -11.731 -6.043  6.277   1.00 9.46  ? 63   ASN A N    1 
ATOM   587  C CA   . ASN A 1 68  ? -10.633 -5.720  7.172   1.00 9.76  ? 63   ASN A CA   1 
ATOM   588  C C    . ASN A 1 68  ? -10.847 -4.443  7.956   1.00 11.09 ? 63   ASN A C    1 
ATOM   589  O O    . ASN A 1 68  ? -10.007 -3.525  7.895   1.00 10.48 ? 63   ASN A O    1 
ATOM   590  C CB   . ASN A 1 68  ? -9.364  -5.635  6.332   1.00 9.44  ? 63   ASN A CB   1 
ATOM   591  C CG   . ASN A 1 68  ? -9.053  -6.952  5.653   1.00 11.38 ? 63   ASN A CG   1 
ATOM   592  O OD1  . ASN A 1 68  ? -8.817  -7.975  6.319   1.00 11.86 ? 63   ASN A OD1  1 
ATOM   593  N ND2  . ASN A 1 68  ? -9.127  -6.963  4.332   1.00 10.24 ? 63   ASN A ND2  1 
ATOM   594  H H    . ASN A 1 68  ? -12.057 -5.339  5.664   1.00 0.00  ? 63   ASN A H    1 
ATOM   595  H HD21 . ASN A 1 68  ? -8.931  -7.805  3.878   1.00 0.00  ? 63   ASN A HD21 1 
ATOM   596  H HD22 . ASN A 1 68  ? -9.365  -6.120  3.910   1.00 0.00  ? 63   ASN A HD22 1 
ATOM   597  N N    . PRO A 1 69  ? -11.863 -4.438  8.849   1.00 11.63 ? 64   PRO A N    1 
ATOM   598  C CA   . PRO A 1 69  ? -12.176 -3.243  9.655   1.00 11.93 ? 64   PRO A CA   1 
ATOM   599  C C    . PRO A 1 69  ? -11.085 -2.706  10.575  1.00 10.34 ? 64   PRO A C    1 
ATOM   600  O O    . PRO A 1 69  ? -10.951 -1.486  10.715  1.00 10.50 ? 64   PRO A O    1 
ATOM   601  C CB   . PRO A 1 69  ? -13.446 -3.661  10.411  1.00 12.57 ? 64   PRO A CB   1 
ATOM   602  C CG   . PRO A 1 69  ? -13.225 -5.141  10.620  1.00 13.73 ? 64   PRO A CG   1 
ATOM   603  C CD   . PRO A 1 69  ? -12.708 -5.583  9.265   1.00 12.63 ? 64   PRO A CD   1 
ATOM   604  N N    . THR A 1 70  ? -10.262 -3.599  11.129  1.00 9.37  ? 65   THR A N    1 
ATOM   605  C CA   . THR A 1 70  ? -9.225  -3.182  12.051  1.00 10.74 ? 65   THR A CA   1 
ATOM   606  C C    . THR A 1 70  ? -8.090  -2.368  11.437  1.00 10.49 ? 65   THR A C    1 
ATOM   607  O O    . THR A 1 70  ? -7.731  -1.296  11.948  1.00 11.32 ? 65   THR A O    1 
ATOM   608  C CB   . THR A 1 70  ? -8.678  -4.389  12.835  1.00 12.69 ? 65   THR A CB   1 
ATOM   609  O OG1  . THR A 1 70  ? -9.770  -5.002  13.538  1.00 13.78 ? 65   THR A OG1  1 
ATOM   610  C CG2  . THR A 1 70  ? -7.638  -3.948  13.839  1.00 11.26 ? 65   THR A CG2  1 
ATOM   611  H H    . THR A 1 70  ? -10.372 -4.544  10.939  1.00 0.00  ? 65   THR A H    1 
ATOM   612  H HG1  . THR A 1 70  ? -9.451  -5.756  14.039  1.00 0.00  ? 65   THR A HG1  1 
ATOM   613  N N    . THR A 1 71  ? -7.554  -2.830  10.317  1.00 9.16  ? 66   THR A N    1 
ATOM   614  C CA   . THR A 1 71  ? -6.465  -2.117  9.679   1.00 9.55  ? 66   THR A CA   1 
ATOM   615  C C    . THR A 1 71  ? -6.950  -0.801  9.079   1.00 10.03 ? 66   THR A C    1 
ATOM   616  O O    . THR A 1 71  ? -6.258  0.221   9.148   1.00 10.41 ? 66   THR A O    1 
ATOM   617  C CB   . THR A 1 71  ? -5.825  -2.988  8.603   1.00 10.56 ? 66   THR A CB   1 
ATOM   618  O OG1  . THR A 1 71  ? -5.450  -4.245  9.188   1.00 12.21 ? 66   THR A OG1  1 
ATOM   619  C CG2  . THR A 1 71  ? -4.578  -2.319  8.064   1.00 12.60 ? 66   THR A CG2  1 
ATOM   620  H H    . THR A 1 71  ? -7.865  -3.651  9.902   1.00 0.00  ? 66   THR A H    1 
ATOM   621  H HG1  . THR A 1 71  ? -5.041  -4.781  8.505   1.00 0.00  ? 66   THR A HG1  1 
ATOM   622  N N    . VAL A 1 72  ? -8.179  -0.823  8.563   1.00 9.94  ? 67   VAL A N    1 
ATOM   623  C CA   . VAL A 1 72  ? -8.817  0.341   7.940   1.00 9.80  ? 67   VAL A CA   1 
ATOM   624  C C    . VAL A 1 72  ? -8.946  1.446   8.995   1.00 11.37 ? 67   VAL A C    1 
ATOM   625  O O    . VAL A 1 72  ? -8.625  2.606   8.728   1.00 11.52 ? 67   VAL A O    1 
ATOM   626  C CB   . VAL A 1 72  ? -10.186 -0.083  7.336   1.00 9.83  ? 67   VAL A CB   1 
ATOM   627  C CG1  . VAL A 1 72  ? -11.053 1.101   7.035   1.00 12.00 ? 67   VAL A CG1  1 
ATOM   628  C CG2  . VAL A 1 72  ? -9.947  -0.894  6.051   1.00 9.91  ? 67   VAL A CG2  1 
ATOM   629  H H    . VAL A 1 72  ? -8.685  -1.664  8.573   1.00 0.00  ? 67   VAL A H    1 
ATOM   630  N N    . LYS A 1 73  ? -9.398  1.074   10.194  1.00 12.33 ? 68   LYS A N    1 
ATOM   631  C CA   . LYS A 1 73  ? -9.539  2.023   11.294  1.00 14.63 ? 68   LYS A CA   1 
ATOM   632  C C    . LYS A 1 73  ? -8.178  2.533   11.736  1.00 14.30 ? 68   LYS A C    1 
ATOM   633  O O    . LYS A 1 73  ? -7.998  3.736   11.897  1.00 15.70 ? 68   LYS A O    1 
ATOM   634  C CB   . LYS A 1 73  ? -10.251 1.386   12.496  1.00 16.84 ? 68   LYS A CB   1 
ATOM   635  C CG   . LYS A 1 73  ? -11.714 1.038   12.251  1.00 24.98 ? 68   LYS A CG   1 
ATOM   636  C CD   . LYS A 1 73  ? -12.473 0.659   13.550  1.00 29.24 ? 68   LYS A CD   1 
ATOM   637  C CE   . LYS A 1 73  ? -12.558 1.875   14.470  1.00 30.12 ? 68   LYS A CE   1 
ATOM   638  N NZ   . LYS A 1 73  ? -13.692 1.866   15.422  1.00 32.38 ? 68   LYS A NZ   1 
ATOM   639  H H    . LYS A 1 73  ? -9.659  0.138   10.346  1.00 0.00  ? 68   LYS A H    1 
ATOM   640  H HZ1  . LYS A 1 73  ? -13.639 0.955   15.925  1.00 0.00  ? 68   LYS A HZ1  1 
ATOM   641  H HZ2  . LYS A 1 73  ? -13.576 2.638   16.110  1.00 0.00  ? 68   LYS A HZ2  1 
ATOM   642  H HZ3  . LYS A 1 73  ? -14.611 1.927   14.940  1.00 0.00  ? 68   LYS A HZ3  1 
ATOM   643  N N    . LYS A 1 74  ? -7.211  1.625   11.873  1.00 14.61 ? 69   LYS A N    1 
ATOM   644  C CA   . LYS A 1 74  ? -5.853  1.963   12.312  1.00 14.20 ? 69   LYS A CA   1 
ATOM   645  C C    . LYS A 1 74  ? -5.207  3.056   11.462  1.00 14.84 ? 69   LYS A C    1 
ATOM   646  O O    . LYS A 1 74  ? -4.495  3.920   11.980  1.00 14.95 ? 69   LYS A O    1 
ATOM   647  C CB   . LYS A 1 74  ? -4.954  0.717   12.285  1.00 15.59 ? 69   LYS A CB   1 
ATOM   648  C CG   . LYS A 1 74  ? -3.545  0.961   12.799  1.00 18.94 ? 69   LYS A CG   1 
ATOM   649  C CD   . LYS A 1 74  ? -2.640  -0.197  12.449  1.00 24.81 ? 69   LYS A CD   1 
ATOM   650  C CE   . LYS A 1 74  ? -1.163  0.066   12.821  1.00 29.13 ? 69   LYS A CE   1 
ATOM   651  N NZ   . LYS A 1 74  ? -1.000  0.304   14.282  1.00 31.76 ? 69   LYS A NZ   1 
ATOM   652  H H    . LYS A 1 74  ? -7.437  0.691   11.705  1.00 0.00  ? 69   LYS A H    1 
ATOM   653  H HZ1  . LYS A 1 74  ? -1.565  -0.414  14.779  1.00 0.00  ? 69   LYS A HZ1  1 
ATOM   654  H HZ2  . LYS A 1 74  ? -0.018  0.233   14.589  1.00 0.00  ? 69   LYS A HZ2  1 
ATOM   655  H HZ3  . LYS A 1 74  ? -1.418  1.222   14.522  1.00 0.00  ? 69   LYS A HZ3  1 
ATOM   656  N N    . TYR A 1 75  ? -5.433  3.000   10.150  1.00 13.14 ? 70   TYR A N    1 
ATOM   657  C CA   . TYR A 1 75  ? -4.838  3.980   9.253   1.00 13.44 ? 70   TYR A CA   1 
ATOM   658  C C    . TYR A 1 75  ? -5.765  5.094   8.808   1.00 13.55 ? 70   TYR A C    1 
ATOM   659  O O    . TYR A 1 75  ? -5.426  5.865   7.908   1.00 13.62 ? 70   TYR A O    1 
ATOM   660  C CB   . TYR A 1 75  ? -4.197  3.279   8.051   1.00 13.82 ? 70   TYR A CB   1 
ATOM   661  C CG   . TYR A 1 75  ? -3.000  2.506   8.488   1.00 15.89 ? 70   TYR A CG   1 
ATOM   662  C CD1  . TYR A 1 75  ? -1.805  3.168   8.837   1.00 16.28 ? 70   TYR A CD1  1 
ATOM   663  C CD2  . TYR A 1 75  ? -3.054  1.123   8.604   1.00 17.61 ? 70   TYR A CD2  1 
ATOM   664  C CE1  . TYR A 1 75  ? -0.697  2.468   9.286   1.00 15.62 ? 70   TYR A CE1  1 
ATOM   665  C CE2  . TYR A 1 75  ? -1.949  0.413   9.060   1.00 21.54 ? 70   TYR A CE2  1 
ATOM   666  C CZ   . TYR A 1 75  ? -0.767  1.093   9.390   1.00 20.43 ? 70   TYR A CZ   1 
ATOM   667  O OH   . TYR A 1 75  ? 0.351   0.370   9.762   1.00 21.96 ? 70   TYR A OH   1 
ATOM   668  H H    . TYR A 1 75  ? -6.002  2.293   9.787   1.00 0.00  ? 70   TYR A H    1 
ATOM   669  H HH   . TYR A 1 75  ? 0.154   -0.557  9.834   1.00 0.00  ? 70   TYR A HH   1 
ATOM   670  N N    . LYS A 1 76  ? -6.917  5.190   9.454   1.00 14.81 ? 71   LYS A N    1 
ATOM   671  C CA   . LYS A 1 76  ? -7.887  6.220   9.116   1.00 17.34 ? 71   LYS A CA   1 
ATOM   672  C C    . LYS A 1 76  ? -8.152  6.275   7.620   1.00 14.97 ? 71   LYS A C    1 
ATOM   673  O O    . LYS A 1 76  ? -8.116  7.342   6.983   1.00 14.36 ? 71   LYS A O    1 
ATOM   674  C CB   . LYS A 1 76  ? -7.426  7.586   9.651   1.00 20.95 ? 71   LYS A CB   1 
ATOM   675  C CG   . LYS A 1 76  ? -7.807  7.814   11.107  1.00 27.48 ? 71   LYS A CG   1 
ATOM   676  C CD   . LYS A 1 76  ? -7.422  9.213   11.561  1.00 34.83 ? 71   LYS A CD   1 
ATOM   677  C CE   . LYS A 1 76  ? -7.936  10.288  10.578  1.00 40.03 ? 71   LYS A CE   1 
ATOM   678  N NZ   . LYS A 1 76  ? -8.009  11.710  11.127  1.00 45.30 ? 71   LYS A NZ   1 
ATOM   679  H H    . LYS A 1 76  ? -7.127  4.572   10.187  1.00 0.00  ? 71   LYS A H    1 
ATOM   680  H HZ1  . LYS A 1 76  ? -7.110  11.936  11.600  1.00 0.00  ? 71   LYS A HZ1  1 
ATOM   681  H HZ2  . LYS A 1 76  ? -8.179  12.402  10.370  1.00 0.00  ? 71   LYS A HZ2  1 
ATOM   682  H HZ3  . LYS A 1 76  ? -8.775  11.781  11.829  1.00 0.00  ? 71   LYS A HZ3  1 
ATOM   683  N N    . VAL A 1 77  ? -8.421  5.106   7.058   1.00 13.44 ? 72   VAL A N    1 
ATOM   684  C CA   . VAL A 1 77  ? -8.723  5.030   5.641   1.00 14.33 ? 72   VAL A CA   1 
ATOM   685  C C    . VAL A 1 77  ? -10.204 5.378   5.492   1.00 15.67 ? 72   VAL A C    1 
ATOM   686  O O    . VAL A 1 77  ? -11.094 4.565   5.815   1.00 15.81 ? 72   VAL A O    1 
ATOM   687  C CB   . VAL A 1 77  ? -8.401  3.632   5.089   1.00 14.51 ? 72   VAL A CB   1 
ATOM   688  C CG1  . VAL A 1 77  ? -8.899  3.491   3.638   1.00 13.02 ? 72   VAL A CG1  1 
ATOM   689  C CG2  . VAL A 1 77  ? -6.903  3.416   5.158   1.00 13.41 ? 72   VAL A CG2  1 
ATOM   690  H H    . VAL A 1 77  ? -8.427  4.295   7.612   1.00 0.00  ? 72   VAL A H    1 
ATOM   691  N N    . GLU A 1 78  ? -10.468 6.607   5.056   1.00 13.99 ? 73   GLU A N    1 
ATOM   692  C CA   . GLU A 1 78  ? -11.845 7.043   4.904   1.00 15.03 ? 73   GLU A CA   1 
ATOM   693  C C    . GLU A 1 78  ? -12.199 7.325   3.457   1.00 15.13 ? 73   GLU A C    1 
ATOM   694  O O    . GLU A 1 78  ? -13.028 8.162   3.156   1.00 16.78 ? 73   GLU A O    1 
ATOM   695  C CB   . GLU A 1 78  ? -12.124 8.235   5.818   1.00 15.93 ? 73   GLU A CB   1 
ATOM   696  C CG   . GLU A 1 78  ? -12.151 7.799   7.281   1.00 18.42 ? 73   GLU A CG   1 
ATOM   697  C CD   . GLU A 1 78  ? -11.815 8.904   8.257   1.00 22.93 ? 73   GLU A CD   1 
ATOM   698  O OE1  . GLU A 1 78  ? -11.390 10.008  7.817   1.00 23.61 ? 73   GLU A OE1  1 
ATOM   699  O OE2  . GLU A 1 78  ? -11.951 8.641   9.476   1.00 22.37 ? 73   GLU A OE2  1 
ATOM   700  H H    . GLU A 1 78  ? -9.727  7.220   4.867   1.00 0.00  ? 73   GLU A H    1 
ATOM   701  N N    . GLY A 1 79  ? -11.587 6.570   2.562   1.00 14.68 ? 74   GLY A N    1 
ATOM   702  C CA   . GLY A 1 79  ? -11.860 6.726   1.150   1.00 15.08 ? 74   GLY A CA   1 
ATOM   703  C C    . GLY A 1 79  ? -10.848 5.863   0.413   1.00 14.75 ? 74   GLY A C    1 
ATOM   704  O O    . GLY A 1 79  ? -9.793  5.582   0.971   1.00 13.79 ? 74   GLY A O    1 
ATOM   705  H H    . GLY A 1 79  ? -10.953 5.876   2.815   1.00 0.00  ? 74   GLY A H    1 
ATOM   706  N N    . VAL A 1 80  ? -11.218 5.353   -0.760  1.00 11.98 ? 75   VAL A N    1 
ATOM   707  C CA   . VAL A 1 80  ? -10.314 4.558   -1.597  1.00 11.37 ? 75   VAL A CA   1 
ATOM   708  C C    . VAL A 1 80  ? -10.330 5.111   -3.050  1.00 10.96 ? 75   VAL A C    1 
ATOM   709  O O    . VAL A 1 80  ? -11.322 5.737   -3.474  1.00 9.86  ? 75   VAL A O    1 
ATOM   710  C CB   . VAL A 1 80  ? -10.698 3.048   -1.584  1.00 10.94 ? 75   VAL A CB   1 
ATOM   711  C CG1  . VAL A 1 80  ? -10.317 2.420   -0.237  1.00 12.54 ? 75   VAL A CG1  1 
ATOM   712  C CG2  . VAL A 1 80  ? -12.200 2.855   -1.841  1.00 10.59 ? 75   VAL A CG2  1 
ATOM   713  H H    . VAL A 1 80  ? -12.126 5.522   -1.093  1.00 0.00  ? 75   VAL A H    1 
ATOM   714  N N    . PRO A 1 81  ? -9.239  4.900   -3.813  1.00 10.30 ? 76   PRO A N    1 
ATOM   715  C CA   . PRO A 1 81  ? -8.019  4.189   -3.392  1.00 9.95  ? 76   PRO A CA   1 
ATOM   716  C C    . PRO A 1 81  ? -7.188  5.012   -2.433  1.00 10.21 ? 76   PRO A C    1 
ATOM   717  O O    . PRO A 1 81  ? -7.270  6.238   -2.433  1.00 11.00 ? 76   PRO A O    1 
ATOM   718  C CB   . PRO A 1 81  ? -7.267  3.953   -4.699  1.00 8.92  ? 76   PRO A CB   1 
ATOM   719  C CG   . PRO A 1 81  ? -7.677  5.122   -5.539  1.00 10.18 ? 76   PRO A CG   1 
ATOM   720  C CD   . PRO A 1 81  ? -9.148  5.326   -5.225  1.00 9.70  ? 76   PRO A CD   1 
ATOM   721  N N    . ALA A 1 82  ? -6.401  4.334   -1.608  1.00 8.39  ? 77   ALA A N    1 
ATOM   722  C CA   . ALA A 1 82  ? -5.538  5.025   -0.644  1.00 9.59  ? 77   ALA A CA   1 
ATOM   723  C C    . ALA A 1 82  ? -4.218  4.284   -0.460  1.00 8.44  ? 77   ALA A C    1 
ATOM   724  O O    . ALA A 1 82  ? -4.162  3.051   -0.606  1.00 8.72  ? 77   ALA A O    1 
ATOM   725  C CB   . ALA A 1 82  ? -6.253  5.172   0.712   1.00 9.05  ? 77   ALA A CB   1 
ATOM   726  H H    . ALA A 1 82  ? -6.364  3.351   -1.630  1.00 0.00  ? 77   ALA A H    1 
ATOM   727  N N    . LEU A 1 83  ? -3.158  5.049   -0.214  1.00 8.00  ? 78   LEU A N    1 
ATOM   728  C CA   . LEU A 1 83  ? -1.821  4.498   0.039   1.00 8.86  ? 78   LEU A CA   1 
ATOM   729  C C    . LEU A 1 83  ? -1.242  4.975   1.379   1.00 9.32  ? 78   LEU A C    1 
ATOM   730  O O    . LEU A 1 83  ? -1.419  6.128   1.766   1.00 9.27  ? 78   LEU A O    1 
ATOM   731  C CB   . LEU A 1 83  ? -0.832  4.913   -1.050  1.00 8.66  ? 78   LEU A CB   1 
ATOM   732  C CG   . LEU A 1 83  ? -1.139  4.441   -2.469  1.00 11.86 ? 78   LEU A CG   1 
ATOM   733  C CD1  . LEU A 1 83  ? -0.169  5.079   -3.431  1.00 14.17 ? 78   LEU A CD1  1 
ATOM   734  C CD2  . LEU A 1 83  ? -1.024  2.905   -2.531  1.00 14.94 ? 78   LEU A CD2  1 
ATOM   735  H H    . LEU A 1 83  ? -3.272  6.017   -0.160  1.00 0.00  ? 78   LEU A H    1 
ATOM   736  N N    . ARG A 1 84  ? -0.568  4.071   2.077   1.00 8.50  ? 79   ARG A N    1 
ATOM   737  C CA   . ARG A 1 84  ? 0.137   4.410   3.317   1.00 10.16 ? 79   ARG A CA   1 
ATOM   738  C C    . ARG A 1 84  ? 1.523   3.762   3.150   1.00 10.86 ? 79   ARG A C    1 
ATOM   739  O O    . ARG A 1 84  ? 1.598   2.562   2.850   1.00 11.98 ? 79   ARG A O    1 
ATOM   740  C CB   . ARG A 1 84  ? -0.546  3.816   4.575   1.00 9.57  ? 79   ARG A CB   1 
ATOM   741  C CG   . ARG A 1 84  ? -1.993  4.227   4.774   1.00 10.05 ? 79   ARG A CG   1 
ATOM   742  C CD   . ARG A 1 84  ? -2.061  5.682   5.165   1.00 10.50 ? 79   ARG A CD   1 
ATOM   743  N NE   . ARG A 1 84  ? -3.415  6.096   5.504   1.00 13.77 ? 79   ARG A NE   1 
ATOM   744  C CZ   . ARG A 1 84  ? -4.245  6.746   4.680   1.00 14.73 ? 79   ARG A CZ   1 
ATOM   745  N NH1  . ARG A 1 84  ? -3.875  7.047   3.429   1.00 13.25 ? 79   ARG A NH1  1 
ATOM   746  N NH2  . ARG A 1 84  ? -5.419  7.181   5.138   1.00 13.32 ? 79   ARG A NH2  1 
ATOM   747  H H    . ARG A 1 84  ? -0.512  3.144   1.752   1.00 0.00  ? 79   ARG A H    1 
ATOM   748  H HE   . ARG A 1 84  ? -3.739  5.887   6.411   1.00 0.00  ? 79   ARG A HE   1 
ATOM   749  H HH11 . ARG A 1 84  ? -2.967  6.801   3.076   1.00 0.00  ? 79   ARG A HH11 1 
ATOM   750  H HH12 . ARG A 1 84  ? -4.512  7.530   2.838   1.00 0.00  ? 79   ARG A HH12 1 
ATOM   751  H HH21 . ARG A 1 84  ? -5.648  7.023   6.096   1.00 0.00  ? 79   ARG A HH21 1 
ATOM   752  H HH22 . ARG A 1 84  ? -6.044  7.672   4.533   1.00 0.00  ? 79   ARG A HH22 1 
ATOM   753  N N    . LEU A 1 85  ? 2.593   4.550   3.292   1.00 10.13 ? 80   LEU A N    1 
ATOM   754  C CA   . LEU A 1 85  ? 3.978   4.044   3.203   1.00 9.93  ? 80   LEU A CA   1 
ATOM   755  C C    . LEU A 1 85  ? 4.442   4.001   4.653   1.00 11.87 ? 80   LEU A C    1 
ATOM   756  O O    . LEU A 1 85  ? 4.497   5.036   5.320   1.00 11.74 ? 80   LEU A O    1 
ATOM   757  C CB   . LEU A 1 85  ? 4.854   4.986   2.386   1.00 8.72  ? 80   LEU A CB   1 
ATOM   758  C CG   . LEU A 1 85  ? 6.308   4.558   2.231   1.00 9.85  ? 80   LEU A CG   1 
ATOM   759  C CD1  . LEU A 1 85  ? 6.425   3.212   1.568   1.00 9.27  ? 80   LEU A CD1  1 
ATOM   760  C CD2  . LEU A 1 85  ? 7.061   5.625   1.443   1.00 11.32 ? 80   LEU A CD2  1 
ATOM   761  H H    . LEU A 1 85  ? 2.461   5.500   3.484   1.00 0.00  ? 80   LEU A H    1 
ATOM   762  N N    . VAL A 1 86  ? 4.761   2.812   5.154   1.00 13.52 ? 81   VAL A N    1 
ATOM   763  C CA   . VAL A 1 86  ? 5.118   2.680   6.567   1.00 13.51 ? 81   VAL A CA   1 
ATOM   764  C C    . VAL A 1 86  ? 6.383   1.891   6.812   1.00 11.68 ? 81   VAL A C    1 
ATOM   765  O O    . VAL A 1 86  ? 6.910   1.255   5.914   1.00 12.79 ? 81   VAL A O    1 
ATOM   766  C CB   . VAL A 1 86  ? 3.957   2.022   7.376   1.00 13.38 ? 81   VAL A CB   1 
ATOM   767  C CG1  . VAL A 1 86  ? 2.590   2.677   7.031   1.00 13.83 ? 81   VAL A CG1  1 
ATOM   768  C CG2  . VAL A 1 86  ? 3.923   0.501   7.122   1.00 17.25 ? 81   VAL A CG2  1 
ATOM   769  H H    . VAL A 1 86  ? 4.789   2.013   4.575   1.00 0.00  ? 81   VAL A H    1 
ATOM   770  N N    . LYS A 1 87  ? 6.899   2.022   8.023   1.00 12.43 ? 82   LYS A N    1 
ATOM   771  C CA   . LYS A 1 87  ? 8.078   1.302   8.461   1.00 15.12 ? 82   LYS A CA   1 
ATOM   772  C C    . LYS A 1 87  ? 7.767   0.982   9.921   1.00 14.91 ? 82   LYS A C    1 
ATOM   773  O O    . LYS A 1 87  ? 7.830   1.852   10.797  1.00 13.33 ? 82   LYS A O    1 
ATOM   774  C CB   . LYS A 1 87  ? 9.313   2.171   8.332   1.00 18.48 ? 82   LYS A CB   1 
ATOM   775  C CG   . LYS A 1 87  ? 10.598  1.376   8.443   1.00 29.51 ? 82   LYS A CG   1 
ATOM   776  C CD   . LYS A 1 87  ? 11.815  2.219   8.007   1.00 37.89 ? 82   LYS A CD   1 
ATOM   777  C CE   . LYS A 1 87  ? 13.124  1.428   8.115   1.00 42.92 ? 82   LYS A CE   1 
ATOM   778  N NZ   . LYS A 1 87  ? 14.334  2.216   7.727   1.00 45.71 ? 82   LYS A NZ   1 
ATOM   779  H H    . LYS A 1 87  ? 6.469   2.621   8.671   1.00 0.00  ? 82   LYS A H    1 
ATOM   780  H HZ1  . LYS A 1 87  ? 14.331  3.062   8.326   1.00 0.00  ? 82   LYS A HZ1  1 
ATOM   781  H HZ2  . LYS A 1 87  ? 15.156  1.619   7.993   1.00 0.00  ? 82   LYS A HZ2  1 
ATOM   782  H HZ3  . LYS A 1 87  ? 14.356  2.420   6.712   1.00 0.00  ? 82   LYS A HZ3  1 
ATOM   783  N N    . GLY A 1 88  ? 7.344   -0.250  10.172  1.00 12.83 ? 83   GLY A N    1 
ATOM   784  C CA   . GLY A 1 88  ? 6.961   -0.629  11.511  1.00 14.58 ? 83   GLY A CA   1 
ATOM   785  C C    . GLY A 1 88  ? 5.748   0.217   11.847  1.00 16.43 ? 83   GLY A C    1 
ATOM   786  O O    . GLY A 1 88  ? 4.837   0.305   11.044  1.00 17.56 ? 83   GLY A O    1 
ATOM   787  H H    . GLY A 1 88  ? 7.280   -0.921  9.468   1.00 0.00  ? 83   GLY A H    1 
ATOM   788  N N    . GLU A 1 89  ? 5.730   0.845   13.014  1.00 15.76 ? 84   GLU A N    1 
ATOM   789  C CA   . GLU A 1 89  ? 4.613   1.698   13.406  1.00 17.71 ? 84   GLU A CA   1 
ATOM   790  C C    . GLU A 1 89  ? 4.718   3.134   12.863  1.00 17.97 ? 84   GLU A C    1 
ATOM   791  O O    . GLU A 1 89  ? 3.836   3.962   13.105  1.00 21.95 ? 84   GLU A O    1 
ATOM   792  C CB   . GLU A 1 89  ? 4.488   1.737   14.931  1.00 17.82 ? 84   GLU A CB   1 
ATOM   793  C CG   . GLU A 1 89  ? 3.906   0.473   15.547  1.00 21.22 ? 84   GLU A CG   1 
ATOM   794  C CD   . GLU A 1 89  ? 2.394   0.341   15.354  1.00 23.94 ? 84   GLU A CD   1 
ATOM   795  O OE1  . GLU A 1 89  ? 1.759   1.220   14.733  1.00 26.06 ? 84   GLU A OE1  1 
ATOM   796  O OE2  . GLU A 1 89  ? 1.822   -0.660  15.834  1.00 28.37 ? 84   GLU A OE2  1 
ATOM   797  H H    . GLU A 1 89  ? 6.486   0.742   13.629  1.00 0.00  ? 84   GLU A H    1 
ATOM   798  N N    . GLN A 1 90  ? 5.800   3.445   12.158  1.00 15.77 ? 85   GLN A N    1 
ATOM   799  C CA   . GLN A 1 90  ? 5.991   4.786   11.617  1.00 15.34 ? 85   GLN A CA   1 
ATOM   800  C C    . GLN A 1 90  ? 5.334   4.942   10.241  1.00 14.94 ? 85   GLN A C    1 
ATOM   801  O O    . GLN A 1 90  ? 5.605   4.162   9.332   1.00 15.14 ? 85   GLN A O    1 
ATOM   802  C CB   . GLN A 1 90  ? 7.494   5.089   11.495  0.50 13.58 ? 85   GLN A CB   1 
ATOM   803  C CG   . GLN A 1 90  ? 7.827   6.366   10.738  0.50 19.07 ? 85   GLN A CG   1 
ATOM   804  C CD   . GLN A 1 90  ? 9.330   6.628   10.631  0.50 22.49 ? 85   GLN A CD   1 
ATOM   805  O OE1  . GLN A 1 90  ? 10.121  5.727   10.340  0.50 25.64 ? 85   GLN A OE1  1 
ATOM   806  N NE2  . GLN A 1 90  ? 9.725   7.871   10.855  0.50 24.98 ? 85   GLN A NE2  1 
ATOM   807  H H    . GLN A 1 90  ? 6.474   2.769   11.959  1.00 0.00  ? 85   GLN A H    1 
ATOM   808  H HE21 . GLN A 1 90  ? 10.679  8.062   10.763  1.00 0.00  ? 85   GLN A HE21 1 
ATOM   809  H HE22 . GLN A 1 90  ? 9.056   8.546   11.105  1.00 0.00  ? 85   GLN A HE22 1 
ATOM   810  N N    . ILE A 1 91  ? 4.490   5.950   10.085  1.00 13.89 ? 86   ILE A N    1 
ATOM   811  C CA   . ILE A 1 91  ? 3.882   6.197   8.786   1.00 15.06 ? 86   ILE A CA   1 
ATOM   812  C C    . ILE A 1 91  ? 4.761   7.237   8.116   1.00 15.15 ? 86   ILE A C    1 
ATOM   813  O O    . ILE A 1 91  ? 4.890   8.353   8.619   1.00 17.79 ? 86   ILE A O    1 
ATOM   814  C CB   . ILE A 1 91  ? 2.438   6.704   8.900   1.00 15.31 ? 86   ILE A CB   1 
ATOM   815  C CG1  . ILE A 1 91  ? 1.609   5.636   9.602   1.00 18.85 ? 86   ILE A CG1  1 
ATOM   816  C CG2  . ILE A 1 91  ? 1.863   6.997   7.500   1.00 13.36 ? 86   ILE A CG2  1 
ATOM   817  C CD1  . ILE A 1 91  ? 0.206   6.055   9.909   1.00 21.04 ? 86   ILE A CD1  1 
ATOM   818  H H    . ILE A 1 91  ? 4.281   6.540   10.839  1.00 0.00  ? 86   ILE A H    1 
ATOM   819  N N    . LEU A 1 92  ? 5.420   6.861   7.034   1.00 11.97 ? 87   LEU A N    1 
ATOM   820  C CA   . LEU A 1 92  ? 6.306   7.776   6.335   1.00 13.54 ? 87   LEU A CA   1 
ATOM   821  C C    . LEU A 1 92  ? 5.578   8.784   5.462   1.00 15.74 ? 87   LEU A C    1 
ATOM   822  O O    . LEU A 1 92  ? 6.029   9.915   5.327   1.00 18.60 ? 87   LEU A O    1 
ATOM   823  C CB   . LEU A 1 92  ? 7.288   7.012   5.468   1.00 14.73 ? 87   LEU A CB   1 
ATOM   824  C CG   . LEU A 1 92  ? 8.041   5.912   6.185   1.00 16.02 ? 87   LEU A CG   1 
ATOM   825  C CD1  . LEU A 1 92  ? 8.963   5.230   5.242   1.00 17.01 ? 87   LEU A CD1  1 
ATOM   826  C CD2  . LEU A 1 92  ? 8.797   6.523   7.312   1.00 18.61 ? 87   LEU A CD2  1 
ATOM   827  H H    . LEU A 1 92  ? 5.307   5.953   6.716   1.00 0.00  ? 87   LEU A H    1 
ATOM   828  N N    . ASP A 1 93  ? 4.533   8.342   4.770   1.00 14.32 ? 88   ASP A N    1 
ATOM   829  C CA   . ASP A 1 93  ? 3.767   9.216   3.895   1.00 13.82 ? 88   ASP A CA   1 
ATOM   830  C C    . ASP A 1 93  ? 2.456   8.563   3.552   1.00 13.28 ? 88   ASP A C    1 
ATOM   831  O O    . ASP A 1 93  ? 2.270   7.383   3.795   1.00 11.56 ? 88   ASP A O    1 
ATOM   832  C CB   . ASP A 1 93  ? 4.549   9.499   2.629   1.00 15.44 ? 88   ASP A CB   1 
ATOM   833  C CG   . ASP A 1 93  ? 4.282   10.876  2.093   1.00 17.83 ? 88   ASP A CG   1 
ATOM   834  O OD1  . ASP A 1 93  ? 3.203   11.433  2.404   1.00 18.23 ? 88   ASP A OD1  1 
ATOM   835  O OD2  . ASP A 1 93  ? 5.156   11.413  1.375   1.00 20.26 ? 88   ASP A OD2  1 
ATOM   836  H H    . ASP A 1 93  ? 4.250   7.396   4.869   1.00 0.00  ? 88   ASP A H    1 
ATOM   837  N N    . SER A 1 94  ? 1.551   9.323   2.957   1.00 14.01 ? 89   SER A N    1 
ATOM   838  C CA   . SER A 1 94  ? 0.257   8.799   2.593   1.00 15.98 ? 89   SER A CA   1 
ATOM   839  C C    . SER A 1 94  ? -0.364  9.596   1.454   1.00 17.66 ? 89   SER A C    1 
ATOM   840  O O    . SER A 1 94  ? 0.009   10.759  1.228   1.00 17.62 ? 89   SER A O    1 
ATOM   841  C CB   A SER A 1 94  ? -0.677  8.788   3.804   0.50 16.87 ? 89   SER A CB   1 
ATOM   842  C CB   B SER A 1 94  ? -0.659  8.886   3.818   0.50 17.40 ? 89   SER A CB   1 
ATOM   843  O OG   A SER A 1 94  ? -0.834  10.087  4.311   0.50 17.92 ? 89   SER A OG   1 
ATOM   844  O OG   B SER A 1 94  ? -2.000  8.634   3.472   0.50 20.46 ? 89   SER A OG   1 
ATOM   845  H H    A SER A 1 94  ? 1.656   10.265  2.731   0.50 0.00  ? 89   SER A H    1 
ATOM   846  H H    B SER A 1 94  ? 1.678   10.259  2.711   0.50 0.00  ? 89   SER A H    1 
ATOM   847  H HG   A SER A 1 94  ? -1.459  10.062  5.040   0.50 0.00  ? 89   SER A HG   1 
ATOM   848  H HG   B SER A 1 94  ? -2.556  8.706   4.250   0.50 0.00  ? 89   SER A HG   1 
ATOM   849  N N    . THR A 1 95  ? -1.234  8.948   0.690   1.00 15.66 ? 90   THR A N    1 
ATOM   850  C CA   . THR A 1 95  ? -1.933  9.621   -0.385  1.00 16.18 ? 90   THR A CA   1 
ATOM   851  C C    . THR A 1 95  ? -3.326  9.033   -0.658  1.00 14.50 ? 90   THR A C    1 
ATOM   852  O O    . THR A 1 95  ? -3.611  7.905   -0.314  1.00 14.47 ? 90   THR A O    1 
ATOM   853  C CB   . THR A 1 95  ? -1.038  9.763   -1.651  1.00 19.33 ? 90   THR A CB   1 
ATOM   854  O OG1  . THR A 1 95  ? -1.612  10.761  -2.514  1.00 27.94 ? 90   THR A OG1  1 
ATOM   855  C CG2  . THR A 1 95  ? -0.902  8.473   -2.374  1.00 15.95 ? 90   THR A CG2  1 
ATOM   856  H H    . THR A 1 95  ? -1.470  8.013   0.884   1.00 0.00  ? 90   THR A H    1 
ATOM   857  H HG1  . THR A 1 95  ? -1.131  10.907  -3.333  1.00 0.00  ? 90   THR A HG1  1 
ATOM   858  N N    . GLU A 1 96  ? -4.215  9.853   -1.198  1.00 13.95 ? 91   GLU A N    1 
ATOM   859  C CA   . GLU A 1 96  ? -5.591  9.460   -1.490  1.00 15.54 ? 91   GLU A CA   1 
ATOM   860  C C    . GLU A 1 96  ? -5.851  9.686   -2.984  1.00 14.21 ? 91   GLU A C    1 
ATOM   861  O O    . GLU A 1 96  ? -5.411  10.693  -3.549  1.00 14.12 ? 91   GLU A O    1 
ATOM   862  C CB   . GLU A 1 96  ? -6.568  10.381  -0.743  1.00 17.17 ? 91   GLU A CB   1 
ATOM   863  C CG   . GLU A 1 96  ? -6.273  10.640  0.711   1.00 21.91 ? 91   GLU A CG   1 
ATOM   864  C CD   . GLU A 1 96  ? -6.672  9.476   1.580   1.00 24.31 ? 91   GLU A CD   1 
ATOM   865  O OE1  . GLU A 1 96  ? -7.843  9.043   1.456   1.00 26.72 ? 91   GLU A OE1  1 
ATOM   866  O OE2  . GLU A 1 96  ? -5.825  9.022   2.394   1.00 23.23 ? 91   GLU A OE2  1 
ATOM   867  H H    . GLU A 1 96  ? -3.937  10.747  -1.467  1.00 0.00  ? 91   GLU A H    1 
ATOM   868  N N    . GLY A 1 97  ? -6.613  8.801   -3.607  1.00 12.83 ? 92   GLY A N    1 
ATOM   869  C CA   . GLY A 1 97  ? -6.937  8.992   -5.004  1.00 12.52 ? 92   GLY A CA   1 
ATOM   870  C C    . GLY A 1 97  ? -5.918  8.446   -5.982  1.00 13.46 ? 92   GLY A C    1 
ATOM   871  O O    . GLY A 1 97  ? -4.830  7.987   -5.601  1.00 13.93 ? 92   GLY A O    1 
ATOM   872  H H    . GLY A 1 97  ? -6.924  8.001   -3.137  1.00 0.00  ? 92   GLY A H    1 
ATOM   873  N N    . VAL A 1 98  ? -6.330  8.396   -7.242  1.00 13.12 ? 93   VAL A N    1 
ATOM   874  C CA   . VAL A 1 98  ? -5.465  7.916   -8.307  1.00 15.05 ? 93   VAL A CA   1 
ATOM   875  C C    . VAL A 1 98  ? -4.342  8.933   -8.528  1.00 16.55 ? 93   VAL A C    1 
ATOM   876  O O    . VAL A 1 98  ? -4.578  10.150  -8.492  1.00 17.03 ? 93   VAL A O    1 
ATOM   877  C CB   . VAL A 1 98  ? -6.279  7.740   -9.646  1.00 16.58 ? 93   VAL A CB   1 
ATOM   878  C CG1  . VAL A 1 98  ? -5.340  7.572   -10.833 1.00 17.30 ? 93   VAL A CG1  1 
ATOM   879  C CG2  . VAL A 1 98  ? -7.229  6.540   -9.539  1.00 14.73 ? 93   VAL A CG2  1 
ATOM   880  H H    . VAL A 1 98  ? -7.245  8.685   -7.453  1.00 0.00  ? 93   VAL A H    1 
ATOM   881  N N    . ILE A 1 99  ? -3.116  8.446   -8.654  1.00 16.86 ? 94   ILE A N    1 
ATOM   882  C CA   . ILE A 1 99  ? -1.995  9.333   -8.951  1.00 19.22 ? 94   ILE A CA   1 
ATOM   883  C C    . ILE A 1 99  ? -1.266  8.740   -10.151 1.00 19.89 ? 94   ILE A C    1 
ATOM   884  O O    . ILE A 1 99  ? -1.404  7.561   -10.435 1.00 20.27 ? 94   ILE A O    1 
ATOM   885  C CB   . ILE A 1 99  ? -1.006  9.548   -7.762  1.00 19.09 ? 94   ILE A CB   1 
ATOM   886  C CG1  . ILE A 1 99  ? -0.353  8.239   -7.322  1.00 19.89 ? 94   ILE A CG1  1 
ATOM   887  C CG2  . ILE A 1 99  ? -1.721  10.248  -6.600  1.00 21.13 ? 94   ILE A CG2  1 
ATOM   888  C CD1  . ILE A 1 99  ? 0.820   8.465   -6.353  1.00 20.38 ? 94   ILE A CD1  1 
ATOM   889  H H    . ILE A 1 99  ? -2.931  7.488   -8.589  1.00 0.00  ? 94   ILE A H    1 
ATOM   890  N N    . SER A 1 100 ? -0.529  9.566   -10.883 1.00 21.50 ? 95   SER A N    1 
ATOM   891  C CA   . SER A 1 100 ? 0.211   9.105   -12.056 1.00 19.89 ? 95   SER A CA   1 
ATOM   892  C C    . SER A 1 100 ? 1.446   8.256   -11.692 1.00 20.02 ? 95   SER A C    1 
ATOM   893  O O    . SER A 1 100 ? 1.970   8.339   -10.580 1.00 19.20 ? 95   SER A O    1 
ATOM   894  C CB   . SER A 1 100 ? 0.671   10.325  -12.825 1.00 20.26 ? 95   SER A CB   1 
ATOM   895  O OG   . SER A 1 100 ? 1.577   11.089  -12.044 1.00 20.33 ? 95   SER A OG   1 
ATOM   896  H H    . SER A 1 100 ? -0.464  10.513  -10.645 1.00 0.00  ? 95   SER A H    1 
ATOM   897  H HG   . SER A 1 100 ? 1.770   11.872  -12.582 1.00 0.00  ? 95   SER A HG   1 
ATOM   898  N N    . LYS A 1 101 ? 1.947   7.497   -12.663 1.00 20.42 ? 96   LYS A N    1 
ATOM   899  C CA   . LYS A 1 101 ? 3.131   6.673   -12.466 1.00 22.24 ? 96   LYS A CA   1 
ATOM   900  C C    . LYS A 1 101 ? 4.279   7.523   -11.986 1.00 20.82 ? 96   LYS A C    1 
ATOM   901  O O    . LYS A 1 101 ? 5.003   7.146   -11.076 1.00 20.50 ? 96   LYS A O    1 
ATOM   902  C CB   . LYS A 1 101 ? 3.528   5.981   -13.765 1.00 26.49 ? 96   LYS A CB   1 
ATOM   903  C CG   . LYS A 1 101 ? 4.796   5.154   -13.679 1.00 32.37 ? 96   LYS A CG   1 
ATOM   904  C CD   . LYS A 1 101 ? 5.101   4.496   -15.038 1.00 39.39 ? 96   LYS A CD   1 
ATOM   905  C CE   . LYS A 1 101 ? 6.526   3.860   -15.091 1.00 44.51 ? 96   LYS A CE   1 
ATOM   906  N NZ   . LYS A 1 101 ? 6.838   3.044   -16.342 1.00 45.19 ? 96   LYS A NZ   1 
ATOM   907  H H    . LYS A 1 101 ? 1.493   7.467   -13.522 1.00 0.00  ? 96   LYS A H    1 
ATOM   908  H HZ1  . LYS A 1 101 ? 6.575   3.631   -17.160 1.00 0.00  ? 96   LYS A HZ1  1 
ATOM   909  H HZ2  . LYS A 1 101 ? 7.858   2.841   -16.358 1.00 0.00  ? 96   LYS A HZ2  1 
ATOM   910  H HZ3  . LYS A 1 101 ? 6.294   2.151   -16.356 1.00 0.00  ? 96   LYS A HZ3  1 
ATOM   911  N N    . ASP A 1 102 ? 4.381   8.716   -12.544 1.00 21.73 ? 97   ASP A N    1 
ATOM   912  C CA   . ASP A 1 102 ? 5.444   9.633   -12.183 1.00 23.94 ? 97   ASP A CA   1 
ATOM   913  C C    . ASP A 1 102 ? 5.362   10.103  -10.747 1.00 24.16 ? 97   ASP A C    1 
ATOM   914  O O    . ASP A 1 102 ? 6.388   10.159  -10.038 1.00 23.74 ? 97   ASP A O    1 
ATOM   915  C CB   . ASP A 1 102 ? 5.454   10.847  -13.125 1.00 29.63 ? 97   ASP A CB   1 
ATOM   916  C CG   . ASP A 1 102 ? 5.912   10.494  -14.541 1.00 34.20 ? 97   ASP A CG   1 
ATOM   917  O OD1  . ASP A 1 102 ? 6.706   9.531   -14.698 1.00 36.45 ? 97   ASP A OD1  1 
ATOM   918  O OD2  . ASP A 1 102 ? 5.478   11.195  -15.487 1.00 38.48 ? 97   ASP A OD2  1 
ATOM   919  H H    . ASP A 1 102 ? 3.737   8.971   -13.227 1.00 0.00  ? 97   ASP A H    1 
ATOM   920  N N    . LYS A 1 103 ? 4.152   10.465  -10.331 1.00 22.41 ? 98   LYS A N    1 
ATOM   921  C CA   . LYS A 1 103 ? 3.907   10.942  -8.973  1.00 23.05 ? 98   LYS A CA   1 
ATOM   922  C C    . LYS A 1 103 ? 4.210   9.798   -7.970  1.00 21.57 ? 98   LYS A C    1 
ATOM   923  O O    . LYS A 1 103 ? 4.827   10.007  -6.918  1.00 21.27 ? 98   LYS A O    1 
ATOM   924  C CB   . LYS A 1 103 ? 2.449   11.406  -8.883  1.00 26.41 ? 98   LYS A CB   1 
ATOM   925  C CG   . LYS A 1 103 ? 2.040   12.101  -7.603  1.00 33.05 ? 98   LYS A CG   1 
ATOM   926  C CD   . LYS A 1 103 ? 1.052   13.294  -7.854  1.00 39.19 ? 98   LYS A CD   1 
ATOM   927  C CE   . LYS A 1 103 ? -0.383  12.894  -8.304  1.00 42.16 ? 98   LYS A CE   1 
ATOM   928  N NZ   . LYS A 1 103 ? -0.624  12.648  -9.786  1.00 42.70 ? 98   LYS A NZ   1 
ATOM   929  H H    . LYS A 1 103 ? 3.386   10.410  -10.941 1.00 0.00  ? 98   LYS A H    1 
ATOM   930  H HZ1  . LYS A 1 103 ? 0.069   11.990  -10.193 1.00 0.00  ? 98   LYS A HZ1  1 
ATOM   931  H HZ2  . LYS A 1 103 ? -1.585  12.258  -9.895  1.00 0.00  ? 98   LYS A HZ2  1 
ATOM   932  H HZ3  . LYS A 1 103 ? -0.603  13.563  -10.282 1.00 0.00  ? 98   LYS A HZ3  1 
ATOM   933  N N    . LEU A 1 104 ? 3.822   8.583   -8.337  1.00 19.97 ? 99   LEU A N    1 
ATOM   934  C CA   . LEU A 1 104 ? 4.059   7.411   -7.498  1.00 18.96 ? 99   LEU A CA   1 
ATOM   935  C C    . LEU A 1 104 ? 5.543   7.132   -7.319  1.00 19.48 ? 99   LEU A C    1 
ATOM   936  O O    . LEU A 1 104 ? 6.019   6.871   -6.208  1.00 19.10 ? 99   LEU A O    1 
ATOM   937  C CB   . LEU A 1 104 ? 3.381   6.175   -8.113  1.00 17.00 ? 99   LEU A CB   1 
ATOM   938  C CG   . LEU A 1 104 ? 3.589   4.844   -7.393  1.00 15.87 ? 99   LEU A CG   1 
ATOM   939  C CD1  . LEU A 1 104 ? 3.234   4.936   -5.918  1.00 17.94 ? 99   LEU A CD1  1 
ATOM   940  C CD2  . LEU A 1 104 ? 2.757   3.791   -8.065  1.00 17.28 ? 99   LEU A CD2  1 
ATOM   941  H H    . LEU A 1 104 ? 3.360   8.476   -9.201  1.00 0.00  ? 99   LEU A H    1 
ATOM   942  N N    . LEU A 1 105 ? 6.278   7.188   -8.421  1.00 20.68 ? 100  LEU A N    1 
ATOM   943  C CA   . LEU A 1 105 ? 7.702   6.905   -8.393  1.00 22.58 ? 100  LEU A CA   1 
ATOM   944  C C    . LEU A 1 105 ? 8.426   7.924   -7.541  1.00 23.16 ? 100  LEU A C    1 
ATOM   945  O O    . LEU A 1 105 ? 9.294   7.553   -6.750  1.00 23.90 ? 100  LEU A O    1 
ATOM   946  C CB   . LEU A 1 105 ? 8.255   6.819   -9.820  1.00 24.57 ? 100  LEU A CB   1 
ATOM   947  C CG   . LEU A 1 105 ? 8.545   5.426   -10.433 1.00 27.24 ? 100  LEU A CG   1 
ATOM   948  C CD1  . LEU A 1 105 ? 7.486   4.387   -10.158 1.00 27.84 ? 100  LEU A CD1  1 
ATOM   949  C CD2  . LEU A 1 105 ? 8.690   5.579   -11.923 1.00 26.93 ? 100  LEU A CD2  1 
ATOM   950  H H    . LEU A 1 105 ? 5.866   7.419   -9.281  1.00 0.00  ? 100  LEU A H    1 
ATOM   951  N N    . SER A 1 106 ? 8.014   9.188   -7.625  1.00 23.88 ? 101  SER A N    1 
ATOM   952  C CA   . SER A 1 106 ? 8.635   10.244  -6.808  1.00 26.69 ? 101  SER A CA   1 
ATOM   953  C C    . SER A 1 106 ? 8.223   10.133  -5.344  1.00 26.22 ? 101  SER A C    1 
ATOM   954  O O    . SER A 1 106 ? 8.974   10.499  -4.437  1.00 27.04 ? 101  SER A O    1 
ATOM   955  C CB   . SER A 1 106 ? 8.250   11.636  -7.314  1.00 30.52 ? 101  SER A CB   1 
ATOM   956  O OG   . SER A 1 106 ? 8.606   11.781  -8.681  1.00 39.67 ? 101  SER A OG   1 
ATOM   957  H H    . SER A 1 106 ? 7.298   9.440   -8.257  1.00 0.00  ? 101  SER A H    1 
ATOM   958  H HG   . SER A 1 106 ? 8.437   12.667  -9.003  1.00 0.00  ? 101  SER A HG   1 
ATOM   959  N N    . PHE A 1 107 ? 6.995   9.688   -5.123  1.00 24.22 ? 102  PHE A N    1 
ATOM   960  C CA   . PHE A 1 107 ? 6.484   9.504   -3.772  1.00 24.25 ? 102  PHE A CA   1 
ATOM   961  C C    . PHE A 1 107 ? 7.436   8.495   -3.102  1.00 23.13 ? 102  PHE A C    1 
ATOM   962  O O    . PHE A 1 107 ? 7.954   8.738   -2.016  1.00 24.63 ? 102  PHE A O    1 
ATOM   963  C CB   . PHE A 1 107 ? 5.033   8.983   -3.873  1.00 22.69 ? 102  PHE A CB   1 
ATOM   964  C CG   . PHE A 1 107 ? 4.396   8.593   -2.562  1.00 24.30 ? 102  PHE A CG   1 
ATOM   965  C CD1  . PHE A 1 107 ? 3.742   9.548   -1.770  1.00 23.37 ? 102  PHE A CD1  1 
ATOM   966  C CD2  . PHE A 1 107 ? 4.326   7.242   -2.184  1.00 23.46 ? 102  PHE A CD2  1 
ATOM   967  C CE1  . PHE A 1 107 ? 3.017   9.168   -0.639  1.00 21.80 ? 102  PHE A CE1  1 
ATOM   968  C CE2  . PHE A 1 107 ? 3.602   6.851   -1.052  1.00 23.52 ? 102  PHE A CE2  1 
ATOM   969  C CZ   . PHE A 1 107 ? 2.941   7.819   -0.275  1.00 23.89 ? 102  PHE A CZ   1 
ATOM   970  H H    . PHE A 1 107 ? 6.416   9.468   -5.882  1.00 0.00  ? 102  PHE A H    1 
ATOM   971  N N    . LEU A 1 108 ? 7.764   7.431   -3.828  1.00 21.68 ? 103  LEU A N    1 
ATOM   972  C CA   . LEU A 1 108 ? 8.634   6.388   -3.306  1.00 19.64 ? 103  LEU A CA   1 
ATOM   973  C C    . LEU A 1 108 ? 10.092  6.775   -3.212  1.00 20.64 ? 103  LEU A C    1 
ATOM   974  O O    . LEU A 1 108 ? 10.716  6.564   -2.180  1.00 20.20 ? 103  LEU A O    1 
ATOM   975  C CB   . LEU A 1 108 ? 8.455   5.104   -4.118  1.00 17.43 ? 103  LEU A CB   1 
ATOM   976  C CG   . LEU A 1 108 ? 7.049   4.506   -4.005  1.00 16.82 ? 103  LEU A CG   1 
ATOM   977  C CD1  . LEU A 1 108 ? 6.831   3.411   -5.067  1.00 16.20 ? 103  LEU A CD1  1 
ATOM   978  C CD2  . LEU A 1 108 ? 6.805   3.978   -2.564  1.00 14.96 ? 103  LEU A CD2  1 
ATOM   979  H H    . LEU A 1 108 ? 7.375   7.334   -4.722  1.00 0.00  ? 103  LEU A H    1 
ATOM   980  N N    . ASP A 1 109 ? 10.628  7.361   -4.274  1.00 22.79 ? 104  ASP A N    1 
ATOM   981  C CA   . ASP A 1 109 ? 12.030  7.767   -4.302  1.00 25.28 ? 104  ASP A CA   1 
ATOM   982  C C    . ASP A 1 109 ? 12.405  8.685   -3.167  1.00 25.80 ? 104  ASP A C    1 
ATOM   983  O O    . ASP A 1 109 ? 13.475  8.552   -2.570  1.00 25.76 ? 104  ASP A O    1 
ATOM   984  C CB   . ASP A 1 109 ? 12.376  8.462   -5.620  1.00 29.27 ? 104  ASP A CB   1 
ATOM   985  C CG   . ASP A 1 109 ? 12.538  7.487   -6.774  1.00 33.36 ? 104  ASP A CG   1 
ATOM   986  O OD1  . ASP A 1 109 ? 12.634  6.262   -6.497  1.00 33.89 ? 104  ASP A OD1  1 
ATOM   987  O OD2  . ASP A 1 109 ? 12.575  7.955   -7.948  1.00 35.22 ? 104  ASP A OD2  1 
ATOM   988  H H    . ASP A 1 109 ? 10.054  7.506   -5.051  1.00 0.00  ? 104  ASP A H    1 
ATOM   989  N N    . THR A 1 110 ? 11.498  9.593   -2.840  1.00 25.82 ? 105  THR A N    1 
ATOM   990  C CA   . THR A 1 110 ? 11.755  10.547  -1.795  1.00 26.54 ? 105  THR A CA   1 
ATOM   991  C C    . THR A 1 110 ? 12.016  9.881   -0.477  1.00 26.06 ? 105  THR A C    1 
ATOM   992  O O    . THR A 1 110 ? 12.882  10.317  0.244   1.00 28.14 ? 105  THR A O    1 
ATOM   993  C CB   . THR A 1 110 ? 10.585  11.518  -1.661  1.00 28.48 ? 105  THR A CB   1 
ATOM   994  O OG1  . THR A 1 110 ? 10.415  12.199  -2.912  1.00 32.05 ? 105  THR A OG1  1 
ATOM   995  C CG2  . THR A 1 110 ? 10.831  12.530  -0.544  1.00 27.28 ? 105  THR A CG2  1 
ATOM   996  H H    . THR A 1 110 ? 10.627  9.674   -3.291  1.00 0.00  ? 105  THR A H    1 
ATOM   997  H HG1  . THR A 1 110 ? 9.734   12.872  -2.805  1.00 0.00  ? 105  THR A HG1  1 
ATOM   998  N N    . HIS A 1 111 ? 11.329  8.777   -0.208  1.00 26.02 ? 106  HIS A N    1 
ATOM   999  C CA   . HIS A 1 111 ? 11.463  8.081   1.063   1.00 26.25 ? 106  HIS A CA   1 
ATOM   1000 C C    . HIS A 1 111 ? 12.420  6.908   1.082   1.00 29.51 ? 106  HIS A C    1 
ATOM   1001 O O    . HIS A 1 111 ? 12.996  6.582   2.119   1.00 31.27 ? 106  HIS A O    1 
ATOM   1002 C CB   . HIS A 1 111 ? 10.076  7.647   1.548   1.00 22.67 ? 106  HIS A CB   1 
ATOM   1003 C CG   . HIS A 1 111 ? 9.155   8.787   1.794   1.00 20.57 ? 106  HIS A CG   1 
ATOM   1004 N ND1  . HIS A 1 111 ? 9.289   9.641   2.872   1.00 21.20 ? 106  HIS A ND1  1 
ATOM   1005 C CD2  . HIS A 1 111 ? 8.124   9.276   1.062   1.00 20.84 ? 106  HIS A CD2  1 
ATOM   1006 C CE1  . HIS A 1 111 ? 8.392   10.607  2.786   1.00 20.39 ? 106  HIS A CE1  1 
ATOM   1007 N NE2  . HIS A 1 111 ? 7.676   10.405  1.694   1.00 18.51 ? 106  HIS A NE2  1 
ATOM   1008 H H    . HIS A 1 111 ? 10.767  8.394   -0.920  1.00 0.00  ? 106  HIS A H    1 
ATOM   1009 H HD1  . HIS A 1 111 ? 9.935   9.555   3.618   1.00 0.00  ? 106  HIS A HD1  1 
ATOM   1010 H HE2  . HIS A 1 111 ? 7.006   10.992  1.317   1.00 0.00  ? 106  HIS A HE2  1 
ATOM   1011 N N    . LEU A 1 112 ? 12.589  6.258   -0.054  1.00 33.40 ? 107  LEU A N    1 
ATOM   1012 C CA   . LEU A 1 112 ? 13.466  5.111   -0.091  1.00 39.69 ? 107  LEU A CA   1 
ATOM   1013 C C    . LEU A 1 112 ? 14.945  5.485   -0.071  1.00 45.67 ? 107  LEU A C    1 
ATOM   1014 O O    . LEU A 1 112 ? 15.781  4.680   0.343   1.00 48.17 ? 107  LEU A O    1 
ATOM   1015 C CB   . LEU A 1 112 ? 13.133  4.232   -1.296  1.00 37.77 ? 107  LEU A CB   1 
ATOM   1016 C CG   . LEU A 1 112 ? 11.751  3.572   -1.209  1.00 37.24 ? 107  LEU A CG   1 
ATOM   1017 C CD1  . LEU A 1 112 ? 11.597  2.492   -2.282  1.00 37.03 ? 107  LEU A CD1  1 
ATOM   1018 C CD2  . LEU A 1 112 ? 11.572  2.977   0.169   1.00 33.23 ? 107  LEU A CD2  1 
ATOM   1019 H H    . LEU A 1 112 ? 12.162  6.544   -0.883  1.00 0.00  ? 107  LEU A H    1 
ATOM   1020 N N    . ASN A 1 113 ? 15.243  6.734   -0.436  1.00 51.25 ? 108  ASN A N    1 
ATOM   1021 C CA   . ASN A 1 113 ? 16.617  7.240   -0.507  1.00 55.04 ? 108  ASN A CA   1 
ATOM   1022 C C    . ASN A 1 113 ? 17.080  8.114   0.687   1.00 56.57 ? 108  ASN A C    1 
ATOM   1023 O O    . ASN A 1 113 ? 17.993  7.661   1.438   1.00 56.78 ? 108  ASN A O    1 
ATOM   1024 C CB   . ASN A 1 113 ? 16.792  7.965   -1.847  1.00 56.87 ? 108  ASN A CB   1 
ATOM   1025 C CG   . ASN A 1 113 ? 16.469  7.053   -3.038  1.00 59.99 ? 108  ASN A CG   1 
ATOM   1026 O OD1  . ASN A 1 113 ? 17.040  5.967   -3.171  1.00 64.29 ? 108  ASN A OD1  1 
ATOM   1027 N ND2  . ASN A 1 113 ? 15.519  7.460   -3.869  1.00 60.47 ? 108  ASN A ND2  1 
ATOM   1028 H H    . ASN A 1 113 ? 14.554  7.389   -0.618  1.00 0.00  ? 108  ASN A H    1 
ATOM   1029 H HD21 . ASN A 1 113 ? 15.328  6.860   -4.620  1.00 0.00  ? 108  ASN A HD21 1 
ATOM   1030 H HD22 . ASN A 1 113 ? 15.092  8.308   -3.644  1.00 0.00  ? 108  ASN A HD22 1 
HETATM 1031 O O    . HOH B 2 .   ? 1.774   -9.243  -8.152  1.00 24.47 ? 1001 HOH A O    1 
HETATM 1032 H H1   . HOH B 2 .   ? 1.788   -8.384  -8.517  1.00 0.00  ? 1001 HOH A H1   1 
HETATM 1033 H H2   . HOH B 2 .   ? 1.840   -9.875  -8.772  1.00 0.00  ? 1001 HOH A H2   1 
HETATM 1034 O O    . HOH B 2 .   ? 6.539   -11.493 -10.022 1.00 45.31 ? 1003 HOH A O    1 
HETATM 1035 H H1   . HOH B 2 .   ? 7.161   -11.201 -9.238  1.00 0.00  ? 1003 HOH A H1   1 
HETATM 1036 H H2   . HOH B 2 .   ? 6.956   -12.438 -10.087 1.00 0.00  ? 1003 HOH A H2   1 
HETATM 1037 O O    . HOH B 2 .   ? 15.652  -8.691  -3.100  1.00 27.04 ? 1005 HOH A O    1 
HETATM 1038 H H1   . HOH B 2 .   ? 15.133  -8.811  -2.201  1.00 0.00  ? 1005 HOH A H1   1 
HETATM 1039 H H2   . HOH B 2 .   ? 15.290  -8.134  -3.547  1.00 0.00  ? 1005 HOH A H2   1 
HETATM 1040 O O    . HOH B 2 .   ? 13.225  -9.417  -4.966  1.00 56.93 ? 1006 HOH A O    1 
HETATM 1041 H H1   . HOH B 2 .   ? 14.202  -8.851  -4.942  1.00 0.00  ? 1006 HOH A H1   1 
HETATM 1042 H H2   . HOH B 2 .   ? 13.866  -10.303 -5.211  1.00 0.00  ? 1006 HOH A H2   1 
HETATM 1043 O O    . HOH B 2 .   ? 16.074  -3.726  1.790   1.00 48.13 ? 1007 HOH A O    1 
HETATM 1044 H H1   . HOH B 2 .   ? 15.855  -3.983  0.996   1.00 0.00  ? 1007 HOH A H1   1 
HETATM 1045 H H2   . HOH B 2 .   ? 16.735  -4.302  2.186   1.00 0.00  ? 1007 HOH A H2   1 
HETATM 1046 O O    . HOH B 2 .   ? 14.790  -0.358  1.597   1.00 44.60 ? 1009 HOH A O    1 
HETATM 1047 H H1   . HOH B 2 .   ? 15.134  0.577   1.538   1.00 0.00  ? 1009 HOH A H1   1 
HETATM 1048 H H2   . HOH B 2 .   ? 13.978  -0.180  0.919   1.00 0.00  ? 1009 HOH A H2   1 
HETATM 1049 O O    . HOH B 2 .   ? 10.142  -7.909  5.075   1.00 56.06 ? 1012 HOH A O    1 
HETATM 1050 H H1   . HOH B 2 .   ? 10.099  -8.774  4.537   1.00 0.00  ? 1012 HOH A H1   1 
HETATM 1051 H H2   . HOH B 2 .   ? 9.939   -8.205  5.931   1.00 0.00  ? 1012 HOH A H2   1 
HETATM 1052 O O    . HOH B 2 .   ? 7.176   -10.542 7.192   1.00 40.75 ? 1014 HOH A O    1 
HETATM 1053 H H1   . HOH B 2 .   ? 6.179   -10.560 7.236   1.00 0.00  ? 1014 HOH A H1   1 
HETATM 1054 H H2   . HOH B 2 .   ? 7.418   -10.440 8.098   1.00 0.00  ? 1014 HOH A H2   1 
HETATM 1055 O O    . HOH B 2 .   ? 9.756   -3.517  11.564  1.00 44.48 ? 1022 HOH A O    1 
HETATM 1056 H H1   . HOH B 2 .   ? 8.795   -3.299  11.986  1.00 0.00  ? 1022 HOH A H1   1 
HETATM 1057 H H2   . HOH B 2 .   ? 9.277   -4.059  10.769  1.00 0.00  ? 1022 HOH A H2   1 
HETATM 1058 O O    . HOH B 2 .   ? 7.639   -2.251  8.050   1.00 16.96 ? 1023 HOH A O    1 
HETATM 1059 H H1   . HOH B 2 .   ? 7.615   -1.538  8.624   1.00 0.00  ? 1023 HOH A H1   1 
HETATM 1060 H H2   . HOH B 2 .   ? 7.056   -2.892  8.243   1.00 0.00  ? 1023 HOH A H2   1 
HETATM 1061 O O    . HOH B 2 .   ? 7.342   4.679   15.158  1.00 28.46 ? 1027 HOH A O    1 
HETATM 1062 H H1   . HOH B 2 .   ? 6.645   4.906   15.208  1.00 0.00  ? 1027 HOH A H1   1 
HETATM 1063 H H2   . HOH B 2 .   ? 8.051   5.057   15.750  1.00 0.00  ? 1027 HOH A H2   1 
HETATM 1064 O O    . HOH B 2 .   ? 7.975   1.199   14.726  1.00 17.36 ? 1028 HOH A O    1 
HETATM 1065 H H1   . HOH B 2 .   ? 8.795   1.637   14.699  1.00 0.00  ? 1028 HOH A H1   1 
HETATM 1066 H H2   . HOH B 2 .   ? 7.756   0.947   15.557  1.00 0.00  ? 1028 HOH A H2   1 
HETATM 1067 O O    . HOH B 2 .   ? 6.752   9.832   9.894   1.00 48.48 ? 1031 HOH A O    1 
HETATM 1068 H H1   . HOH B 2 .   ? 6.031   9.343   10.270  1.00 0.00  ? 1031 HOH A H1   1 
HETATM 1069 H H2   . HOH B 2 .   ? 7.000   10.345  10.860  1.00 0.00  ? 1031 HOH A H2   1 
HETATM 1070 O O    . HOH B 2 .   ? -1.182  4.320   12.808  1.00 35.71 ? 1037 HOH A O    1 
HETATM 1071 H H1   . HOH B 2 .   ? -1.068  5.300   12.574  1.00 0.00  ? 1037 HOH A H1   1 
HETATM 1072 H H2   . HOH B 2 .   ? -0.111  4.315   13.210  1.00 0.00  ? 1037 HOH A H2   1 
HETATM 1073 O O    . HOH B 2 .   ? 1.143   3.209   12.577  1.00 31.22 ? 1038 HOH A O    1 
HETATM 1074 H H1   . HOH B 2 .   ? 1.812   3.955   12.270  1.00 0.00  ? 1038 HOH A H1   1 
HETATM 1075 H H2   . HOH B 2 .   ? 0.382   3.479   12.130  1.00 0.00  ? 1038 HOH A H2   1 
HETATM 1076 O O    . HOH B 2 .   ? 2.317   1.626   10.539  1.00 16.40 ? 1039 HOH A O    1 
HETATM 1077 H H1   . HOH B 2 .   ? 1.372   1.857   10.384  1.00 0.00  ? 1039 HOH A H1   1 
HETATM 1078 H H2   . HOH B 2 .   ? 2.620   2.513   10.934  1.00 0.00  ? 1039 HOH A H2   1 
HETATM 1079 O O    . HOH B 2 .   ? 2.351   2.107   17.850  1.00 40.40 ? 1041 HOH A O    1 
HETATM 1080 H H1   . HOH B 2 .   ? 2.436   2.911   18.330  1.00 0.00  ? 1041 HOH A H1   1 
HETATM 1081 H H2   . HOH B 2 .   ? 2.374   1.412   18.537  1.00 0.00  ? 1041 HOH A H2   1 
HETATM 1082 O O    . HOH B 2 .   ? -7.614  -0.300  14.883  1.00 35.05 ? 1048 HOH A O    1 
HETATM 1083 H H1   . HOH B 2 .   ? -7.691  0.644   15.312  1.00 0.00  ? 1048 HOH A H1   1 
HETATM 1084 H H2   . HOH B 2 .   ? -7.707  -0.053  13.968  1.00 0.00  ? 1048 HOH A H2   1 
HETATM 1085 O O    . HOH B 2 .   ? -4.393  -4.292  11.995  1.00 24.54 ? 1049 HOH A O    1 
HETATM 1086 H H1   . HOH B 2 .   ? -5.169  -4.850  12.227  1.00 0.00  ? 1049 HOH A H1   1 
HETATM 1087 H H2   . HOH B 2 .   ? -4.542  -4.176  11.025  1.00 0.00  ? 1049 HOH A H2   1 
HETATM 1088 O O    . HOH B 2 .   ? -6.016  -6.945  12.942  1.00 48.11 ? 1050 HOH A O    1 
HETATM 1089 H H1   . HOH B 2 .   ? -6.541  -6.363  12.191  1.00 0.00  ? 1050 HOH A H1   1 
HETATM 1090 H H2   . HOH B 2 .   ? -5.486  -7.406  12.495  1.00 0.00  ? 1050 HOH A H2   1 
HETATM 1091 O O    . HOH B 2 .   ? -2.287  -8.870  12.480  1.00 18.28 ? 1051 HOH A O    1 
HETATM 1092 H H1   . HOH B 2 .   ? -2.337  -7.919  12.680  1.00 0.00  ? 1051 HOH A H1   1 
HETATM 1093 H H2   . HOH B 2 .   ? -1.532  -9.167  12.975  1.00 0.00  ? 1051 HOH A H2   1 
HETATM 1094 O O    . HOH B 2 .   ? 0.069   -11.281 11.970  1.00 18.76 ? 1054 HOH A O    1 
HETATM 1095 H H1   . HOH B 2 .   ? 0.165   -10.836 12.867  1.00 0.00  ? 1054 HOH A H1   1 
HETATM 1096 H H2   . HOH B 2 .   ? -0.778  -11.473 11.868  1.00 0.00  ? 1054 HOH A H2   1 
HETATM 1097 O O    . HOH B 2 .   ? 0.067   -14.364 9.386   1.00 45.36 ? 1056 HOH A O    1 
HETATM 1098 H H1   . HOH B 2 .   ? 0.852   -13.600 9.666   1.00 0.00  ? 1056 HOH A H1   1 
HETATM 1099 H H2   . HOH B 2 .   ? 0.699   -14.934 8.968   1.00 0.00  ? 1056 HOH A H2   1 
HETATM 1100 O O    . HOH B 2 .   ? 0.785   -14.539 6.770   1.00 30.42 ? 1057 HOH A O    1 
HETATM 1101 H H1   . HOH B 2 .   ? 0.085   -15.228 6.470   1.00 0.00  ? 1057 HOH A H1   1 
HETATM 1102 H H2   . HOH B 2 .   ? 0.487   -14.473 7.720   1.00 0.00  ? 1057 HOH A H2   1 
HETATM 1103 O O    . HOH B 2 .   ? 5.886   -13.797 5.870   1.00 48.50 ? 1059 HOH A O    1 
HETATM 1104 H H1   . HOH B 2 .   ? 5.476   -14.754 6.187   1.00 0.00  ? 1059 HOH A H1   1 
HETATM 1105 H H2   . HOH B 2 .   ? 6.778   -14.088 5.795   1.00 0.00  ? 1059 HOH A H2   1 
HETATM 1106 O O    . HOH B 2 .   ? 5.075   -8.529  -1.451  1.00 41.75 ? 1060 HOH A O    1 
HETATM 1107 H H1   . HOH B 2 .   ? 4.637   -8.244  -0.687  1.00 0.00  ? 1060 HOH A H1   1 
HETATM 1108 H H2   . HOH B 2 .   ? 4.599   -8.071  -2.190  1.00 0.00  ? 1060 HOH A H2   1 
HETATM 1109 O O    . HOH B 2 .   ? 6.485   -6.586  -2.813  1.00 16.84 ? 1061 HOH A O    1 
HETATM 1110 H H1   . HOH B 2 .   ? 6.051   -6.922  -1.974  1.00 0.00  ? 1061 HOH A H1   1 
HETATM 1111 H H2   . HOH B 2 .   ? 7.218   -6.059  -2.408  1.00 0.00  ? 1061 HOH A H2   1 
HETATM 1112 O O    . HOH B 2 .   ? 8.287   -4.979  -3.986  1.00 21.59 ? 1062 HOH A O    1 
HETATM 1113 H H1   . HOH B 2 .   ? 7.761   -5.045  -4.852  1.00 0.00  ? 1062 HOH A H1   1 
HETATM 1114 H H2   . HOH B 2 .   ? 9.034   -4.481  -4.257  1.00 0.00  ? 1062 HOH A H2   1 
HETATM 1115 O O    . HOH B 2 .   ? 14.696  -3.376  -6.198  1.00 40.33 ? 1063 HOH A O    1 
HETATM 1116 H H1   . HOH B 2 .   ? 15.290  -2.866  -6.447  1.00 0.00  ? 1063 HOH A H1   1 
HETATM 1117 H H2   . HOH B 2 .   ? 15.241  -4.230  -5.792  1.00 0.00  ? 1063 HOH A H2   1 
HETATM 1118 O O    . HOH B 2 .   ? 5.234   12.424  5.982   1.00 48.98 ? 1072 HOH A O    1 
HETATM 1119 H H1   . HOH B 2 .   ? 4.986   13.340  6.074   1.00 0.00  ? 1072 HOH A H1   1 
HETATM 1120 H H2   . HOH B 2 .   ? 4.779   12.218  5.080   1.00 0.00  ? 1072 HOH A H2   1 
HETATM 1121 O O    . HOH B 2 .   ? -4.009  12.803  -0.672  1.00 36.47 ? 1074 HOH A O    1 
HETATM 1122 H H1   . HOH B 2 .   ? -2.939  12.520  -0.607  1.00 0.00  ? 1074 HOH A H1   1 
HETATM 1123 H H2   . HOH B 2 .   ? -4.040  13.285  0.097   1.00 0.00  ? 1074 HOH A H2   1 
HETATM 1124 O O    . HOH B 2 .   ? -8.272  9.746   6.002   1.00 40.08 ? 1076 HOH A O    1 
HETATM 1125 H H1   . HOH B 2 .   ? -8.183  8.891   6.291   1.00 0.00  ? 1076 HOH A H1   1 
HETATM 1126 H H2   . HOH B 2 .   ? -7.404  9.814   5.378   1.00 0.00  ? 1076 HOH A H2   1 
HETATM 1127 O O    . HOH B 2 .   ? -9.464  9.520   3.448   1.00 39.37 ? 1077 HOH A O    1 
HETATM 1128 H H1   . HOH B 2 .   ? -10.347 9.736   3.665   1.00 0.00  ? 1077 HOH A H1   1 
HETATM 1129 H H2   . HOH B 2 .   ? -9.029  9.746   4.410   1.00 0.00  ? 1077 HOH A H2   1 
HETATM 1130 O O    . HOH B 2 .   ? -8.237  6.957   2.913   1.00 20.66 ? 1078 HOH A O    1 
HETATM 1131 H H1   . HOH B 2 .   ? -7.693  7.873   2.990   1.00 0.00  ? 1078 HOH A H1   1 
HETATM 1132 H H2   . HOH B 2 .   ? -7.984  6.591   3.740   1.00 0.00  ? 1078 HOH A H2   1 
HETATM 1133 O O    . HOH B 2 .   ? -8.948  8.017   -0.528  1.00 33.39 ? 1079 HOH A O    1 
HETATM 1134 H H1   . HOH B 2 .   ? -9.380  7.761   -1.403  1.00 0.00  ? 1079 HOH A H1   1 
HETATM 1135 H H2   . HOH B 2 .   ? -9.111  7.417   0.047   1.00 0.00  ? 1079 HOH A H2   1 
HETATM 1136 O O    . HOH B 2 .   ? -3.905  6.483   -3.584  1.00 29.02 ? 1080 HOH A O    1 
HETATM 1137 H H1   . HOH B 2 .   ? -3.622  5.842   -2.874  1.00 0.00  ? 1080 HOH A H1   1 
HETATM 1138 H H2   . HOH B 2 .   ? -4.873  6.483   -3.434  1.00 0.00  ? 1080 HOH A H2   1 
HETATM 1139 O O    . HOH B 2 .   ? -4.762  11.927  -6.262  1.00 42.50 ? 1081 HOH A O    1 
HETATM 1140 H H1   . HOH B 2 .   ? -4.688  11.403  -6.905  1.00 0.00  ? 1081 HOH A H1   1 
HETATM 1141 H H2   . HOH B 2 .   ? -4.535  12.867  -6.550  1.00 0.00  ? 1081 HOH A H2   1 
HETATM 1142 O O    . HOH B 2 .   ? -4.474  14.325  -9.089  1.00 39.98 ? 1082 HOH A O    1 
HETATM 1143 H H1   . HOH B 2 .   ? -4.261  15.121  -9.697  1.00 0.00  ? 1082 HOH A H1   1 
HETATM 1144 H H2   . HOH B 2 .   ? -4.537  15.101  -8.209  1.00 0.00  ? 1082 HOH A H2   1 
HETATM 1145 O O    . HOH B 2 .   ? -3.905  11.839  -10.474 1.00 42.85 ? 1083 HOH A O    1 
HETATM 1146 H H1   . HOH B 2 .   ? -4.138  12.741  -10.690 1.00 0.00  ? 1083 HOH A H1   1 
HETATM 1147 H H2   . HOH B 2 .   ? -3.177  11.636  -11.073 1.00 0.00  ? 1083 HOH A H2   1 
HETATM 1148 O O    . HOH B 2 .   ? -2.418  7.140   -13.183 1.00 40.45 ? 1085 HOH A O    1 
HETATM 1149 H H1   . HOH B 2 .   ? -3.206  6.844   -13.319 1.00 0.00  ? 1085 HOH A H1   1 
HETATM 1150 H H2   . HOH B 2 .   ? -1.776  7.148   -13.712 1.00 0.00  ? 1085 HOH A H2   1 
HETATM 1151 O O    . HOH B 2 .   ? 0.135   7.188   -15.133 1.00 42.54 ? 1087 HOH A O    1 
HETATM 1152 H H1   . HOH B 2 .   ? -0.164  7.172   -14.282 1.00 0.00  ? 1087 HOH A H1   1 
HETATM 1153 H H2   . HOH B 2 .   ? -0.651  6.803   -15.668 1.00 0.00  ? 1087 HOH A H2   1 
HETATM 1154 O O    . HOH B 2 .   ? -9.457  -3.029  -9.061  1.00 50.69 ? 1094 HOH A O    1 
HETATM 1155 H H1   . HOH B 2 .   ? -9.907  -3.783  -8.950  1.00 0.00  ? 1094 HOH A H1   1 
HETATM 1156 H H2   . HOH B 2 .   ? -8.489  -3.251  -8.988  1.00 0.00  ? 1094 HOH A H2   1 
HETATM 1157 O O    . HOH B 2 .   ? -12.140 -2.222  -8.057  1.00 28.77 ? 1095 HOH A O    1 
HETATM 1158 H H1   . HOH B 2 .   ? -11.796 -3.016  -8.552  1.00 0.00  ? 1095 HOH A H1   1 
HETATM 1159 H H2   . HOH B 2 .   ? -12.102 -1.535  -8.614  1.00 0.00  ? 1095 HOH A H2   1 
HETATM 1160 O O    . HOH B 2 .   ? -7.527  -2.254  -6.827  1.00 22.84 ? 1096 HOH A O    1 
HETATM 1161 H H1   . HOH B 2 .   ? -7.129  -1.412  -6.638  1.00 0.00  ? 1096 HOH A H1   1 
HETATM 1162 H H2   . HOH B 2 .   ? -7.492  -2.772  -6.079  1.00 0.00  ? 1096 HOH A H2   1 
HETATM 1163 O O    . HOH B 2 .   ? -6.982  -5.456  -6.452  1.00 29.90 ? 1097 HOH A O    1 
HETATM 1164 H H1   . HOH B 2 .   ? -6.431  -5.284  -7.182  1.00 0.00  ? 1097 HOH A H1   1 
HETATM 1165 H H2   . HOH B 2 .   ? -7.029  -6.603  -6.739  1.00 0.00  ? 1097 HOH A H2   1 
HETATM 1166 O O    . HOH B 2 .   ? -2.049  -4.626  -7.118  1.00 18.40 ? 1098 HOH A O    1 
HETATM 1167 H H1   . HOH B 2 .   ? -1.967  -4.059  -7.911  1.00 0.00  ? 1098 HOH A H1   1 
HETATM 1168 H H2   . HOH B 2 .   ? -1.144  -4.623  -6.771  1.00 0.00  ? 1098 HOH A H2   1 
HETATM 1169 O O    . HOH B 2 .   ? -6.968  -7.615  -1.681  1.00 37.78 ? 1100 HOH A O    1 
HETATM 1170 H H1   . HOH B 2 .   ? -7.502  -7.041  -1.680  1.00 0.00  ? 1100 HOH A H1   1 
HETATM 1171 H H2   . HOH B 2 .   ? -6.068  -7.309  -1.276  1.00 0.00  ? 1100 HOH A H2   1 
HETATM 1172 O O    . HOH B 2 .   ? -8.953  -9.176  -0.193  1.00 27.14 ? 1101 HOH A O    1 
HETATM 1173 H H1   . HOH B 2 .   ? -9.573  -9.253  -0.900  1.00 0.00  ? 1101 HOH A H1   1 
HETATM 1174 H H2   . HOH B 2 .   ? -8.164  -9.594  -0.464  1.00 0.00  ? 1101 HOH A H2   1 
HETATM 1175 O O    . HOH B 2 .   ? -9.819  -9.706  2.039   1.00 55.23 ? 1102 HOH A O    1 
HETATM 1176 H H1   . HOH B 2 .   ? -9.712  -9.314  2.962   1.00 0.00  ? 1102 HOH A H1   1 
HETATM 1177 H H2   . HOH B 2 .   ? -10.411 -8.898  1.686   1.00 0.00  ? 1102 HOH A H2   1 
HETATM 1178 O O    . HOH B 2 .   ? -7.689  -8.123  1.652   1.00 16.71 ? 1103 HOH A O    1 
HETATM 1179 H H1   . HOH B 2 .   ? -8.469  -8.062  1.106   1.00 0.00  ? 1103 HOH A H1   1 
HETATM 1180 H H2   . HOH B 2 .   ? -6.998  -7.713  1.205   1.00 0.00  ? 1103 HOH A H2   1 
HETATM 1181 O O    . HOH B 2 .   ? -10.180 -10.058 7.603   1.00 26.13 ? 1104 HOH A O    1 
HETATM 1182 H H1   . HOH B 2 .   ? -9.170  -10.068 7.575   1.00 0.00  ? 1104 HOH A H1   1 
HETATM 1183 H H2   . HOH B 2 .   ? -10.341 -9.130  7.366   1.00 0.00  ? 1104 HOH A H2   1 
HETATM 1184 O O    . HOH B 2 .   ? -8.643  -11.443 9.224   1.00 23.15 ? 1105 HOH A O    1 
HETATM 1185 H H1   . HOH B 2 .   ? -7.789  -11.553 8.555   1.00 0.00  ? 1105 HOH A H1   1 
HETATM 1186 H H2   . HOH B 2 .   ? -8.374  -12.245 9.766   1.00 0.00  ? 1105 HOH A H2   1 
HETATM 1187 O O    . HOH B 2 .   ? -7.428  -13.855 7.658   1.00 33.38 ? 1106 HOH A O    1 
HETATM 1188 H H1   . HOH B 2 .   ? -8.363  -13.821 8.109   1.00 0.00  ? 1106 HOH A H1   1 
HETATM 1189 H H2   . HOH B 2 .   ? -7.149  -14.650 7.749   1.00 0.00  ? 1106 HOH A H2   1 
HETATM 1190 O O    . HOH B 2 .   ? -15.511 -3.422  7.636   1.00 40.77 ? 1108 HOH A O    1 
HETATM 1191 H H1   . HOH B 2 .   ? -14.692 -3.054  7.467   1.00 0.00  ? 1108 HOH A H1   1 
HETATM 1192 H H2   . HOH B 2 .   ? -15.461 -4.321  7.160   1.00 0.00  ? 1108 HOH A H2   1 
HETATM 1193 O O    . HOH B 2 .   ? -13.881 -1.826  6.949   1.00 21.03 ? 1109 HOH A O    1 
HETATM 1194 H H1   . HOH B 2 .   ? -13.148 -1.721  6.455   1.00 0.00  ? 1109 HOH A H1   1 
HETATM 1195 H H2   . HOH B 2 .   ? -13.954 -1.103  7.578   1.00 0.00  ? 1109 HOH A H2   1 
HETATM 1196 O O    . HOH B 2 .   ? -14.552 0.589   6.051   1.00 40.08 ? 1110 HOH A O    1 
HETATM 1197 H H1   . HOH B 2 .   ? -15.230 0.929   5.552   1.00 0.00  ? 1110 HOH A H1   1 
HETATM 1198 H H2   . HOH B 2 .   ? -14.449 -0.352  5.348   1.00 0.00  ? 1110 HOH A H2   1 
HETATM 1199 O O    . HOH B 2 .   ? -13.700 3.108   5.153   1.00 34.95 ? 1111 HOH A O    1 
HETATM 1200 H H1   . HOH B 2 .   ? -13.709 2.187   5.169   1.00 0.00  ? 1111 HOH A H1   1 
HETATM 1201 H H2   . HOH B 2 .   ? -14.042 3.477   4.451   1.00 0.00  ? 1111 HOH A H2   1 
HETATM 1202 O O    . HOH B 2 .   ? -11.806 3.942   8.888   1.00 30.21 ? 1112 HOH A O    1 
HETATM 1203 H H1   . HOH B 2 .   ? -11.043 3.758   8.433   1.00 0.00  ? 1112 HOH A H1   1 
HETATM 1204 H H2   . HOH B 2 .   ? -12.434 4.356   8.436   1.00 0.00  ? 1112 HOH A H2   1 
HETATM 1205 O O    . HOH B 2 .   ? -13.793 2.499   9.487   1.00 24.83 ? 1113 HOH A O    1 
HETATM 1206 H H1   . HOH B 2 .   ? -13.627 1.728   10.078  1.00 0.00  ? 1113 HOH A H1   1 
HETATM 1207 H H2   . HOH B 2 .   ? -12.965 2.470   8.936   1.00 0.00  ? 1113 HOH A H2   1 
HETATM 1208 O O    . HOH B 2 .   ? -13.236 -0.118  9.632   1.00 31.52 ? 1114 HOH A O    1 
HETATM 1209 H H1   . HOH B 2 .   ? -14.024 0.365   9.308   1.00 0.00  ? 1114 HOH A H1   1 
HETATM 1210 H H2   . HOH B 2 .   ? -12.963 -0.651  8.944   1.00 0.00  ? 1114 HOH A H2   1 
HETATM 1211 O O    . HOH B 2 .   ? -11.367 6.238   10.917  1.00 45.30 ? 1115 HOH A O    1 
HETATM 1212 H H1   . HOH B 2 .   ? -11.551 6.816   10.549  1.00 0.00  ? 1115 HOH A H1   1 
HETATM 1213 H H2   . HOH B 2 .   ? -12.238 5.745   11.371  1.00 0.00  ? 1115 HOH A H2   1 
HETATM 1214 O O    . HOH B 2 .   ? 3.851   7.897   12.366  1.00 35.65 ? 1118 HOH A O    1 
HETATM 1215 H H1   . HOH B 2 .   ? 4.067   8.683   11.858  1.00 0.00  ? 1118 HOH A H1   1 
HETATM 1216 H H2   . HOH B 2 .   ? 3.698   8.353   13.288  1.00 0.00  ? 1118 HOH A H2   1 
HETATM 1217 O O    . HOH B 2 .   ? -9.130  8.995   -7.881  1.00 14.88 ? 1123 HOH A O    1 
HETATM 1218 H H1   . HOH B 2 .   ? -9.905  9.209   -8.365  1.00 0.00  ? 1123 HOH A H1   1 
HETATM 1219 H H2   . HOH B 2 .   ? -9.368  8.437   -7.177  1.00 0.00  ? 1123 HOH A H2   1 
HETATM 1220 O O    . HOH B 2 .   ? -12.663 2.288   -13.764 1.00 41.89 ? 1124 HOH A O    1 
HETATM 1221 H H1   . HOH B 2 .   ? -12.442 2.857   -12.965 1.00 0.00  ? 1124 HOH A H1   1 
HETATM 1222 H H2   . HOH B 2 .   ? -12.855 2.764   -14.419 1.00 0.00  ? 1124 HOH A H2   1 
HETATM 1223 O O    . HOH B 2 .   ? -16.619 3.660   -8.572  1.00 15.83 ? 1127 HOH A O    1 
HETATM 1224 H H1   . HOH B 2 .   ? -17.472 3.943   -8.324  1.00 0.00  ? 1127 HOH A H1   1 
HETATM 1225 H H2   . HOH B 2 .   ? -16.271 4.237   -9.198  1.00 0.00  ? 1127 HOH A H2   1 
HETATM 1226 O O    . HOH B 2 .   ? -19.529 2.545   -6.948  1.00 48.08 ? 1128 HOH A O    1 
HETATM 1227 H H1   . HOH B 2 .   ? -18.801 2.250   -6.875  1.00 0.00  ? 1128 HOH A H1   1 
HETATM 1228 H H2   . HOH B 2 .   ? -19.503 3.585   -6.733  1.00 0.00  ? 1128 HOH A H2   1 
HETATM 1229 O O    . HOH B 2 .   ? -14.263 -4.910  -1.799  1.00 18.71 ? 1131 HOH A O    1 
HETATM 1230 H H1   . HOH B 2 .   ? -13.785 -4.641  -1.065  1.00 0.00  ? 1131 HOH A H1   1 
HETATM 1231 H H2   . HOH B 2 .   ? -14.793 -4.163  -2.087  1.00 0.00  ? 1131 HOH A H2   1 
HETATM 1232 O O    . HOH B 2 .   ? -15.699 -8.461  0.884   1.00 49.87 ? 1132 HOH A O    1 
HETATM 1233 H H1   . HOH B 2 .   ? -14.836 -8.480  0.718   1.00 0.00  ? 1132 HOH A H1   1 
HETATM 1234 H H2   . HOH B 2 .   ? -16.044 -7.746  0.175   1.00 0.00  ? 1132 HOH A H2   1 
HETATM 1235 O O    . HOH B 2 .   ? -16.419 -6.650  7.775   1.00 44.94 ? 2001 HOH A O    1 
HETATM 1236 H H1   . HOH B 2 .   ? -17.129 -6.392  8.234   1.00 0.00  ? 2001 HOH A H1   1 
HETATM 1237 H H2   . HOH B 2 .   ? -15.822 -7.144  8.365   1.00 0.00  ? 2001 HOH A H2   1 
HETATM 1238 O O    . HOH B 2 .   ? -8.787  -7.485  14.481  1.00 46.44 ? 2004 HOH A O    1 
HETATM 1239 H H1   . HOH B 2 .   ? -9.172  -6.635  14.882  1.00 0.00  ? 2004 HOH A H1   1 
HETATM 1240 H H2   . HOH B 2 .   ? -8.703  -8.029  15.243  1.00 0.00  ? 2004 HOH A H2   1 
HETATM 1241 O O    . HOH B 2 .   ? 0.652   -12.135 14.766  1.00 44.18 ? 2005 HOH A O    1 
HETATM 1242 H H1   . HOH B 2 .   ? 0.880   -11.419 14.441  1.00 0.00  ? 2005 HOH A H1   1 
HETATM 1243 H H2   . HOH B 2 .   ? 0.278   -12.138 15.630  1.00 0.00  ? 2005 HOH A H2   1 
HETATM 1244 O O    . HOH B 2 .   ? -14.858 3.468   12.244  1.00 46.94 ? 2009 HOH A O    1 
HETATM 1245 H H1   . HOH B 2 .   ? -15.498 3.358   12.701  1.00 0.00  ? 2009 HOH A H1   1 
HETATM 1246 H H2   . HOH B 2 .   ? -14.318 2.630   12.092  1.00 0.00  ? 2009 HOH A H2   1 
HETATM 1247 O O    . HOH B 2 .   ? 12.122  -6.336  -11.145 1.00 49.49 ? 2014 HOH A O    1 
HETATM 1248 H H1   . HOH B 2 .   ? 12.500  -6.958  -11.622 1.00 0.00  ? 2014 HOH A H1   1 
HETATM 1249 H H2   . HOH B 2 .   ? 12.353  -6.562  -10.167 1.00 0.00  ? 2014 HOH A H2   1 
HETATM 1250 O O    . HOH B 2 .   ? 4.525   -9.567  -9.963  1.00 42.05 ? 2015 HOH A O    1 
HETATM 1251 H H1   . HOH B 2 .   ? 5.359   -9.094  -9.497  1.00 0.00  ? 2015 HOH A H1   1 
HETATM 1252 H H2   . HOH B 2 .   ? 4.427   -10.286 -9.460  1.00 0.00  ? 2015 HOH A H2   1 
# 
